data_7CJ9
#
_entry.id   7CJ9
#
_cell.length_a   80.430
_cell.length_b   92.770
_cell.length_c   93.780
_cell.angle_alpha   87.670
_cell.angle_beta   98.640
_cell.angle_gamma   115.600
#
_symmetry.space_group_name_H-M   'P 1'
#
loop_
_entity.id
_entity.type
_entity.pdbx_description
1 polymer Epimerase
2 non-polymer 'MANGANESE (II) ION'
3 non-polymer D-fructose
4 non-polymer '4-(2-HYDROXYETHYL)-1-PIPERAZINE ETHANESULFONIC ACID'
5 non-polymer 1,2-ETHANEDIOL
6 water water
#
_entity_poly.entity_id   1
_entity_poly.type   'polypeptide(L)'
_entity_poly.pdbx_seq_one_letter_code
;MGSSHHHHHHSSGLVPRGSHSMAFPKRLEIGGHALVWSGDWSAAGARKAIAGAARAGFDYIEIALLDPWQIDVALTKDLL
QEYNLRAHASLGLSAATDVTSTDPAIVAKGDELLRKATDVLYALGGSELCGVIYCALGKYPGPASRENRANSVAAMQRLA
DYAADKGINIDLEVVNRYETNIMNTGLEGLAFLDEVNRPNAFLHLDTYHMNIEENGMAKSVLAAGDRLGYVHIGESHRGY
LGTGNVDFASFFAALKQIDYRGPITFESFSSEIVDPKLSNTLCVWRNLWHDSDDLAGKALEFIKQRLTAIKTIELH
;
_entity_poly.pdbx_strand_id   A,B,C,D,E,F,G,H
#
# COMPACT_ATOMS: atom_id res chain seq x y z
N MET A 22 -6.43 -39.78 -14.27
CA MET A 22 -7.91 -39.95 -14.12
C MET A 22 -8.52 -38.68 -13.52
N ALA A 23 -9.83 -38.51 -13.68
CA ALA A 23 -10.59 -37.42 -13.00
C ALA A 23 -11.10 -37.94 -11.64
N PHE A 24 -11.40 -37.02 -10.73
CA PHE A 24 -11.95 -37.32 -9.38
C PHE A 24 -13.45 -37.07 -9.40
N PRO A 25 -14.20 -37.79 -8.55
CA PRO A 25 -15.67 -37.76 -8.59
C PRO A 25 -16.23 -36.33 -8.55
N LYS A 26 -17.28 -36.12 -9.34
CA LYS A 26 -18.09 -34.90 -9.31
C LYS A 26 -19.54 -35.31 -9.06
N ARG A 27 -20.31 -34.43 -8.45
CA ARG A 27 -21.76 -34.64 -8.24
C ARG A 27 -22.49 -33.32 -8.53
N LEU A 28 -23.76 -33.40 -8.93
CA LEU A 28 -24.65 -32.23 -9.01
C LEU A 28 -24.84 -31.70 -7.59
N GLU A 29 -24.35 -30.51 -7.30
CA GLU A 29 -24.51 -29.88 -5.96
C GLU A 29 -24.49 -28.38 -6.16
N ILE A 30 -25.23 -27.65 -5.32
CA ILE A 30 -25.43 -26.19 -5.44
C ILE A 30 -24.68 -25.50 -4.30
N GLY A 31 -23.90 -24.49 -4.64
CA GLY A 31 -23.08 -23.74 -3.66
C GLY A 31 -23.35 -22.26 -3.71
N GLY A 32 -22.90 -21.55 -2.68
CA GLY A 32 -22.87 -20.08 -2.62
C GLY A 32 -21.44 -19.59 -2.54
N HIS A 33 -21.11 -18.56 -3.31
CA HIS A 33 -19.81 -17.86 -3.28
C HIS A 33 -19.69 -17.03 -1.99
N ALA A 34 -18.53 -17.04 -1.37
CA ALA A 34 -18.29 -16.39 -0.07
C ALA A 34 -18.69 -14.90 -0.09
N LEU A 35 -18.53 -14.18 -1.21
CA LEU A 35 -18.75 -12.70 -1.30
C LEU A 35 -20.23 -12.36 -1.25
N VAL A 36 -21.09 -13.38 -1.25
CA VAL A 36 -22.52 -13.16 -0.93
C VAL A 36 -22.63 -12.71 0.52
N TRP A 37 -21.70 -13.12 1.39
CA TRP A 37 -21.82 -12.93 2.87
C TRP A 37 -20.64 -12.15 3.47
N SER A 38 -19.41 -12.40 3.01
CA SER A 38 -18.18 -11.91 3.70
CA SER A 38 -18.21 -11.85 3.69
C SER A 38 -17.13 -11.44 2.68
N GLY A 39 -16.48 -10.32 2.97
CA GLY A 39 -15.36 -9.77 2.19
C GLY A 39 -14.02 -10.24 2.71
N ASP A 40 -14.00 -11.03 3.78
CA ASP A 40 -12.74 -11.56 4.38
C ASP A 40 -12.97 -12.99 4.91
N TRP A 41 -11.90 -13.64 5.33
CA TRP A 41 -11.96 -15.02 5.89
C TRP A 41 -11.34 -15.02 7.31
N SER A 42 -11.65 -13.97 8.07
CA SER A 42 -11.44 -13.90 9.54
C SER A 42 -12.32 -14.97 10.21
N ALA A 43 -12.10 -15.25 11.50
CA ALA A 43 -12.97 -16.19 12.25
C ALA A 43 -14.43 -15.76 12.03
N ALA A 44 -14.75 -14.48 12.18
CA ALA A 44 -16.13 -13.94 12.07
C ALA A 44 -16.60 -14.03 10.61
N GLY A 45 -15.76 -13.64 9.66
CA GLY A 45 -16.08 -13.66 8.22
C GLY A 45 -16.36 -15.08 7.72
N ALA A 46 -15.48 -16.03 8.06
CA ALA A 46 -15.64 -17.45 7.70
C ALA A 46 -16.96 -17.98 8.28
N ARG A 47 -17.25 -17.68 9.54
CA ARG A 47 -18.49 -18.18 10.17
C ARG A 47 -19.70 -17.55 9.47
N LYS A 48 -19.65 -16.24 9.18
CA LYS A 48 -20.80 -15.56 8.54
C LYS A 48 -21.10 -16.21 7.20
N ALA A 49 -20.07 -16.50 6.39
CA ALA A 49 -20.24 -17.11 5.06
C ALA A 49 -20.72 -18.57 5.19
N ILE A 50 -20.10 -19.36 6.06
CA ILE A 50 -20.46 -20.80 6.18
C ILE A 50 -21.88 -20.91 6.77
N ALA A 51 -22.21 -20.10 7.80
CA ALA A 51 -23.54 -20.10 8.43
C ALA A 51 -24.58 -19.67 7.39
N GLY A 52 -24.24 -18.66 6.58
CA GLY A 52 -25.10 -18.10 5.52
C GLY A 52 -25.42 -19.13 4.46
N ALA A 53 -24.41 -19.82 3.95
CA ALA A 53 -24.59 -20.89 2.94
C ALA A 53 -25.45 -22.01 3.53
N ALA A 54 -25.15 -22.45 4.76
CA ALA A 54 -25.90 -23.53 5.46
C ALA A 54 -27.36 -23.12 5.67
N ARG A 55 -27.59 -21.90 6.17
CA ARG A 55 -28.95 -21.33 6.45
C ARG A 55 -29.78 -21.39 5.16
N ALA A 56 -29.21 -20.95 4.04
CA ALA A 56 -29.89 -20.87 2.73
C ALA A 56 -30.19 -22.28 2.21
N GLY A 57 -29.38 -23.27 2.60
CA GLY A 57 -29.59 -24.69 2.24
C GLY A 57 -28.71 -25.12 1.07
N PHE A 58 -27.61 -24.39 0.84
CA PHE A 58 -26.58 -24.79 -0.15
C PHE A 58 -25.89 -26.05 0.34
N ASP A 59 -25.33 -26.81 -0.62
CA ASP A 59 -24.55 -28.05 -0.35
C ASP A 59 -23.13 -27.68 0.05
N TYR A 60 -22.61 -26.57 -0.49
CA TYR A 60 -21.21 -26.14 -0.26
C TYR A 60 -21.10 -24.62 -0.26
N ILE A 61 -20.02 -24.15 0.36
CA ILE A 61 -19.52 -22.76 0.19
C ILE A 61 -18.35 -22.79 -0.78
N GLU A 62 -18.28 -21.79 -1.66
CA GLU A 62 -17.08 -21.58 -2.49
C GLU A 62 -16.22 -20.50 -1.83
N ILE A 63 -15.03 -20.89 -1.37
CA ILE A 63 -14.08 -19.96 -0.69
C ILE A 63 -13.21 -19.27 -1.75
N ALA A 64 -13.15 -17.94 -1.70
CA ALA A 64 -12.32 -17.09 -2.60
C ALA A 64 -10.90 -17.03 -2.06
N LEU A 65 -10.02 -17.91 -2.57
CA LEU A 65 -8.63 -18.17 -2.10
C LEU A 65 -7.62 -17.32 -2.85
N LEU A 66 -7.86 -16.01 -3.04
CA LEU A 66 -6.89 -15.13 -3.75
C LEU A 66 -5.58 -15.04 -2.96
N ASP A 67 -5.64 -15.16 -1.63
CA ASP A 67 -4.43 -15.25 -0.76
C ASP A 67 -4.54 -16.51 0.09
N PRO A 68 -4.10 -17.68 -0.43
CA PRO A 68 -4.33 -18.95 0.26
C PRO A 68 -3.56 -19.06 1.58
N TRP A 69 -2.57 -18.19 1.80
CA TRP A 69 -1.78 -18.14 3.06
C TRP A 69 -2.61 -17.48 4.17
N GLN A 70 -3.66 -16.73 3.83
CA GLN A 70 -4.41 -15.96 4.84
C GLN A 70 -5.36 -16.90 5.59
N ILE A 71 -5.72 -18.04 4.98
CA ILE A 71 -6.82 -18.90 5.51
C ILE A 71 -6.29 -19.85 6.58
N ASP A 72 -6.92 -19.80 7.75
CA ASP A 72 -6.68 -20.71 8.90
C ASP A 72 -7.45 -22.01 8.62
N VAL A 73 -6.75 -23.06 8.22
CA VAL A 73 -7.37 -24.36 7.79
C VAL A 73 -8.08 -25.03 8.96
N ALA A 74 -7.47 -25.08 10.14
CA ALA A 74 -8.04 -25.72 11.35
C ALA A 74 -9.38 -25.05 11.68
N LEU A 75 -9.39 -23.71 11.70
CA LEU A 75 -10.58 -22.89 12.01
C LEU A 75 -11.66 -23.20 10.97
N THR A 76 -11.29 -23.22 9.70
CA THR A 76 -12.23 -23.45 8.58
C THR A 76 -12.82 -24.85 8.67
N LYS A 77 -11.98 -25.89 8.85
CA LYS A 77 -12.46 -27.29 8.98
C LYS A 77 -13.49 -27.34 10.13
N ASP A 78 -13.18 -26.70 11.27
CA ASP A 78 -14.05 -26.69 12.47
C ASP A 78 -15.41 -26.11 12.08
N LEU A 79 -15.43 -24.99 11.37
CA LEU A 79 -16.69 -24.31 10.98
C LEU A 79 -17.48 -25.20 9.99
N LEU A 80 -16.81 -25.80 9.02
CA LEU A 80 -17.49 -26.66 8.01
C LEU A 80 -18.15 -27.85 8.74
N GLN A 81 -17.50 -28.41 9.76
CA GLN A 81 -18.06 -29.54 10.53
C GLN A 81 -19.23 -29.04 11.38
N GLU A 82 -19.07 -27.87 12.02
CA GLU A 82 -20.11 -27.27 12.90
C GLU A 82 -21.42 -27.12 12.09
N TYR A 83 -21.31 -26.70 10.84
CA TYR A 83 -22.48 -26.40 9.98
C TYR A 83 -22.73 -27.51 8.96
N ASN A 84 -22.01 -28.64 9.04
CA ASN A 84 -22.20 -29.80 8.13
C ASN A 84 -22.22 -29.31 6.68
N LEU A 85 -21.17 -28.60 6.28
CA LEU A 85 -21.09 -27.96 4.95
C LEU A 85 -19.81 -28.40 4.22
N ARG A 86 -19.92 -28.61 2.92
CA ARG A 86 -18.78 -28.93 2.02
C ARG A 86 -18.17 -27.60 1.56
N ALA A 87 -16.92 -27.63 1.09
CA ALA A 87 -16.23 -26.45 0.54
C ALA A 87 -15.53 -26.81 -0.77
N HIS A 88 -15.63 -25.91 -1.75
CA HIS A 88 -14.76 -25.84 -2.94
C HIS A 88 -14.05 -24.49 -2.90
N ALA A 89 -13.08 -24.26 -3.77
CA ALA A 89 -12.33 -23.00 -3.75
C ALA A 89 -12.20 -22.47 -5.18
N SER A 90 -12.26 -21.15 -5.32
CA SER A 90 -11.95 -20.43 -6.57
C SER A 90 -10.91 -19.36 -6.27
N LEU A 91 -10.18 -18.92 -7.28
CA LEU A 91 -9.30 -17.74 -7.15
C LEU A 91 -9.03 -17.14 -8.52
N GLY A 92 -8.49 -15.94 -8.50
CA GLY A 92 -7.79 -15.31 -9.64
C GLY A 92 -6.38 -15.00 -9.22
N LEU A 93 -5.42 -15.17 -10.13
CA LEU A 93 -4.05 -14.68 -9.93
C LEU A 93 -4.04 -13.16 -10.08
N SER A 94 -2.90 -12.55 -9.82
CA SER A 94 -2.65 -11.10 -9.93
C SER A 94 -1.41 -10.91 -10.82
N ALA A 95 -1.04 -9.66 -11.12
CA ALA A 95 0.16 -9.35 -11.94
C ALA A 95 1.38 -10.07 -11.34
N ALA A 96 1.50 -10.12 -10.01
CA ALA A 96 2.69 -10.68 -9.32
C ALA A 96 2.75 -12.20 -9.47
N THR A 97 1.65 -12.86 -9.82
CA THR A 97 1.54 -14.34 -9.84
C THR A 97 1.02 -14.83 -11.19
N ASP A 98 1.15 -14.00 -12.23
CA ASP A 98 0.53 -14.24 -13.55
C ASP A 98 1.29 -15.34 -14.30
N VAL A 99 0.71 -16.53 -14.42
CA VAL A 99 1.38 -17.70 -15.07
C VAL A 99 1.45 -17.50 -16.60
N THR A 100 0.85 -16.43 -17.15
CA THR A 100 1.01 -16.12 -18.61
C THR A 100 2.31 -15.33 -18.83
N SER A 101 2.92 -14.79 -17.77
CA SER A 101 4.02 -13.80 -17.84
C SER A 101 5.23 -14.33 -18.62
N THR A 102 5.89 -13.46 -19.37
CA THR A 102 7.19 -13.74 -20.02
C THR A 102 8.32 -13.56 -19.00
N ASP A 103 7.98 -13.18 -17.76
CA ASP A 103 8.95 -13.13 -16.62
C ASP A 103 8.87 -14.46 -15.87
N PRO A 104 9.91 -15.33 -15.94
CA PRO A 104 9.82 -16.65 -15.32
C PRO A 104 9.65 -16.62 -13.80
N ALA A 105 10.14 -15.57 -13.13
CA ALA A 105 10.01 -15.39 -11.67
C ALA A 105 8.52 -15.18 -11.33
N ILE A 106 7.81 -14.46 -12.19
CA ILE A 106 6.36 -14.20 -11.95
C ILE A 106 5.59 -15.51 -12.17
N VAL A 107 5.91 -16.28 -13.21
CA VAL A 107 5.25 -17.59 -13.45
C VAL A 107 5.49 -18.47 -12.21
N ALA A 108 6.70 -18.49 -11.68
CA ALA A 108 7.05 -19.35 -10.53
C ALA A 108 6.24 -18.94 -9.30
N LYS A 109 5.97 -17.63 -9.12
CA LYS A 109 5.15 -17.11 -7.99
C LYS A 109 3.72 -17.61 -8.18
N GLY A 110 3.24 -17.62 -9.43
CA GLY A 110 1.94 -18.21 -9.78
C GLY A 110 1.89 -19.69 -9.44
N ASP A 111 2.87 -20.47 -9.88
CA ASP A 111 2.92 -21.93 -9.57
C ASP A 111 2.84 -22.12 -8.04
N GLU A 112 3.59 -21.30 -7.30
CA GLU A 112 3.66 -21.36 -5.82
C GLU A 112 2.27 -21.10 -5.22
N LEU A 113 1.60 -20.02 -5.65
CA LEU A 113 0.27 -19.68 -5.10
C LEU A 113 -0.69 -20.82 -5.43
N LEU A 114 -0.66 -21.34 -6.65
CA LEU A 114 -1.59 -22.42 -7.07
C LEU A 114 -1.34 -23.68 -6.25
N ARG A 115 -0.09 -24.02 -5.95
CA ARG A 115 0.26 -25.19 -5.11
C ARG A 115 -0.30 -24.96 -3.70
N LYS A 116 -0.14 -23.75 -3.17
CA LYS A 116 -0.63 -23.41 -1.80
C LYS A 116 -2.16 -23.51 -1.76
N ALA A 117 -2.86 -22.98 -2.78
CA ALA A 117 -4.33 -23.09 -2.89
C ALA A 117 -4.73 -24.57 -2.89
N THR A 118 -4.04 -25.39 -3.69
CA THR A 118 -4.30 -26.85 -3.78
C THR A 118 -4.08 -27.49 -2.39
N ASP A 119 -3.01 -27.12 -1.69
CA ASP A 119 -2.69 -27.67 -0.34
C ASP A 119 -3.82 -27.33 0.64
N VAL A 120 -4.33 -26.10 0.59
CA VAL A 120 -5.42 -25.63 1.49
C VAL A 120 -6.67 -26.46 1.18
N LEU A 121 -7.00 -26.59 -0.09
CA LEU A 121 -8.19 -27.35 -0.53
C LEU A 121 -8.04 -28.80 -0.06
N TYR A 122 -6.84 -29.37 -0.17
CA TYR A 122 -6.53 -30.78 0.19
C TYR A 122 -6.74 -30.94 1.70
N ALA A 123 -6.21 -30.02 2.50
CA ALA A 123 -6.33 -30.03 3.98
C ALA A 123 -7.81 -29.93 4.39
N LEU A 124 -8.68 -29.28 3.59
CA LEU A 124 -10.12 -29.12 3.90
C LEU A 124 -10.91 -30.32 3.37
N GLY A 125 -10.25 -31.26 2.70
CA GLY A 125 -10.87 -32.47 2.12
C GLY A 125 -11.68 -32.15 0.87
N GLY A 126 -11.35 -31.04 0.19
CA GLY A 126 -12.06 -30.57 -1.02
C GLY A 126 -11.57 -31.29 -2.27
N SER A 127 -12.21 -31.06 -3.41
CA SER A 127 -11.94 -31.79 -4.67
C SER A 127 -11.95 -30.85 -5.88
N GLU A 128 -12.23 -29.56 -5.71
CA GLU A 128 -12.37 -28.64 -6.87
C GLU A 128 -11.65 -27.32 -6.62
N LEU A 129 -10.65 -27.02 -7.45
CA LEU A 129 -10.04 -25.68 -7.53
C LEU A 129 -10.44 -25.08 -8.88
N CYS A 130 -11.22 -24.00 -8.86
CA CYS A 130 -11.80 -23.41 -10.09
C CYS A 130 -11.52 -21.90 -10.14
N GLY A 131 -12.03 -21.24 -11.16
CA GLY A 131 -11.87 -19.79 -11.32
C GLY A 131 -10.77 -19.44 -12.30
N VAL A 132 -10.25 -18.22 -12.19
CA VAL A 132 -9.27 -17.66 -13.14
C VAL A 132 -7.87 -18.03 -12.64
N ILE A 133 -7.57 -19.33 -12.76
CA ILE A 133 -6.35 -19.94 -12.19
C ILE A 133 -5.23 -19.94 -13.25
N TYR A 134 -5.51 -19.48 -14.46
CA TYR A 134 -4.61 -19.66 -15.64
C TYR A 134 -4.01 -18.32 -16.07
N CYS A 135 -4.35 -17.23 -15.37
CA CYS A 135 -3.82 -15.88 -15.69
C CYS A 135 -4.10 -14.92 -14.53
N ALA A 136 -3.60 -13.69 -14.62
CA ALA A 136 -3.99 -12.57 -13.74
C ALA A 136 -5.43 -12.20 -14.05
N LEU A 137 -6.28 -12.13 -13.02
CA LEU A 137 -7.68 -11.66 -13.17
C LEU A 137 -7.67 -10.15 -13.34
N GLY A 138 -8.21 -9.68 -14.48
CA GLY A 138 -8.40 -8.25 -14.71
C GLY A 138 -7.99 -7.81 -16.09
N LYS A 139 -7.75 -6.51 -16.19
CA LYS A 139 -7.52 -5.77 -17.47
CA LYS A 139 -7.53 -5.79 -17.47
C LYS A 139 -6.11 -6.06 -17.98
N TYR A 140 -6.01 -6.60 -19.19
CA TYR A 140 -4.69 -6.74 -19.89
C TYR A 140 -4.52 -5.53 -20.80
N PRO A 141 -3.26 -5.07 -20.99
CA PRO A 141 -2.98 -3.88 -21.79
C PRO A 141 -3.07 -4.13 -23.30
N GLY A 142 -3.12 -5.40 -23.70
CA GLY A 142 -3.17 -5.80 -25.12
C GLY A 142 -3.49 -7.28 -25.27
N PRO A 143 -3.59 -7.78 -26.52
CA PRO A 143 -3.86 -9.20 -26.75
C PRO A 143 -2.73 -10.12 -26.28
N ALA A 144 -3.09 -11.34 -25.90
CA ALA A 144 -2.14 -12.40 -25.50
C ALA A 144 -1.27 -12.80 -26.70
N SER A 145 0.02 -13.00 -26.45
CA SER A 145 0.97 -13.57 -27.43
C SER A 145 0.87 -15.10 -27.41
N ARG A 146 1.45 -15.78 -28.39
CA ARG A 146 1.58 -17.26 -28.40
C ARG A 146 2.27 -17.70 -27.12
N GLU A 147 3.28 -16.93 -26.69
CA GLU A 147 4.10 -17.20 -25.50
C GLU A 147 3.22 -17.16 -24.25
N ASN A 148 2.47 -16.07 -24.07
CA ASN A 148 1.49 -15.93 -22.95
C ASN A 148 0.65 -17.21 -22.85
N ARG A 149 0.04 -17.64 -23.96
CA ARG A 149 -0.87 -18.81 -24.00
C ARG A 149 -0.09 -20.09 -23.66
N ALA A 150 1.06 -20.29 -24.30
CA ALA A 150 1.91 -21.49 -24.11
C ALA A 150 2.29 -21.58 -22.62
N ASN A 151 2.67 -20.44 -22.03
CA ASN A 151 3.07 -20.36 -20.60
C ASN A 151 1.89 -20.80 -19.73
N SER A 152 0.69 -20.31 -20.03
CA SER A 152 -0.56 -20.62 -19.29
C SER A 152 -0.85 -22.12 -19.40
N VAL A 153 -0.78 -22.69 -20.60
CA VAL A 153 -1.09 -24.14 -20.81
C VAL A 153 -0.10 -24.97 -19.98
N ALA A 154 1.18 -24.64 -20.02
CA ALA A 154 2.23 -25.42 -19.30
C ALA A 154 1.98 -25.31 -17.78
N ALA A 155 1.64 -24.11 -17.30
CA ALA A 155 1.30 -23.87 -15.88
C ALA A 155 0.10 -24.75 -15.45
N MET A 156 -0.89 -24.93 -16.32
CA MET A 156 -2.12 -25.67 -15.97
C MET A 156 -1.83 -27.18 -16.04
N GLN A 157 -0.86 -27.60 -16.86
CA GLN A 157 -0.38 -29.01 -16.87
C GLN A 157 0.30 -29.29 -15.53
N ARG A 158 1.20 -28.41 -15.10
CA ARG A 158 1.93 -28.55 -13.81
C ARG A 158 0.91 -28.55 -12.67
N LEU A 159 -0.04 -27.63 -12.69
CA LEU A 159 -1.04 -27.55 -11.61
C LEU A 159 -1.89 -28.82 -11.62
N ALA A 160 -2.40 -29.24 -12.78
CA ALA A 160 -3.28 -30.44 -12.89
C ALA A 160 -2.56 -31.66 -12.28
N ASP A 161 -1.27 -31.82 -12.59
CA ASP A 161 -0.46 -32.98 -12.14
C ASP A 161 -0.29 -32.90 -10.62
N TYR A 162 -0.03 -31.71 -10.09
CA TYR A 162 0.10 -31.48 -8.62
C TYR A 162 -1.23 -31.80 -7.93
N ALA A 163 -2.34 -31.31 -8.48
CA ALA A 163 -3.69 -31.52 -7.88
C ALA A 163 -4.09 -33.00 -7.96
N ALA A 164 -3.70 -33.71 -9.01
CA ALA A 164 -4.07 -35.12 -9.24
C ALA A 164 -3.60 -35.98 -8.06
N ASP A 165 -2.42 -35.70 -7.52
CA ASP A 165 -1.83 -36.44 -6.36
C ASP A 165 -2.66 -36.19 -5.09
N LYS A 166 -3.52 -35.18 -5.11
CA LYS A 166 -4.30 -34.76 -3.90
C LYS A 166 -5.79 -34.93 -4.17
N GLY A 167 -6.16 -35.68 -5.22
CA GLY A 167 -7.56 -36.01 -5.57
C GLY A 167 -8.37 -34.79 -5.96
N ILE A 168 -7.73 -33.79 -6.56
CA ILE A 168 -8.37 -32.48 -6.87
C ILE A 168 -8.50 -32.32 -8.40
N ASN A 169 -9.71 -31.98 -8.85
CA ASN A 169 -9.94 -31.51 -10.24
C ASN A 169 -9.68 -30.00 -10.30
N ILE A 170 -9.17 -29.51 -11.43
CA ILE A 170 -9.09 -28.04 -11.68
C ILE A 170 -10.06 -27.68 -12.80
N ASP A 171 -10.72 -26.54 -12.66
CA ASP A 171 -11.77 -26.09 -13.61
C ASP A 171 -11.42 -24.66 -14.04
N LEU A 172 -11.10 -24.49 -15.32
CA LEU A 172 -10.57 -23.22 -15.88
C LEU A 172 -11.76 -22.34 -16.25
N GLU A 173 -11.97 -21.26 -15.51
CA GLU A 173 -13.16 -20.41 -15.69
C GLU A 173 -12.94 -19.47 -16.88
N VAL A 174 -13.77 -19.61 -17.91
CA VAL A 174 -13.82 -18.64 -19.02
C VAL A 174 -14.46 -17.36 -18.47
N VAL A 175 -13.81 -16.21 -18.65
CA VAL A 175 -14.35 -14.92 -18.16
C VAL A 175 -14.28 -13.90 -19.30
N ASN A 176 -14.90 -12.75 -19.10
CA ASN A 176 -15.10 -11.78 -20.20
C ASN A 176 -13.77 -11.07 -20.51
N ARG A 177 -13.76 -10.35 -21.63
CA ARG A 177 -12.60 -9.64 -22.20
C ARG A 177 -11.92 -8.72 -21.17
N TYR A 178 -12.68 -8.11 -20.26
CA TYR A 178 -12.14 -7.13 -19.29
C TYR A 178 -11.42 -7.83 -18.13
N GLU A 179 -11.55 -9.15 -18.05
CA GLU A 179 -11.04 -9.95 -16.91
C GLU A 179 -9.96 -10.96 -17.39
N THR A 180 -9.83 -11.21 -18.69
CA THR A 180 -8.70 -11.99 -19.26
C THR A 180 -8.61 -11.75 -20.76
N ASN A 181 -7.41 -11.98 -21.31
CA ASN A 181 -7.17 -11.97 -22.77
C ASN A 181 -6.87 -13.40 -23.25
N ILE A 182 -6.93 -14.39 -22.39
CA ILE A 182 -6.55 -15.79 -22.76
C ILE A 182 -7.73 -16.57 -23.36
N MET A 183 -8.89 -16.58 -22.71
CA MET A 183 -10.08 -17.34 -23.19
C MET A 183 -11.35 -16.59 -22.75
N ASN A 184 -12.20 -16.23 -23.70
CA ASN A 184 -13.42 -15.42 -23.45
C ASN A 184 -14.69 -16.22 -23.82
N THR A 185 -14.56 -17.36 -24.50
CA THR A 185 -15.69 -18.26 -24.81
C THR A 185 -15.37 -19.71 -24.39
N GLY A 186 -16.42 -20.48 -24.13
CA GLY A 186 -16.33 -21.92 -23.85
C GLY A 186 -15.54 -22.61 -24.94
N LEU A 187 -15.79 -22.25 -26.19
CA LEU A 187 -15.13 -22.90 -27.36
C LEU A 187 -13.62 -22.65 -27.27
N GLU A 188 -13.20 -21.44 -26.92
CA GLU A 188 -11.77 -21.09 -26.73
C GLU A 188 -11.21 -21.89 -25.54
N GLY A 189 -11.98 -21.98 -24.46
CA GLY A 189 -11.61 -22.75 -23.26
C GLY A 189 -11.31 -24.19 -23.62
N LEU A 190 -12.18 -24.82 -24.41
CA LEU A 190 -12.06 -26.24 -24.79
C LEU A 190 -10.80 -26.41 -25.66
N ALA A 191 -10.50 -25.47 -26.55
CA ALA A 191 -9.29 -25.57 -27.40
C ALA A 191 -8.06 -25.51 -26.50
N PHE A 192 -8.08 -24.62 -25.51
CA PHE A 192 -7.00 -24.47 -24.50
C PHE A 192 -6.82 -25.79 -23.75
N LEU A 193 -7.92 -26.38 -23.28
CA LEU A 193 -7.91 -27.66 -22.53
C LEU A 193 -7.37 -28.79 -23.42
N ASP A 194 -7.61 -28.74 -24.74
CA ASP A 194 -7.03 -29.73 -25.69
C ASP A 194 -5.49 -29.69 -25.58
N GLU A 195 -4.92 -28.49 -25.47
CA GLU A 195 -3.45 -28.30 -25.42
C GLU A 195 -2.93 -28.72 -24.04
N VAL A 196 -3.69 -28.46 -22.99
CA VAL A 196 -3.35 -28.90 -21.60
C VAL A 196 -3.31 -30.43 -21.58
N ASN A 197 -4.37 -31.07 -22.07
CA ASN A 197 -4.49 -32.55 -22.20
C ASN A 197 -4.21 -33.21 -20.84
N ARG A 198 -5.03 -32.91 -19.85
CA ARG A 198 -4.96 -33.54 -18.49
C ARG A 198 -6.36 -34.04 -18.12
N PRO A 199 -6.47 -35.27 -17.58
CA PRO A 199 -7.76 -35.88 -17.31
C PRO A 199 -8.57 -35.15 -16.21
N ASN A 200 -7.88 -34.42 -15.32
CA ASN A 200 -8.52 -33.77 -14.14
C ASN A 200 -8.60 -32.26 -14.38
N ALA A 201 -8.44 -31.82 -15.63
CA ALA A 201 -8.60 -30.40 -16.04
C ALA A 201 -9.90 -30.28 -16.84
N PHE A 202 -10.76 -29.35 -16.42
CA PHE A 202 -12.14 -29.18 -16.93
C PHE A 202 -12.38 -27.73 -17.32
N LEU A 203 -13.42 -27.54 -18.12
CA LEU A 203 -13.96 -26.19 -18.43
C LEU A 203 -14.86 -25.75 -17.28
N HIS A 204 -14.84 -24.45 -17.00
CA HIS A 204 -15.71 -23.77 -15.99
C HIS A 204 -16.42 -22.64 -16.73
N LEU A 205 -17.74 -22.70 -16.79
CA LEU A 205 -18.57 -21.65 -17.42
C LEU A 205 -19.30 -20.84 -16.35
N ASP A 206 -19.50 -19.56 -16.63
CA ASP A 206 -20.13 -18.56 -15.72
C ASP A 206 -21.14 -17.77 -16.54
N THR A 207 -22.41 -17.85 -16.19
CA THR A 207 -23.49 -17.24 -17.00
C THR A 207 -23.26 -15.73 -17.15
N TYR A 208 -22.68 -15.06 -16.18
CA TYR A 208 -22.43 -13.59 -16.23
C TYR A 208 -21.47 -13.30 -17.38
N HIS A 209 -20.38 -14.06 -17.47
CA HIS A 209 -19.35 -13.88 -18.52
C HIS A 209 -19.91 -14.33 -19.88
N MET A 210 -20.69 -15.42 -19.90
CA MET A 210 -21.30 -15.96 -21.13
C MET A 210 -22.24 -14.89 -21.71
N ASN A 211 -22.92 -14.16 -20.83
CA ASN A 211 -23.95 -13.17 -21.22
C ASN A 211 -23.28 -12.12 -22.12
N ILE A 212 -22.03 -11.80 -21.85
CA ILE A 212 -21.23 -10.84 -22.67
C ILE A 212 -20.72 -11.52 -23.95
N GLU A 213 -20.07 -12.67 -23.85
CA GLU A 213 -19.14 -13.15 -24.90
C GLU A 213 -19.75 -14.24 -25.79
N GLU A 214 -20.78 -14.98 -25.33
CA GLU A 214 -21.22 -16.22 -26.02
C GLU A 214 -22.30 -15.91 -27.06
N ASN A 215 -22.31 -16.73 -28.12
CA ASN A 215 -23.39 -16.77 -29.14
C ASN A 215 -24.52 -17.61 -28.58
N GLY A 216 -25.33 -17.05 -27.68
CA GLY A 216 -26.39 -17.79 -26.99
C GLY A 216 -25.82 -18.61 -25.84
N MET A 217 -26.69 -19.18 -25.02
CA MET A 217 -26.28 -19.75 -23.71
C MET A 217 -26.17 -21.28 -23.77
N ALA A 218 -26.25 -21.89 -24.96
CA ALA A 218 -26.30 -23.38 -25.11
C ALA A 218 -25.06 -23.93 -25.83
N LYS A 219 -24.49 -23.17 -26.77
CA LYS A 219 -23.49 -23.68 -27.75
C LYS A 219 -22.27 -24.26 -27.00
N SER A 220 -21.70 -23.50 -26.07
CA SER A 220 -20.48 -23.88 -25.33
C SER A 220 -20.78 -25.06 -24.40
N VAL A 221 -21.96 -25.11 -23.79
CA VAL A 221 -22.33 -26.24 -22.88
C VAL A 221 -22.38 -27.52 -23.73
N LEU A 222 -23.09 -27.51 -24.84
CA LEU A 222 -23.27 -28.71 -25.69
C LEU A 222 -21.90 -29.16 -26.23
N ALA A 223 -21.03 -28.22 -26.61
CA ALA A 223 -19.69 -28.53 -27.15
C ALA A 223 -18.83 -29.16 -26.06
N ALA A 224 -18.99 -28.69 -24.83
CA ALA A 224 -18.15 -29.09 -23.68
C ALA A 224 -18.49 -30.53 -23.27
N GLY A 225 -19.78 -30.86 -23.16
CA GLY A 225 -20.23 -32.18 -22.67
C GLY A 225 -19.51 -32.54 -21.38
N ASP A 226 -18.88 -33.71 -21.33
CA ASP A 226 -18.31 -34.29 -20.10
C ASP A 226 -17.14 -33.41 -19.63
N ARG A 227 -16.66 -32.50 -20.47
CA ARG A 227 -15.49 -31.64 -20.13
C ARG A 227 -15.94 -30.39 -19.37
N LEU A 228 -17.25 -30.15 -19.26
CA LEU A 228 -17.77 -29.08 -18.38
C LEU A 228 -17.74 -29.62 -16.94
N GLY A 229 -16.91 -29.03 -16.10
CA GLY A 229 -16.59 -29.56 -14.76
C GLY A 229 -17.13 -28.69 -13.64
N TYR A 230 -17.59 -27.46 -13.95
CA TYR A 230 -17.95 -26.47 -12.90
C TYR A 230 -18.76 -25.35 -13.55
N VAL A 231 -19.76 -24.85 -12.82
CA VAL A 231 -20.69 -23.80 -13.33
C VAL A 231 -20.83 -22.70 -12.27
N HIS A 232 -20.73 -21.44 -12.69
CA HIS A 232 -21.17 -20.25 -11.91
C HIS A 232 -22.48 -19.71 -12.49
N ILE A 233 -23.45 -19.47 -11.61
CA ILE A 233 -24.74 -18.80 -11.91
C ILE A 233 -24.64 -17.36 -11.41
N GLY A 234 -24.57 -16.44 -12.36
CA GLY A 234 -24.60 -15.00 -12.10
C GLY A 234 -25.55 -14.31 -13.07
N GLU A 235 -26.38 -13.42 -12.55
CA GLU A 235 -27.19 -12.54 -13.41
C GLU A 235 -26.27 -11.61 -14.21
N SER A 236 -26.82 -11.00 -15.26
CA SER A 236 -26.10 -10.10 -16.19
C SER A 236 -25.38 -8.99 -15.41
N HIS A 237 -25.99 -8.45 -14.35
CA HIS A 237 -25.43 -7.34 -13.54
C HIS A 237 -24.79 -7.89 -12.26
N ARG A 238 -24.81 -9.20 -12.09
CA ARG A 238 -24.25 -9.97 -10.95
C ARG A 238 -25.11 -9.76 -9.69
N GLY A 239 -26.38 -9.36 -9.85
CA GLY A 239 -27.29 -9.11 -8.72
C GLY A 239 -28.27 -10.26 -8.52
N TYR A 240 -29.51 -9.94 -8.13
CA TYR A 240 -30.57 -10.94 -7.92
C TYR A 240 -30.80 -11.71 -9.23
N LEU A 241 -30.87 -13.04 -9.16
CA LEU A 241 -31.18 -13.90 -10.33
C LEU A 241 -32.60 -13.57 -10.83
N GLY A 242 -32.74 -13.37 -12.13
CA GLY A 242 -34.03 -13.20 -12.81
C GLY A 242 -34.43 -11.74 -12.95
N THR A 243 -33.57 -10.82 -12.54
CA THR A 243 -33.83 -9.36 -12.57
C THR A 243 -32.97 -8.68 -13.64
N GLY A 244 -32.32 -9.48 -14.48
CA GLY A 244 -31.43 -8.96 -15.53
C GLY A 244 -31.71 -9.60 -16.87
N ASN A 245 -30.66 -9.89 -17.65
CA ASN A 245 -30.79 -10.20 -19.09
C ASN A 245 -30.42 -11.64 -19.40
N VAL A 246 -29.89 -12.42 -18.45
CA VAL A 246 -29.39 -13.78 -18.78
C VAL A 246 -30.56 -14.69 -19.14
N ASP A 247 -30.44 -15.42 -20.25
CA ASP A 247 -31.36 -16.50 -20.65
C ASP A 247 -31.01 -17.77 -19.86
N PHE A 248 -31.48 -17.89 -18.62
CA PHE A 248 -31.19 -19.06 -17.75
C PHE A 248 -31.93 -20.29 -18.30
N ALA A 249 -33.11 -20.11 -18.89
CA ALA A 249 -33.91 -21.23 -19.43
C ALA A 249 -33.06 -22.00 -20.44
N SER A 250 -32.49 -21.30 -21.40
CA SER A 250 -31.66 -21.93 -22.47
C SER A 250 -30.42 -22.58 -21.82
N PHE A 251 -29.81 -21.91 -20.86
CA PHE A 251 -28.58 -22.43 -20.19
C PHE A 251 -28.89 -23.75 -19.48
N PHE A 252 -29.91 -23.79 -18.63
CA PHE A 252 -30.26 -24.99 -17.82
C PHE A 252 -30.78 -26.11 -18.73
N ALA A 253 -31.45 -25.78 -19.84
CA ALA A 253 -31.87 -26.80 -20.82
C ALA A 253 -30.63 -27.49 -21.39
N ALA A 254 -29.58 -26.72 -21.69
CA ALA A 254 -28.32 -27.24 -22.25
C ALA A 254 -27.63 -28.14 -21.20
N LEU A 255 -27.63 -27.72 -19.92
CA LEU A 255 -27.06 -28.57 -18.84
C LEU A 255 -27.81 -29.91 -18.79
N LYS A 256 -29.14 -29.89 -18.91
CA LYS A 256 -29.96 -31.13 -18.90
C LYS A 256 -29.60 -32.00 -20.11
N GLN A 257 -29.39 -31.38 -21.28
CA GLN A 257 -29.06 -32.12 -22.53
C GLN A 257 -27.75 -32.92 -22.33
N ILE A 258 -26.78 -32.35 -21.63
CA ILE A 258 -25.45 -33.03 -21.43
C ILE A 258 -25.45 -33.80 -20.10
N ASP A 259 -26.59 -33.87 -19.42
CA ASP A 259 -26.73 -34.56 -18.11
C ASP A 259 -25.62 -34.06 -17.18
N TYR A 260 -25.51 -32.75 -17.02
CA TYR A 260 -24.45 -32.12 -16.20
C TYR A 260 -24.58 -32.58 -14.74
N ARG A 261 -23.49 -33.10 -14.17
CA ARG A 261 -23.45 -33.59 -12.77
C ARG A 261 -22.20 -33.04 -12.11
N GLY A 262 -22.24 -31.76 -11.79
CA GLY A 262 -21.11 -31.04 -11.19
C GLY A 262 -21.58 -29.86 -10.36
N PRO A 263 -20.63 -29.18 -9.69
CA PRO A 263 -20.94 -27.99 -8.91
C PRO A 263 -21.62 -26.88 -9.72
N ILE A 264 -22.57 -26.21 -9.07
CA ILE A 264 -23.24 -24.98 -9.57
C ILE A 264 -23.21 -23.98 -8.42
N THR A 265 -22.35 -22.96 -8.52
CA THR A 265 -22.23 -21.92 -7.48
C THR A 265 -23.04 -20.68 -7.88
N PHE A 266 -23.93 -20.22 -7.00
CA PHE A 266 -24.51 -18.86 -7.08
C PHE A 266 -23.41 -17.86 -6.74
N GLU A 267 -23.18 -16.91 -7.64
CA GLU A 267 -22.13 -15.88 -7.51
C GLU A 267 -22.76 -14.51 -7.73
N SER A 268 -22.51 -13.57 -6.81
CA SER A 268 -23.15 -12.24 -6.84
C SER A 268 -22.25 -11.25 -6.10
N PHE A 269 -22.16 -10.03 -6.62
CA PHE A 269 -21.30 -8.98 -6.05
C PHE A 269 -22.14 -7.71 -5.89
N SER A 270 -22.11 -7.16 -4.67
CA SER A 270 -22.67 -5.85 -4.31
C SER A 270 -21.61 -5.05 -3.54
N SER A 271 -21.61 -3.72 -3.71
CA SER A 271 -20.76 -2.78 -2.93
C SER A 271 -21.09 -2.90 -1.44
N GLU A 272 -22.19 -3.58 -1.12
CA GLU A 272 -22.62 -3.90 0.27
C GLU A 272 -21.52 -4.71 0.98
N ILE A 273 -20.91 -5.67 0.26
CA ILE A 273 -19.87 -6.60 0.81
C ILE A 273 -18.65 -6.53 -0.11
N VAL A 274 -17.55 -6.01 0.42
CA VAL A 274 -16.34 -5.67 -0.37
C VAL A 274 -15.16 -6.50 0.11
N ASP A 275 -14.49 -7.18 -0.81
CA ASP A 275 -13.10 -7.69 -0.64
C ASP A 275 -12.17 -6.75 -1.38
N PRO A 276 -11.31 -5.98 -0.68
CA PRO A 276 -10.50 -4.97 -1.35
C PRO A 276 -9.62 -5.50 -2.49
N LYS A 277 -9.32 -6.81 -2.50
CA LYS A 277 -8.44 -7.45 -3.53
C LYS A 277 -9.23 -8.15 -4.63
N LEU A 278 -10.56 -8.13 -4.58
CA LEU A 278 -11.42 -8.71 -5.66
C LEU A 278 -12.42 -7.65 -6.17
N SER A 279 -13.08 -6.92 -5.27
CA SER A 279 -14.24 -6.05 -5.58
C SER A 279 -13.85 -4.92 -6.54
N ASN A 280 -12.66 -4.33 -6.39
CA ASN A 280 -12.18 -3.24 -7.28
C ASN A 280 -11.75 -3.83 -8.65
N THR A 281 -11.12 -5.00 -8.67
CA THR A 281 -10.79 -5.70 -9.94
C THR A 281 -12.09 -5.95 -10.73
N LEU A 282 -13.16 -6.34 -10.04
CA LEU A 282 -14.45 -6.70 -10.68
C LEU A 282 -15.30 -5.44 -10.90
N CYS A 283 -14.80 -4.26 -10.52
CA CYS A 283 -15.46 -2.97 -10.81
C CYS A 283 -16.88 -2.98 -10.24
N VAL A 284 -17.03 -3.47 -9.00
CA VAL A 284 -18.35 -3.54 -8.33
C VAL A 284 -18.65 -2.18 -7.70
N TRP A 285 -19.09 -1.22 -8.51
CA TRP A 285 -19.31 0.19 -8.10
C TRP A 285 -20.71 0.37 -7.50
N ARG A 286 -21.61 -0.56 -7.76
CA ARG A 286 -23.05 -0.41 -7.42
C ARG A 286 -23.48 -1.38 -6.34
N ASN A 287 -24.48 -0.97 -5.56
CA ASN A 287 -25.21 -1.82 -4.60
C ASN A 287 -26.38 -2.48 -5.34
N LEU A 288 -26.28 -3.80 -5.56
CA LEU A 288 -27.29 -4.62 -6.29
C LEU A 288 -28.15 -5.37 -5.28
N TRP A 289 -27.79 -5.31 -4.00
CA TRP A 289 -28.48 -6.01 -2.89
C TRP A 289 -27.84 -5.60 -1.56
N HIS A 290 -28.56 -5.77 -0.46
CA HIS A 290 -28.00 -5.49 0.90
C HIS A 290 -28.30 -6.66 1.84
N ASP A 291 -29.29 -7.50 1.53
CA ASP A 291 -29.75 -8.62 2.40
C ASP A 291 -29.19 -9.94 1.87
N SER A 292 -28.01 -10.35 2.35
CA SER A 292 -27.28 -11.56 1.88
C SER A 292 -28.19 -12.79 1.93
N ASP A 293 -28.95 -12.94 3.01
CA ASP A 293 -29.81 -14.13 3.26
C ASP A 293 -30.97 -14.14 2.25
N ASP A 294 -31.57 -12.99 1.99
CA ASP A 294 -32.71 -12.86 1.03
C ASP A 294 -32.22 -13.22 -0.37
N LEU A 295 -31.11 -12.63 -0.78
CA LEU A 295 -30.47 -12.86 -2.10
C LEU A 295 -30.13 -14.35 -2.28
N ALA A 296 -29.41 -14.94 -1.32
CA ALA A 296 -28.94 -16.34 -1.36
C ALA A 296 -30.13 -17.30 -1.40
N GLY A 297 -31.16 -17.05 -0.57
CA GLY A 297 -32.34 -17.93 -0.45
C GLY A 297 -33.12 -17.96 -1.75
N LYS A 298 -33.30 -16.79 -2.36
CA LYS A 298 -34.03 -16.65 -3.64
C LYS A 298 -33.17 -17.25 -4.77
N ALA A 299 -31.84 -17.09 -4.68
CA ALA A 299 -30.92 -17.65 -5.69
C ALA A 299 -31.04 -19.18 -5.69
N LEU A 300 -31.00 -19.82 -4.51
CA LEU A 300 -31.04 -21.31 -4.43
C LEU A 300 -32.39 -21.78 -4.97
N GLU A 301 -33.49 -21.15 -4.58
CA GLU A 301 -34.85 -21.54 -5.04
C GLU A 301 -34.88 -21.42 -6.56
N PHE A 302 -34.32 -20.32 -7.08
CA PHE A 302 -34.30 -19.99 -8.53
C PHE A 302 -33.58 -21.12 -9.27
N ILE A 303 -32.40 -21.50 -8.78
CA ILE A 303 -31.57 -22.56 -9.42
C ILE A 303 -32.29 -23.92 -9.35
N LYS A 304 -32.85 -24.29 -8.18
CA LYS A 304 -33.51 -25.60 -8.00
C LYS A 304 -34.69 -25.71 -8.98
N GLN A 305 -35.42 -24.61 -9.18
CA GLN A 305 -36.61 -24.55 -10.06
C GLN A 305 -36.18 -24.82 -11.50
N ARG A 306 -34.97 -24.39 -11.88
CA ARG A 306 -34.49 -24.54 -13.27
C ARG A 306 -33.86 -25.91 -13.47
N LEU A 307 -33.50 -26.60 -12.39
CA LEU A 307 -33.05 -28.01 -12.42
C LEU A 307 -34.27 -28.94 -12.41
N MET B 22 -32.02 26.26 -24.59
CA MET B 22 -32.82 25.42 -25.54
C MET B 22 -32.01 24.19 -25.98
N ALA B 23 -32.71 23.12 -26.35
CA ALA B 23 -32.13 21.94 -27.05
C ALA B 23 -32.09 22.23 -28.54
N PHE B 24 -31.25 21.54 -29.30
CA PHE B 24 -31.12 21.70 -30.77
C PHE B 24 -31.80 20.52 -31.43
N PRO B 25 -32.34 20.72 -32.66
CA PRO B 25 -33.16 19.72 -33.32
C PRO B 25 -32.48 18.35 -33.44
N LYS B 26 -33.26 17.30 -33.18
CA LYS B 26 -32.86 15.89 -33.38
C LYS B 26 -33.85 15.27 -34.37
N ARG B 27 -33.40 14.28 -35.13
CA ARG B 27 -34.28 13.52 -36.04
C ARG B 27 -33.98 12.04 -35.89
N LEU B 28 -34.96 11.19 -36.20
CA LEU B 28 -34.73 9.72 -36.27
C LEU B 28 -33.84 9.47 -37.48
N GLU B 29 -32.60 9.05 -37.25
CA GLU B 29 -31.59 8.79 -38.31
C GLU B 29 -30.69 7.66 -37.86
N ILE B 30 -30.21 6.87 -38.82
CA ILE B 30 -29.36 5.68 -38.53
C ILE B 30 -27.96 5.95 -39.07
N GLY B 31 -26.97 5.65 -38.24
CA GLY B 31 -25.56 5.92 -38.57
C GLY B 31 -24.68 4.71 -38.32
N GLY B 32 -23.47 4.76 -38.88
CA GLY B 32 -22.41 3.77 -38.70
C GLY B 32 -21.24 4.41 -38.01
N HIS B 33 -20.71 3.76 -36.98
CA HIS B 33 -19.50 4.20 -36.27
C HIS B 33 -18.29 4.00 -37.18
N ALA B 34 -17.40 5.00 -37.21
CA ALA B 34 -16.20 5.03 -38.09
C ALA B 34 -15.38 3.74 -37.95
N LEU B 35 -15.30 3.14 -36.75
CA LEU B 35 -14.37 2.02 -36.45
C LEU B 35 -14.85 0.74 -37.15
N VAL B 36 -16.03 0.78 -37.75
CA VAL B 36 -16.54 -0.34 -38.60
C VAL B 36 -15.64 -0.43 -39.83
N TRP B 37 -15.08 0.69 -40.30
CA TRP B 37 -14.33 0.81 -41.58
C TRP B 37 -12.86 1.16 -41.33
N SER B 38 -12.59 2.07 -40.40
CA SER B 38 -11.27 2.74 -40.33
C SER B 38 -10.84 2.94 -38.88
N GLY B 39 -9.57 2.66 -38.58
CA GLY B 39 -8.97 2.82 -37.24
C GLY B 39 -8.31 4.19 -37.07
N ASP B 40 -8.17 4.95 -38.15
CA ASP B 40 -7.62 6.33 -38.10
C ASP B 40 -8.46 7.24 -38.99
N TRP B 41 -8.09 8.51 -39.08
CA TRP B 41 -8.78 9.53 -39.92
C TRP B 41 -7.76 10.23 -40.81
N SER B 42 -6.88 9.45 -41.43
CA SER B 42 -6.06 9.85 -42.61
C SER B 42 -7.03 10.17 -43.75
N ALA B 43 -6.56 10.82 -44.81
CA ALA B 43 -7.34 11.08 -46.04
C ALA B 43 -8.04 9.79 -46.48
N ALA B 44 -7.27 8.72 -46.67
CA ALA B 44 -7.75 7.40 -47.14
C ALA B 44 -8.71 6.80 -46.11
N GLY B 45 -8.39 6.93 -44.83
CA GLY B 45 -9.21 6.39 -43.73
C GLY B 45 -10.57 7.05 -43.67
N ALA B 46 -10.59 8.38 -43.73
CA ALA B 46 -11.83 9.21 -43.72
C ALA B 46 -12.70 8.81 -44.91
N ARG B 47 -12.10 8.68 -46.10
CA ARG B 47 -12.85 8.33 -47.33
C ARG B 47 -13.43 6.92 -47.20
N LYS B 48 -12.63 5.97 -46.69
CA LYS B 48 -13.07 4.56 -46.57
C LYS B 48 -14.31 4.50 -45.67
N ALA B 49 -14.29 5.18 -44.53
CA ALA B 49 -15.40 5.18 -43.54
C ALA B 49 -16.62 5.88 -44.14
N ILE B 50 -16.44 7.07 -44.71
CA ILE B 50 -17.58 7.89 -45.24
C ILE B 50 -18.17 7.20 -46.48
N ALA B 51 -17.32 6.71 -47.39
CA ALA B 51 -17.77 5.93 -48.56
C ALA B 51 -18.51 4.68 -48.08
N GLY B 52 -17.98 4.03 -47.03
CA GLY B 52 -18.57 2.81 -46.47
C GLY B 52 -19.96 3.06 -45.92
N ALA B 53 -20.09 4.09 -45.08
CA ALA B 53 -21.36 4.45 -44.43
C ALA B 53 -22.37 4.79 -45.54
N ALA B 54 -21.90 5.50 -46.57
CA ALA B 54 -22.74 5.94 -47.70
C ALA B 54 -23.19 4.72 -48.51
N ARG B 55 -22.27 3.78 -48.76
CA ARG B 55 -22.56 2.59 -49.60
C ARG B 55 -23.59 1.70 -48.91
N ALA B 56 -23.51 1.55 -47.58
CA ALA B 56 -24.44 0.73 -46.77
C ALA B 56 -25.83 1.38 -46.73
N GLY B 57 -25.89 2.70 -46.88
CA GLY B 57 -27.16 3.46 -46.89
C GLY B 57 -27.45 4.14 -45.55
N PHE B 58 -26.42 4.40 -44.73
CA PHE B 58 -26.59 5.12 -43.44
C PHE B 58 -26.91 6.59 -43.72
N ASP B 59 -27.57 7.26 -42.78
CA ASP B 59 -27.89 8.70 -42.83
C ASP B 59 -26.65 9.50 -42.41
N TYR B 60 -25.83 8.94 -41.52
CA TYR B 60 -24.66 9.68 -40.99
C TYR B 60 -23.55 8.70 -40.63
N ILE B 61 -22.34 9.25 -40.56
CA ILE B 61 -21.14 8.59 -39.98
C ILE B 61 -20.95 9.18 -38.58
N GLU B 62 -20.59 8.36 -37.60
CA GLU B 62 -20.18 8.86 -36.27
C GLU B 62 -18.64 8.85 -36.24
N ILE B 63 -18.03 10.02 -36.19
CA ILE B 63 -16.56 10.18 -36.19
C ILE B 63 -16.05 10.05 -34.75
N ALA B 64 -15.10 9.15 -34.51
CA ALA B 64 -14.41 9.00 -33.19
C ALA B 64 -13.37 10.12 -33.06
N LEU B 65 -13.60 11.07 -32.16
CA LEU B 65 -12.76 12.29 -31.98
C LEU B 65 -11.92 12.15 -30.70
N LEU B 66 -11.32 10.98 -30.42
CA LEU B 66 -10.49 10.81 -29.21
C LEU B 66 -9.30 11.78 -29.28
N ASP B 67 -8.88 12.14 -30.50
CA ASP B 67 -7.83 13.17 -30.73
C ASP B 67 -8.34 14.15 -31.77
N PRO B 68 -9.09 15.19 -31.34
CA PRO B 68 -9.76 16.08 -32.30
C PRO B 68 -8.81 16.97 -33.10
N TRP B 69 -7.55 17.04 -32.70
CA TRP B 69 -6.51 17.82 -33.41
C TRP B 69 -6.01 17.06 -34.65
N GLN B 70 -6.32 15.77 -34.74
CA GLN B 70 -5.90 14.92 -35.90
C GLN B 70 -6.72 15.28 -37.14
N ILE B 71 -8.01 15.63 -36.96
CA ILE B 71 -9.00 15.77 -38.06
C ILE B 71 -8.60 16.92 -38.99
N ASP B 72 -8.44 16.63 -40.28
CA ASP B 72 -8.43 17.64 -41.38
C ASP B 72 -9.90 17.98 -41.66
N VAL B 73 -10.38 19.07 -41.07
CA VAL B 73 -11.81 19.47 -41.06
C VAL B 73 -12.26 19.75 -42.50
N ALA B 74 -11.47 20.52 -43.25
CA ALA B 74 -11.79 20.91 -44.64
C ALA B 74 -11.90 19.65 -45.52
N LEU B 75 -10.94 18.72 -45.41
CA LEU B 75 -10.97 17.45 -46.17
C LEU B 75 -12.26 16.70 -45.83
N THR B 76 -12.61 16.63 -44.55
CA THR B 76 -13.76 15.83 -44.04
C THR B 76 -15.05 16.46 -44.55
N LYS B 77 -15.13 17.79 -44.50
CA LYS B 77 -16.33 18.52 -44.97
C LYS B 77 -16.54 18.22 -46.46
N ASP B 78 -15.45 18.21 -47.24
CA ASP B 78 -15.47 17.92 -48.69
C ASP B 78 -16.00 16.49 -48.91
N LEU B 79 -15.55 15.52 -48.11
CA LEU B 79 -15.96 14.10 -48.24
C LEU B 79 -17.44 13.95 -47.88
N LEU B 80 -17.90 14.57 -46.79
CA LEU B 80 -19.32 14.47 -46.36
C LEU B 80 -20.21 15.03 -47.47
N GLN B 81 -19.77 16.12 -48.12
CA GLN B 81 -20.52 16.79 -49.21
C GLN B 81 -20.56 15.87 -50.45
N GLU B 82 -19.40 15.30 -50.80
CA GLU B 82 -19.24 14.38 -51.97
C GLU B 82 -20.25 13.23 -51.84
N TYR B 83 -20.42 12.68 -50.63
CA TYR B 83 -21.19 11.43 -50.38
C TYR B 83 -22.56 11.77 -49.80
N ASN B 84 -22.86 13.07 -49.67
CA ASN B 84 -24.19 13.55 -49.20
C ASN B 84 -24.52 12.86 -47.87
N LEU B 85 -23.57 12.92 -46.93
CA LEU B 85 -23.64 12.21 -45.63
C LEU B 85 -23.52 13.22 -44.49
N ARG B 86 -24.31 13.04 -43.44
CA ARG B 86 -24.21 13.84 -42.20
C ARG B 86 -23.16 13.19 -41.28
N ALA B 87 -22.63 13.96 -40.34
CA ALA B 87 -21.66 13.49 -39.33
C ALA B 87 -22.09 13.91 -37.92
N HIS B 88 -22.04 12.96 -36.99
CA HIS B 88 -21.99 13.24 -35.53
C HIS B 88 -20.62 12.78 -35.02
N ALA B 89 -20.32 13.04 -33.76
CA ALA B 89 -19.00 12.66 -33.18
C ALA B 89 -19.21 12.05 -31.79
N SER B 90 -18.39 11.06 -31.46
CA SER B 90 -18.28 10.47 -30.12
C SER B 90 -16.81 10.48 -29.72
N LEU B 91 -16.55 10.42 -28.42
CA LEU B 91 -15.16 10.25 -27.93
C LEU B 91 -15.20 9.71 -26.50
N GLY B 92 -14.06 9.22 -26.04
CA GLY B 92 -13.79 9.02 -24.62
C GLY B 92 -12.59 9.85 -24.23
N LEU B 93 -12.57 10.37 -23.00
CA LEU B 93 -11.37 11.04 -22.47
C LEU B 93 -10.38 9.95 -22.04
N SER B 94 -9.19 10.36 -21.63
CA SER B 94 -8.12 9.45 -21.16
C SER B 94 -7.64 9.97 -19.80
N ALA B 95 -6.70 9.28 -19.16
CA ALA B 95 -6.18 9.70 -17.84
C ALA B 95 -5.71 11.17 -17.90
N ALA B 96 -5.05 11.59 -18.99
CA ALA B 96 -4.45 12.94 -19.13
C ALA B 96 -5.54 14.03 -19.28
N THR B 97 -6.77 13.63 -19.55
CA THR B 97 -7.85 14.60 -19.87
C THR B 97 -9.11 14.30 -19.06
N ASP B 98 -8.95 13.58 -17.95
CA ASP B 98 -10.09 13.04 -17.13
C ASP B 98 -10.74 14.19 -16.36
N VAL B 99 -11.95 14.59 -16.73
CA VAL B 99 -12.64 15.75 -16.08
C VAL B 99 -13.17 15.33 -14.70
N THR B 100 -13.01 14.06 -14.30
CA THR B 100 -13.36 13.62 -12.92
C THR B 100 -12.17 13.87 -11.97
N SER B 101 -11.00 14.16 -12.51
CA SER B 101 -9.73 14.27 -11.74
C SER B 101 -9.82 15.30 -10.59
N THR B 102 -9.17 15.00 -9.48
CA THR B 102 -8.94 15.96 -8.35
C THR B 102 -7.75 16.86 -8.69
N ASP B 103 -7.08 16.62 -9.82
CA ASP B 103 -6.01 17.50 -10.35
C ASP B 103 -6.63 18.50 -11.30
N PRO B 104 -6.75 19.80 -10.93
CA PRO B 104 -7.43 20.77 -11.77
C PRO B 104 -6.77 20.92 -13.15
N ALA B 105 -5.46 20.70 -13.24
CA ALA B 105 -4.69 20.77 -14.51
C ALA B 105 -5.20 19.71 -15.49
N ILE B 106 -5.48 18.49 -15.02
CA ILE B 106 -6.00 17.38 -15.85
C ILE B 106 -7.43 17.75 -16.28
N VAL B 107 -8.23 18.28 -15.37
CA VAL B 107 -9.62 18.70 -15.72
C VAL B 107 -9.51 19.75 -16.84
N ALA B 108 -8.58 20.70 -16.73
CA ALA B 108 -8.42 21.79 -17.72
C ALA B 108 -8.05 21.20 -19.09
N LYS B 109 -7.23 20.15 -19.13
CA LYS B 109 -6.85 19.48 -20.39
C LYS B 109 -8.11 18.82 -21.00
N GLY B 110 -8.93 18.21 -20.16
CA GLY B 110 -10.24 17.64 -20.57
C GLY B 110 -11.13 18.71 -21.18
N ASP B 111 -11.33 19.82 -20.48
CA ASP B 111 -12.15 20.95 -20.98
C ASP B 111 -11.66 21.33 -22.38
N GLU B 112 -10.34 21.45 -22.55
CA GLU B 112 -9.69 21.91 -23.80
C GLU B 112 -9.99 20.91 -24.92
N LEU B 113 -9.84 19.61 -24.68
CA LEU B 113 -10.12 18.56 -25.69
C LEU B 113 -11.61 18.62 -26.08
N LEU B 114 -12.49 18.73 -25.09
CA LEU B 114 -13.95 18.74 -25.33
C LEU B 114 -14.32 19.97 -26.18
N ARG B 115 -13.68 21.12 -25.91
CA ARG B 115 -13.89 22.35 -26.71
C ARG B 115 -13.42 22.11 -28.15
N LYS B 116 -12.27 21.48 -28.33
CA LYS B 116 -11.71 21.22 -29.68
C LYS B 116 -12.63 20.27 -30.45
N ALA B 117 -13.15 19.22 -29.78
CA ALA B 117 -14.09 18.25 -30.38
C ALA B 117 -15.34 19.00 -30.82
N THR B 118 -15.84 19.90 -29.96
CA THR B 118 -17.04 20.74 -30.27
C THR B 118 -16.73 21.61 -31.49
N ASP B 119 -15.54 22.23 -31.54
CA ASP B 119 -15.13 23.12 -32.67
C ASP B 119 -15.14 22.31 -33.97
N VAL B 120 -14.62 21.08 -33.94
CA VAL B 120 -14.56 20.22 -35.15
C VAL B 120 -15.98 19.91 -35.63
N LEU B 121 -16.85 19.49 -34.71
CA LEU B 121 -18.24 19.10 -35.02
C LEU B 121 -18.98 20.31 -35.62
N TYR B 122 -18.77 21.49 -35.03
CA TYR B 122 -19.39 22.77 -35.45
C TYR B 122 -18.98 23.09 -36.89
N ALA B 123 -17.69 23.00 -37.18
CA ALA B 123 -17.12 23.28 -38.52
C ALA B 123 -17.71 22.31 -39.55
N LEU B 124 -18.08 21.09 -39.14
CA LEU B 124 -18.60 20.04 -40.06
C LEU B 124 -20.12 20.14 -40.16
N GLY B 125 -20.70 21.12 -39.46
CA GLY B 125 -22.16 21.36 -39.45
C GLY B 125 -22.92 20.32 -38.65
N GLY B 126 -22.25 19.62 -37.73
CA GLY B 126 -22.86 18.58 -36.88
C GLY B 126 -23.58 19.16 -35.67
N SER B 127 -24.40 18.35 -35.01
CA SER B 127 -25.27 18.80 -33.90
C SER B 127 -25.17 17.89 -32.68
N GLU B 128 -24.37 16.81 -32.72
CA GLU B 128 -24.33 15.84 -31.60
C GLU B 128 -22.89 15.47 -31.26
N LEU B 129 -22.49 15.77 -30.02
CA LEU B 129 -21.25 15.25 -29.38
C LEU B 129 -21.68 14.26 -28.29
N CYS B 130 -21.34 12.98 -28.46
CA CYS B 130 -21.84 11.91 -27.58
C CYS B 130 -20.68 11.02 -27.14
N GLY B 131 -21.00 9.99 -26.36
CA GLY B 131 -20.05 8.99 -25.87
C GLY B 131 -19.57 9.33 -24.48
N VAL B 132 -18.35 8.90 -24.16
CA VAL B 132 -17.84 8.96 -22.76
C VAL B 132 -17.06 10.27 -22.61
N ILE B 133 -17.80 11.37 -22.60
CA ILE B 133 -17.26 12.76 -22.63
C ILE B 133 -17.09 13.26 -21.20
N TYR B 134 -17.49 12.47 -20.20
CA TYR B 134 -17.64 12.93 -18.79
C TYR B 134 -16.60 12.29 -17.88
N CYS B 135 -15.72 11.45 -18.42
CA CYS B 135 -14.63 10.79 -17.63
C CYS B 135 -13.62 10.14 -18.57
N ALA B 136 -12.51 9.64 -18.03
CA ALA B 136 -11.60 8.77 -18.79
C ALA B 136 -12.32 7.46 -19.11
N LEU B 137 -12.33 7.07 -20.37
CA LEU B 137 -12.86 5.77 -20.83
C LEU B 137 -11.91 4.66 -20.36
N GLY B 138 -12.39 3.75 -19.53
CA GLY B 138 -11.59 2.56 -19.16
C GLY B 138 -11.76 2.16 -17.71
N LYS B 139 -10.82 1.36 -17.21
CA LYS B 139 -10.96 0.79 -15.84
CA LYS B 139 -10.90 0.77 -15.85
C LYS B 139 -10.50 1.83 -14.82
N TYR B 140 -11.35 2.04 -13.82
CA TYR B 140 -11.00 2.86 -12.65
C TYR B 140 -10.52 1.89 -11.57
N PRO B 141 -9.55 2.33 -10.74
CA PRO B 141 -8.99 1.48 -9.69
C PRO B 141 -9.90 1.37 -8.46
N GLY B 142 -10.95 2.18 -8.37
CA GLY B 142 -11.87 2.15 -7.22
C GLY B 142 -13.10 2.98 -7.52
N PRO B 143 -14.09 3.03 -6.60
CA PRO B 143 -15.33 3.73 -6.88
C PRO B 143 -15.09 5.25 -6.92
N ALA B 144 -15.95 5.97 -7.63
CA ALA B 144 -15.86 7.44 -7.77
C ALA B 144 -16.25 8.11 -6.45
N SER B 145 -15.51 9.15 -6.04
CA SER B 145 -15.84 10.01 -4.88
C SER B 145 -16.93 10.99 -5.27
N ARG B 146 -17.57 11.63 -4.30
CA ARG B 146 -18.51 12.75 -4.55
C ARG B 146 -17.78 13.82 -5.37
N GLU B 147 -16.50 14.05 -5.09
CA GLU B 147 -15.69 15.09 -5.78
C GLU B 147 -15.49 14.70 -7.25
N ASN B 148 -15.13 13.44 -7.53
CA ASN B 148 -15.00 12.94 -8.93
C ASN B 148 -16.30 13.30 -9.69
N ARG B 149 -17.45 13.00 -9.10
CA ARG B 149 -18.76 13.19 -9.77
C ARG B 149 -19.04 14.69 -9.94
N ALA B 150 -18.83 15.49 -8.89
CA ALA B 150 -19.07 16.96 -8.92
C ALA B 150 -18.17 17.59 -9.99
N ASN B 151 -16.93 17.13 -10.10
CA ASN B 151 -15.99 17.67 -11.11
C ASN B 151 -16.54 17.36 -12.52
N SER B 152 -17.04 16.15 -12.72
CA SER B 152 -17.60 15.67 -14.01
C SER B 152 -18.82 16.53 -14.35
N VAL B 153 -19.74 16.71 -13.39
CA VAL B 153 -20.98 17.50 -13.58
C VAL B 153 -20.60 18.93 -14.01
N ALA B 154 -19.67 19.57 -13.29
CA ALA B 154 -19.25 20.96 -13.57
C ALA B 154 -18.65 21.02 -15.00
N ALA B 155 -17.80 20.06 -15.35
CA ALA B 155 -17.19 19.97 -16.69
C ALA B 155 -18.28 19.84 -17.76
N MET B 156 -19.32 19.06 -17.51
CA MET B 156 -20.40 18.84 -18.50
C MET B 156 -21.25 20.12 -18.61
N GLN B 157 -21.38 20.88 -17.53
CA GLN B 157 -22.07 22.20 -17.58
C GLN B 157 -21.26 23.15 -18.48
N ARG B 158 -19.96 23.25 -18.27
CA ARG B 158 -19.07 24.14 -19.08
C ARG B 158 -19.12 23.68 -20.54
N LEU B 159 -18.99 22.38 -20.80
CA LEU B 159 -19.10 21.83 -22.18
C LEU B 159 -20.49 22.16 -22.77
N ALA B 160 -21.58 21.86 -22.07
CA ALA B 160 -22.95 22.10 -22.58
C ALA B 160 -23.09 23.57 -23.01
N ASP B 161 -22.52 24.50 -22.24
CA ASP B 161 -22.67 25.95 -22.45
C ASP B 161 -21.88 26.36 -23.69
N TYR B 162 -20.71 25.76 -23.87
CA TYR B 162 -19.83 26.00 -25.05
C TYR B 162 -20.50 25.44 -26.31
N ALA B 163 -21.00 24.21 -26.23
CA ALA B 163 -21.70 23.52 -27.34
C ALA B 163 -22.96 24.30 -27.75
N ALA B 164 -23.68 24.86 -26.77
CA ALA B 164 -24.99 25.53 -27.02
C ALA B 164 -24.77 26.74 -27.94
N ASP B 165 -23.62 27.41 -27.84
CA ASP B 165 -23.32 28.61 -28.66
C ASP B 165 -23.04 28.17 -30.09
N LYS B 166 -22.87 26.86 -30.33
CA LYS B 166 -22.52 26.29 -31.65
C LYS B 166 -23.61 25.33 -32.15
N GLY B 167 -24.81 25.37 -31.57
CA GLY B 167 -25.97 24.57 -32.03
C GLY B 167 -25.76 23.08 -31.82
N ILE B 168 -25.03 22.69 -30.78
CA ILE B 168 -24.66 21.27 -30.53
C ILE B 168 -25.27 20.81 -29.21
N ASN B 169 -25.93 19.65 -29.26
CA ASN B 169 -26.37 18.85 -28.09
C ASN B 169 -25.21 17.97 -27.64
N ILE B 170 -25.11 17.71 -26.34
CA ILE B 170 -24.17 16.68 -25.82
C ILE B 170 -25.01 15.55 -25.22
N ASP B 171 -24.57 14.32 -25.45
CA ASP B 171 -25.28 13.09 -25.04
C ASP B 171 -24.30 12.24 -24.23
N LEU B 172 -24.57 12.04 -22.94
CA LEU B 172 -23.65 11.38 -21.98
C LEU B 172 -23.89 9.87 -22.09
N GLU B 173 -22.91 9.14 -22.61
CA GLU B 173 -23.10 7.70 -22.87
C GLU B 173 -22.88 6.90 -21.59
N VAL B 174 -23.93 6.26 -21.10
CA VAL B 174 -23.85 5.27 -20.00
C VAL B 174 -23.10 4.05 -20.52
N VAL B 175 -22.00 3.69 -19.86
CA VAL B 175 -21.18 2.51 -20.28
C VAL B 175 -20.99 1.62 -19.04
N ASN B 176 -20.52 0.41 -19.28
CA ASN B 176 -20.46 -0.65 -18.23
C ASN B 176 -19.34 -0.33 -17.23
N ARG B 177 -19.39 -1.06 -16.12
CA ARG B 177 -18.52 -0.88 -14.95
C ARG B 177 -17.02 -0.90 -15.34
N TYR B 178 -16.63 -1.63 -16.38
CA TYR B 178 -15.19 -1.76 -16.75
C TYR B 178 -14.72 -0.56 -17.58
N GLU B 179 -15.63 0.34 -17.94
CA GLU B 179 -15.33 1.51 -18.82
C GLU B 179 -15.60 2.85 -18.11
N THR B 180 -16.36 2.86 -17.00
CA THR B 180 -16.50 4.05 -16.13
C THR B 180 -16.97 3.62 -14.73
N ASN B 181 -16.70 4.46 -13.74
CA ASN B 181 -17.24 4.30 -12.36
C ASN B 181 -18.26 5.42 -12.08
N ILE B 182 -18.60 6.25 -13.07
CA ILE B 182 -19.45 7.43 -12.81
C ILE B 182 -20.94 7.07 -12.96
N MET B 183 -21.30 6.38 -14.04
CA MET B 183 -22.72 6.02 -14.35
C MET B 183 -22.74 4.73 -15.18
N ASN B 184 -23.47 3.71 -14.74
CA ASN B 184 -23.48 2.37 -15.37
C ASN B 184 -24.90 1.98 -15.78
N THR B 185 -25.92 2.72 -15.34
CA THR B 185 -27.32 2.51 -15.80
C THR B 185 -27.91 3.84 -16.32
N GLY B 186 -28.92 3.72 -17.18
CA GLY B 186 -29.78 4.86 -17.57
C GLY B 186 -30.29 5.63 -16.37
N LEU B 187 -30.79 4.95 -15.35
CA LEU B 187 -31.36 5.64 -14.16
C LEU B 187 -30.26 6.48 -13.49
N GLU B 188 -29.04 5.96 -13.34
CA GLU B 188 -27.90 6.74 -12.77
C GLU B 188 -27.60 7.91 -13.71
N GLY B 189 -27.64 7.68 -15.02
CA GLY B 189 -27.39 8.73 -16.02
C GLY B 189 -28.35 9.89 -15.84
N LEU B 190 -29.63 9.58 -15.60
CA LEU B 190 -30.69 10.61 -15.50
C LEU B 190 -30.44 11.46 -14.25
N ALA B 191 -30.04 10.85 -13.12
CA ALA B 191 -29.79 11.61 -11.89
C ALA B 191 -28.59 12.55 -12.14
N PHE B 192 -27.56 12.05 -12.81
CA PHE B 192 -26.36 12.86 -13.15
C PHE B 192 -26.81 14.02 -14.05
N LEU B 193 -27.61 13.73 -15.07
CA LEU B 193 -28.09 14.73 -16.04
C LEU B 193 -28.87 15.83 -15.30
N ASP B 194 -29.66 15.47 -14.29
CA ASP B 194 -30.44 16.46 -13.50
C ASP B 194 -29.46 17.39 -12.77
N GLU B 195 -28.31 16.87 -12.34
CA GLU B 195 -27.28 17.70 -11.64
C GLU B 195 -26.64 18.65 -12.66
N VAL B 196 -26.40 18.19 -13.89
CA VAL B 196 -25.84 19.04 -14.99
C VAL B 196 -26.83 20.19 -15.26
N ASN B 197 -28.11 19.88 -15.37
CA ASN B 197 -29.21 20.88 -15.48
C ASN B 197 -28.94 21.81 -16.68
N ARG B 198 -28.79 21.23 -17.87
CA ARG B 198 -28.59 22.00 -19.13
C ARG B 198 -29.53 21.46 -20.20
N PRO B 199 -30.25 22.34 -20.93
CA PRO B 199 -31.31 21.89 -21.81
C PRO B 199 -30.80 21.14 -23.06
N ASN B 200 -29.52 21.33 -23.41
CA ASN B 200 -28.90 20.67 -24.59
C ASN B 200 -28.07 19.46 -24.15
N ALA B 201 -28.25 18.97 -22.92
CA ALA B 201 -27.58 17.75 -22.45
C ALA B 201 -28.61 16.61 -22.35
N PHE B 202 -28.25 15.44 -22.86
CA PHE B 202 -29.16 14.27 -23.02
C PHE B 202 -28.48 12.99 -22.52
N LEU B 203 -29.30 11.97 -22.28
CA LEU B 203 -28.83 10.59 -22.00
C LEU B 203 -28.51 9.89 -23.31
N HIS B 204 -27.45 9.10 -23.32
CA HIS B 204 -27.02 8.27 -24.47
C HIS B 204 -26.94 6.82 -23.99
N LEU B 205 -27.78 5.95 -24.54
CA LEU B 205 -27.83 4.52 -24.13
C LEU B 205 -27.22 3.69 -25.24
N ASP B 206 -26.55 2.60 -24.86
CA ASP B 206 -25.85 1.67 -25.78
C ASP B 206 -26.26 0.25 -25.38
N THR B 207 -26.88 -0.52 -26.29
CA THR B 207 -27.45 -1.85 -25.96
C THR B 207 -26.36 -2.81 -25.48
N TYR B 208 -25.11 -2.64 -25.92
CA TYR B 208 -23.99 -3.51 -25.48
C TYR B 208 -23.75 -3.30 -23.98
N HIS B 209 -23.72 -2.04 -23.55
CA HIS B 209 -23.52 -1.68 -22.12
C HIS B 209 -24.77 -2.04 -21.32
N MET B 210 -25.95 -1.79 -21.88
CA MET B 210 -27.23 -2.13 -21.22
C MET B 210 -27.28 -3.63 -20.94
N ASN B 211 -26.79 -4.44 -21.86
CA ASN B 211 -26.81 -5.92 -21.80
C ASN B 211 -26.14 -6.39 -20.51
N ILE B 212 -25.12 -5.65 -20.05
CA ILE B 212 -24.40 -5.98 -18.78
C ILE B 212 -25.18 -5.43 -17.59
N GLU B 213 -25.57 -4.15 -17.62
CA GLU B 213 -25.88 -3.38 -16.38
C GLU B 213 -27.39 -3.23 -16.13
N GLU B 214 -28.24 -3.29 -17.14
CA GLU B 214 -29.67 -2.89 -17.00
C GLU B 214 -30.55 -4.06 -16.54
N ASN B 215 -31.63 -3.75 -15.81
CA ASN B 215 -32.69 -4.72 -15.45
C ASN B 215 -33.65 -4.83 -16.66
N GLY B 216 -33.28 -5.59 -17.68
CA GLY B 216 -34.03 -5.68 -18.95
C GLY B 216 -33.73 -4.47 -19.83
N MET B 217 -34.22 -4.48 -21.08
CA MET B 217 -33.77 -3.52 -22.12
C MET B 217 -34.78 -2.37 -22.30
N ALA B 218 -35.79 -2.23 -21.42
CA ALA B 218 -36.90 -1.28 -21.61
C ALA B 218 -36.94 -0.21 -20.51
N LYS B 219 -36.66 -0.58 -19.26
CA LYS B 219 -36.83 0.27 -18.04
C LYS B 219 -36.20 1.65 -18.24
N SER B 220 -34.92 1.72 -18.62
CA SER B 220 -34.14 2.97 -18.70
C SER B 220 -34.66 3.84 -19.85
N VAL B 221 -35.05 3.20 -20.95
CA VAL B 221 -35.60 3.92 -22.12
C VAL B 221 -36.91 4.60 -21.68
N LEU B 222 -37.81 3.83 -21.07
CA LEU B 222 -39.14 4.35 -20.63
C LEU B 222 -38.92 5.50 -19.62
N ALA B 223 -37.97 5.33 -18.70
CA ALA B 223 -37.67 6.34 -17.65
C ALA B 223 -37.10 7.60 -18.29
N ALA B 224 -36.28 7.44 -19.34
CA ALA B 224 -35.57 8.55 -20.02
C ALA B 224 -36.59 9.44 -20.75
N GLY B 225 -37.54 8.82 -21.46
CA GLY B 225 -38.46 9.54 -22.37
C GLY B 225 -37.71 10.52 -23.26
N ASP B 226 -38.12 11.79 -23.25
CA ASP B 226 -37.56 12.86 -24.11
C ASP B 226 -36.09 13.15 -23.76
N ARG B 227 -35.61 12.64 -22.63
CA ARG B 227 -34.22 12.91 -22.18
C ARG B 227 -33.24 11.95 -22.89
N LEU B 228 -33.75 10.93 -23.55
CA LEU B 228 -32.89 10.05 -24.39
C LEU B 228 -32.58 10.79 -25.69
N GLY B 229 -31.31 11.15 -25.90
CA GLY B 229 -30.89 12.02 -26.99
C GLY B 229 -30.08 11.28 -28.04
N TYR B 230 -29.66 10.05 -27.78
CA TYR B 230 -28.73 9.31 -28.67
C TYR B 230 -28.73 7.83 -28.27
N VAL B 231 -28.56 6.96 -29.26
CA VAL B 231 -28.60 5.48 -29.07
C VAL B 231 -27.43 4.85 -29.83
N HIS B 232 -26.74 3.90 -29.19
CA HIS B 232 -25.83 2.95 -29.88
C HIS B 232 -26.45 1.55 -29.88
N ILE B 233 -26.38 0.92 -31.03
CA ILE B 233 -26.81 -0.48 -31.25
C ILE B 233 -25.55 -1.34 -31.36
N GLY B 234 -25.33 -2.16 -30.35
CA GLY B 234 -24.22 -3.13 -30.28
C GLY B 234 -24.73 -4.45 -29.77
N GLU B 235 -24.32 -5.54 -30.40
CA GLU B 235 -24.66 -6.92 -29.96
C GLU B 235 -23.87 -7.17 -28.67
N SER B 236 -24.28 -8.18 -27.90
CA SER B 236 -23.70 -8.54 -26.59
C SER B 236 -22.16 -8.61 -26.69
N HIS B 237 -21.63 -9.19 -27.76
CA HIS B 237 -20.17 -9.39 -27.99
C HIS B 237 -19.61 -8.31 -28.91
N ARG B 238 -20.47 -7.39 -29.40
CA ARG B 238 -20.10 -6.23 -30.25
C ARG B 238 -19.80 -6.70 -31.69
N GLY B 239 -20.26 -7.90 -32.05
CA GLY B 239 -20.14 -8.44 -33.42
C GLY B 239 -21.43 -8.27 -34.23
N TYR B 240 -21.73 -9.21 -35.12
CA TYR B 240 -22.93 -9.15 -36.00
C TYR B 240 -24.19 -9.06 -35.14
N LEU B 241 -25.09 -8.13 -35.47
CA LEU B 241 -26.39 -8.04 -34.77
C LEU B 241 -27.16 -9.34 -34.98
N GLY B 242 -27.75 -9.88 -33.92
CA GLY B 242 -28.61 -11.07 -33.97
C GLY B 242 -27.82 -12.35 -33.83
N THR B 243 -26.52 -12.27 -33.49
CA THR B 243 -25.66 -13.45 -33.24
C THR B 243 -25.24 -13.49 -31.76
N GLY B 244 -25.86 -12.67 -30.92
CA GLY B 244 -25.53 -12.59 -29.49
C GLY B 244 -26.75 -12.76 -28.61
N ASN B 245 -26.79 -12.05 -27.48
CA ASN B 245 -27.74 -12.31 -26.37
C ASN B 245 -28.70 -11.13 -26.18
N VAL B 246 -28.47 -10.00 -26.86
CA VAL B 246 -29.27 -8.76 -26.63
C VAL B 246 -30.71 -8.99 -27.10
N ASP B 247 -31.66 -8.71 -26.20
CA ASP B 247 -33.11 -8.64 -26.50
C ASP B 247 -33.41 -7.31 -27.18
N PHE B 248 -33.19 -7.24 -28.50
CA PHE B 248 -33.42 -6.02 -29.30
C PHE B 248 -34.92 -5.75 -29.39
N ALA B 249 -35.74 -6.80 -29.33
CA ALA B 249 -37.21 -6.69 -29.50
C ALA B 249 -37.76 -5.75 -28.41
N SER B 250 -37.39 -6.01 -27.16
CA SER B 250 -37.82 -5.17 -26.01
C SER B 250 -37.25 -3.76 -26.17
N PHE B 251 -35.99 -3.65 -26.60
CA PHE B 251 -35.29 -2.34 -26.71
C PHE B 251 -36.04 -1.46 -27.71
N PHE B 252 -36.27 -1.96 -28.92
CA PHE B 252 -36.95 -1.22 -30.01
C PHE B 252 -38.43 -0.99 -29.65
N ALA B 253 -39.08 -1.92 -28.95
CA ALA B 253 -40.45 -1.73 -28.45
C ALA B 253 -40.47 -0.49 -27.54
N ALA B 254 -39.46 -0.36 -26.68
CA ALA B 254 -39.32 0.77 -25.73
C ALA B 254 -39.14 2.07 -26.51
N LEU B 255 -38.24 2.10 -27.50
CA LEU B 255 -37.99 3.30 -28.34
C LEU B 255 -39.31 3.73 -29.00
N LYS B 256 -40.09 2.77 -29.47
CA LYS B 256 -41.41 3.05 -30.10
C LYS B 256 -42.35 3.69 -29.09
N GLN B 257 -42.38 3.17 -27.86
CA GLN B 257 -43.35 3.60 -26.82
C GLN B 257 -43.09 5.07 -26.44
N ILE B 258 -41.82 5.49 -26.39
CA ILE B 258 -41.44 6.91 -26.08
C ILE B 258 -41.32 7.73 -27.38
N ASP B 259 -41.67 7.14 -28.53
CA ASP B 259 -41.63 7.84 -29.85
C ASP B 259 -40.24 8.46 -30.01
N TYR B 260 -39.19 7.67 -29.82
CA TYR B 260 -37.80 8.16 -29.90
C TYR B 260 -37.52 8.72 -31.30
N ARG B 261 -36.99 9.94 -31.34
CA ARG B 261 -36.67 10.66 -32.59
C ARG B 261 -35.26 11.21 -32.50
N GLY B 262 -34.26 10.33 -32.60
CA GLY B 262 -32.87 10.78 -32.49
C GLY B 262 -31.93 9.82 -33.19
N PRO B 263 -30.62 10.10 -33.15
CA PRO B 263 -29.63 9.24 -33.80
C PRO B 263 -29.61 7.84 -33.18
N ILE B 264 -29.38 6.86 -34.06
CA ILE B 264 -29.17 5.44 -33.73
C ILE B 264 -27.95 4.98 -34.52
N THR B 265 -26.81 4.80 -33.83
CA THR B 265 -25.52 4.42 -34.47
C THR B 265 -25.26 2.92 -34.28
N PHE B 266 -24.94 2.23 -35.37
CA PHE B 266 -24.45 0.84 -35.33
C PHE B 266 -22.98 0.89 -34.98
N GLU B 267 -22.63 0.14 -33.94
CA GLU B 267 -21.28 0.17 -33.31
C GLU B 267 -20.77 -1.26 -33.19
N SER B 268 -19.57 -1.50 -33.69
CA SER B 268 -19.00 -2.87 -33.73
C SER B 268 -17.50 -2.75 -33.71
N PHE B 269 -16.86 -3.63 -32.94
CA PHE B 269 -15.39 -3.67 -32.75
C PHE B 269 -14.94 -5.10 -33.04
N SER B 270 -14.00 -5.20 -33.97
CA SER B 270 -13.25 -6.42 -34.33
C SER B 270 -11.77 -6.07 -34.32
N SER B 271 -10.92 -7.02 -33.91
CA SER B 271 -9.45 -6.85 -33.91
C SER B 271 -8.98 -6.66 -35.36
N GLU B 272 -9.88 -6.94 -36.31
CA GLU B 272 -9.65 -6.76 -37.77
C GLU B 272 -9.28 -5.29 -38.05
N ILE B 273 -10.04 -4.36 -37.45
CA ILE B 273 -9.79 -2.89 -37.57
C ILE B 273 -9.57 -2.35 -36.16
N VAL B 274 -8.44 -1.68 -35.98
CA VAL B 274 -7.90 -1.38 -34.64
C VAL B 274 -7.57 0.11 -34.63
N ASP B 275 -8.10 0.82 -33.65
CA ASP B 275 -7.60 2.16 -33.27
C ASP B 275 -6.79 1.94 -31.99
N PRO B 276 -5.46 2.15 -32.03
CA PRO B 276 -4.62 1.86 -30.85
C PRO B 276 -5.09 2.62 -29.60
N LYS B 277 -5.74 3.77 -29.80
CA LYS B 277 -6.27 4.67 -28.74
C LYS B 277 -7.51 4.08 -28.06
N LEU B 278 -8.17 3.09 -28.67
CA LEU B 278 -9.53 2.67 -28.25
C LEU B 278 -9.61 1.14 -28.12
N SER B 279 -9.00 0.39 -29.04
CA SER B 279 -9.20 -1.08 -29.21
C SER B 279 -8.73 -1.84 -27.95
N ASN B 280 -7.57 -1.49 -27.40
CA ASN B 280 -7.00 -2.13 -26.19
C ASN B 280 -7.78 -1.70 -24.94
N THR B 281 -8.25 -0.45 -24.87
CA THR B 281 -9.13 0.02 -23.77
C THR B 281 -10.43 -0.80 -23.78
N LEU B 282 -10.95 -1.10 -24.96
CA LEU B 282 -12.22 -1.86 -25.12
C LEU B 282 -11.95 -3.37 -25.07
N CYS B 283 -10.70 -3.79 -24.87
CA CYS B 283 -10.33 -5.22 -24.71
C CYS B 283 -10.92 -6.03 -25.87
N VAL B 284 -10.71 -5.56 -27.10
CA VAL B 284 -11.15 -6.27 -28.32
C VAL B 284 -10.08 -7.29 -28.71
N TRP B 285 -10.14 -8.48 -28.10
CA TRP B 285 -9.13 -9.55 -28.25
C TRP B 285 -9.48 -10.45 -29.45
N ARG B 286 -10.72 -10.36 -29.94
CA ARG B 286 -11.32 -11.31 -30.90
C ARG B 286 -11.72 -10.59 -32.18
N ASN B 287 -11.53 -11.29 -33.29
CA ASN B 287 -11.98 -10.92 -34.65
C ASN B 287 -13.37 -11.53 -34.88
N LEU B 288 -14.44 -10.75 -34.71
CA LEU B 288 -15.83 -11.25 -34.81
C LEU B 288 -16.37 -11.00 -36.22
N TRP B 289 -15.57 -10.33 -37.04
CA TRP B 289 -15.91 -9.97 -38.44
C TRP B 289 -14.67 -9.41 -39.11
N HIS B 290 -14.66 -9.39 -40.44
CA HIS B 290 -13.55 -8.81 -41.25
C HIS B 290 -14.12 -8.10 -42.47
N ASP B 291 -15.38 -8.35 -42.83
CA ASP B 291 -16.03 -7.70 -44.00
C ASP B 291 -16.89 -6.53 -43.52
N SER B 292 -16.32 -5.32 -43.48
CA SER B 292 -16.98 -4.08 -42.99
C SER B 292 -18.31 -3.88 -43.72
N ASP B 293 -18.33 -4.02 -45.05
CA ASP B 293 -19.53 -3.71 -45.86
C ASP B 293 -20.64 -4.71 -45.51
N ASP B 294 -20.29 -5.98 -45.30
CA ASP B 294 -21.27 -7.03 -44.98
C ASP B 294 -21.82 -6.77 -43.59
N LEU B 295 -20.95 -6.52 -42.62
CA LEU B 295 -21.36 -6.24 -41.23
C LEU B 295 -22.33 -5.06 -41.21
N ALA B 296 -21.94 -3.95 -41.84
CA ALA B 296 -22.67 -2.66 -41.83
C ALA B 296 -23.99 -2.79 -42.59
N GLY B 297 -23.99 -3.47 -43.74
CA GLY B 297 -25.21 -3.71 -44.54
C GLY B 297 -26.25 -4.48 -43.77
N LYS B 298 -25.82 -5.57 -43.12
CA LYS B 298 -26.72 -6.45 -42.33
C LYS B 298 -27.20 -5.67 -41.10
N ALA B 299 -26.35 -4.83 -40.52
CA ALA B 299 -26.72 -4.05 -39.31
C ALA B 299 -27.82 -3.05 -39.67
N LEU B 300 -27.67 -2.33 -40.79
CA LEU B 300 -28.68 -1.33 -41.23
C LEU B 300 -30.04 -2.03 -41.45
N GLU B 301 -30.04 -3.16 -42.14
CA GLU B 301 -31.24 -3.99 -42.43
C GLU B 301 -31.92 -4.37 -41.11
N PHE B 302 -31.10 -4.82 -40.15
CA PHE B 302 -31.56 -5.31 -38.83
C PHE B 302 -32.29 -4.18 -38.10
N ILE B 303 -31.67 -3.00 -38.09
CA ILE B 303 -32.16 -1.81 -37.33
C ILE B 303 -33.42 -1.28 -38.01
N LYS B 304 -33.38 -1.11 -39.31
CA LYS B 304 -34.56 -0.61 -40.09
C LYS B 304 -35.77 -1.50 -39.83
N GLN B 305 -35.57 -2.82 -39.86
CA GLN B 305 -36.67 -3.80 -39.70
C GLN B 305 -37.34 -3.55 -38.34
N ARG B 306 -36.57 -3.23 -37.30
CA ARG B 306 -37.11 -3.17 -35.93
C ARG B 306 -37.70 -1.78 -35.65
N LEU B 307 -37.29 -0.76 -36.41
CA LEU B 307 -37.86 0.61 -36.28
C LEU B 307 -39.28 0.63 -36.86
N THR B 308 -39.48 0.01 -38.02
CA THR B 308 -40.77 -0.04 -38.74
C THR B 308 -41.61 -1.20 -38.20
N ALA B 309 -40.98 -2.14 -37.49
CA ALA B 309 -41.63 -3.33 -36.90
C ALA B 309 -42.86 -2.89 -36.12
N ILE B 310 -44.04 -3.10 -36.70
CA ILE B 310 -45.35 -2.77 -36.07
C ILE B 310 -45.73 -3.90 -35.09
N LYS B 311 -45.15 -3.90 -33.90
CA LYS B 311 -45.42 -4.90 -32.83
C LYS B 311 -45.66 -4.17 -31.50
N HIS C 20 15.44 -55.20 -57.74
CA HIS C 20 13.98 -54.95 -57.54
C HIS C 20 13.77 -53.76 -56.61
N SER C 21 12.85 -52.86 -56.97
CA SER C 21 12.42 -51.67 -56.20
C SER C 21 10.89 -51.67 -56.16
N MET C 22 10.27 -50.84 -55.33
CA MET C 22 8.80 -50.93 -55.11
C MET C 22 8.21 -49.60 -54.65
N ALA C 23 6.91 -49.44 -54.87
CA ALA C 23 6.07 -48.40 -54.22
C ALA C 23 5.77 -48.87 -52.79
N PHE C 24 5.68 -47.94 -51.85
CA PHE C 24 5.33 -48.24 -50.44
C PHE C 24 3.85 -47.96 -50.24
N PRO C 25 3.21 -48.64 -49.26
CA PRO C 25 1.77 -48.56 -49.11
C PRO C 25 1.22 -47.14 -48.94
N LYS C 26 0.04 -46.93 -49.49
CA LYS C 26 -0.75 -45.69 -49.33
C LYS C 26 -2.15 -46.06 -48.87
N ARG C 27 -2.80 -45.15 -48.15
CA ARG C 27 -4.21 -45.33 -47.72
C ARG C 27 -4.96 -44.02 -47.97
N LEU C 28 -6.27 -44.11 -48.17
CA LEU C 28 -7.13 -42.91 -48.17
C LEU C 28 -7.16 -42.35 -46.75
N GLU C 29 -6.69 -41.13 -46.58
CA GLU C 29 -6.69 -40.44 -45.26
C GLU C 29 -6.65 -38.93 -45.51
N ILE C 30 -7.25 -38.19 -44.59
CA ILE C 30 -7.36 -36.71 -44.72
C ILE C 30 -6.47 -36.06 -43.67
N GLY C 31 -5.69 -35.08 -44.10
CA GLY C 31 -4.76 -34.36 -43.23
C GLY C 31 -4.95 -32.86 -43.28
N GLY C 32 -4.41 -32.17 -42.28
CA GLY C 32 -4.28 -30.71 -42.24
C GLY C 32 -2.82 -30.32 -42.29
N HIS C 33 -2.50 -29.27 -43.05
CA HIS C 33 -1.14 -28.70 -43.14
C HIS C 33 -0.83 -28.02 -41.80
N ALA C 34 0.34 -28.32 -41.22
CA ALA C 34 0.79 -27.70 -39.96
C ALA C 34 0.72 -26.17 -40.08
N LEU C 35 1.00 -25.62 -41.26
CA LEU C 35 1.13 -24.15 -41.46
C LEU C 35 -0.22 -23.46 -41.27
N VAL C 36 -1.33 -24.19 -41.34
CA VAL C 36 -2.69 -23.66 -41.02
C VAL C 36 -2.68 -23.16 -39.56
N TRP C 37 -1.92 -23.81 -38.68
CA TRP C 37 -1.92 -23.49 -37.22
C TRP C 37 -0.65 -22.75 -36.79
N SER C 38 0.53 -23.14 -37.28
CA SER C 38 1.82 -22.64 -36.75
C SER C 38 2.80 -22.37 -37.90
N GLY C 39 3.49 -21.22 -37.85
CA GLY C 39 4.48 -20.81 -38.86
C GLY C 39 5.83 -21.46 -38.61
N ASP C 40 6.00 -22.07 -37.44
CA ASP C 40 7.30 -22.68 -37.07
C ASP C 40 7.03 -24.02 -36.39
N TRP C 41 8.11 -24.68 -35.95
CA TRP C 41 8.01 -26.01 -35.31
C TRP C 41 8.76 -25.95 -33.97
N SER C 42 8.65 -24.82 -33.28
CA SER C 42 8.97 -24.68 -31.83
C SER C 42 8.11 -25.67 -31.03
N ALA C 43 8.49 -25.97 -29.80
CA ALA C 43 7.71 -26.85 -28.92
C ALA C 43 6.25 -26.38 -28.89
N ALA C 44 6.04 -25.06 -28.74
CA ALA C 44 4.72 -24.41 -28.66
C ALA C 44 4.01 -24.57 -30.00
N GLY C 45 4.72 -24.30 -31.09
CA GLY C 45 4.17 -24.36 -32.45
C GLY C 45 3.71 -25.77 -32.80
N ALA C 46 4.54 -26.76 -32.49
CA ALA C 46 4.27 -28.18 -32.81
C ALA C 46 3.07 -28.65 -31.99
N ARG C 47 3.00 -28.30 -30.71
CA ARG C 47 1.88 -28.73 -29.84
C ARG C 47 0.59 -28.07 -30.36
N LYS C 48 0.62 -26.77 -30.67
CA LYS C 48 -0.57 -26.05 -31.19
C LYS C 48 -1.04 -26.72 -32.49
N ALA C 49 -0.14 -27.02 -33.42
CA ALA C 49 -0.51 -27.56 -34.75
C ALA C 49 -1.05 -28.98 -34.59
N ILE C 50 -0.38 -29.83 -33.82
CA ILE C 50 -0.79 -31.25 -33.67
C ILE C 50 -2.12 -31.31 -32.92
N ALA C 51 -2.27 -30.55 -31.83
CA ALA C 51 -3.54 -30.50 -31.08
C ALA C 51 -4.63 -29.98 -32.01
N GLY C 52 -4.29 -29.00 -32.85
CA GLY C 52 -5.21 -28.37 -33.81
C GLY C 52 -5.73 -29.36 -34.84
N ALA C 53 -4.82 -30.10 -35.49
CA ALA C 53 -5.19 -31.12 -36.49
C ALA C 53 -6.00 -32.22 -35.81
N ALA C 54 -5.60 -32.66 -34.62
CA ALA C 54 -6.33 -33.72 -33.87
C ALA C 54 -7.76 -33.22 -33.59
N ARG C 55 -7.90 -31.97 -33.16
CA ARG C 55 -9.18 -31.35 -32.72
C ARG C 55 -10.14 -31.31 -33.91
N ALA C 56 -9.63 -31.03 -35.11
CA ALA C 56 -10.44 -30.85 -36.33
C ALA C 56 -10.93 -32.23 -36.80
N GLY C 57 -10.26 -33.29 -36.39
CA GLY C 57 -10.61 -34.69 -36.70
C GLY C 57 -9.81 -35.27 -37.85
N PHE C 58 -8.65 -34.69 -38.19
CA PHE C 58 -7.80 -35.16 -39.31
C PHE C 58 -7.14 -36.48 -38.91
N ASP C 59 -6.84 -37.30 -39.92
CA ASP C 59 -6.13 -38.59 -39.78
C ASP C 59 -4.64 -38.30 -39.58
N TYR C 60 -4.13 -37.20 -40.15
CA TYR C 60 -2.69 -36.88 -40.08
C TYR C 60 -2.46 -35.37 -40.14
N ILE C 61 -1.25 -34.97 -39.77
CA ILE C 61 -0.74 -33.59 -39.96
C ILE C 61 0.35 -33.65 -41.02
N GLU C 62 0.37 -32.68 -41.92
CA GLU C 62 1.48 -32.53 -42.90
C GLU C 62 2.46 -31.51 -42.33
N ILE C 63 3.65 -31.99 -41.97
CA ILE C 63 4.71 -31.16 -41.33
C ILE C 63 5.59 -30.54 -42.43
N ALA C 64 5.79 -29.23 -42.38
CA ALA C 64 6.70 -28.49 -43.30
C ALA C 64 8.15 -28.77 -42.90
N LEU C 65 8.95 -29.26 -43.86
CA LEU C 65 10.41 -29.52 -43.68
C LEU C 65 11.23 -28.64 -44.64
N LEU C 66 10.87 -27.36 -44.81
CA LEU C 66 11.70 -26.40 -45.61
C LEU C 66 13.10 -26.28 -44.96
N ASP C 67 13.19 -26.41 -43.63
CA ASP C 67 14.48 -26.46 -42.89
C ASP C 67 14.50 -27.68 -41.96
N PRO C 68 14.91 -28.85 -42.48
CA PRO C 68 14.74 -30.11 -41.75
C PRO C 68 15.70 -30.28 -40.56
N TRP C 69 16.72 -29.42 -40.50
CA TRP C 69 17.70 -29.44 -39.38
C TRP C 69 17.06 -28.86 -38.11
N GLN C 70 15.98 -28.10 -38.23
CA GLN C 70 15.39 -27.41 -37.05
C GLN C 70 14.61 -28.42 -36.21
N ILE C 71 13.96 -29.38 -36.88
CA ILE C 71 12.91 -30.24 -36.29
C ILE C 71 13.47 -31.12 -35.16
N ASP C 72 12.86 -31.03 -33.98
CA ASP C 72 13.15 -31.93 -32.83
C ASP C 72 12.33 -33.21 -33.04
N VAL C 73 12.98 -34.27 -33.48
CA VAL C 73 12.31 -35.54 -33.87
C VAL C 73 11.66 -36.19 -32.63
N ALA C 74 12.39 -36.31 -31.50
CA ALA C 74 11.85 -36.93 -30.27
C ALA C 74 10.60 -36.17 -29.81
N LEU C 75 10.70 -34.85 -29.70
CA LEU C 75 9.58 -33.94 -29.34
C LEU C 75 8.40 -34.25 -30.26
N THR C 76 8.67 -34.33 -31.56
CA THR C 76 7.59 -34.49 -32.57
C THR C 76 6.93 -35.86 -32.40
N LYS C 77 7.70 -36.94 -32.29
CA LYS C 77 7.16 -38.31 -32.13
CA LYS C 77 7.15 -38.30 -32.13
C LYS C 77 6.27 -38.33 -30.87
N ASP C 78 6.75 -37.73 -29.79
CA ASP C 78 6.06 -37.68 -28.47
C ASP C 78 4.69 -37.03 -28.69
N LEU C 79 4.64 -35.90 -29.39
CA LEU C 79 3.39 -35.13 -29.60
C LEU C 79 2.44 -35.96 -30.46
N LEU C 80 2.94 -36.56 -31.55
CA LEU C 80 2.09 -37.35 -32.47
C LEU C 80 1.49 -38.54 -31.70
N GLN C 81 2.27 -39.18 -30.84
CA GLN C 81 1.79 -40.30 -29.99
C GLN C 81 0.72 -39.76 -29.04
N GLU C 82 0.97 -38.59 -28.43
CA GLU C 82 0.08 -37.99 -27.40
C GLU C 82 -1.30 -37.74 -27.99
N TYR C 83 -1.37 -37.27 -29.25
CA TYR C 83 -2.62 -36.85 -29.91
C TYR C 83 -3.08 -37.92 -30.91
N ASN C 84 -2.39 -39.07 -30.95
CA ASN C 84 -2.77 -40.23 -31.79
C ASN C 84 -2.95 -39.77 -33.25
N LEU C 85 -1.92 -39.10 -33.78
CA LEU C 85 -1.94 -38.47 -35.11
C LEU C 85 -0.80 -39.04 -35.95
N ARG C 86 -1.08 -39.44 -37.19
CA ARG C 86 -0.05 -39.78 -38.20
C ARG C 86 0.55 -38.47 -38.74
N ALA C 87 1.70 -38.56 -39.40
CA ALA C 87 2.36 -37.41 -40.03
C ALA C 87 2.94 -37.81 -41.39
N HIS C 88 2.80 -36.88 -42.34
CA HIS C 88 3.53 -36.86 -43.64
C HIS C 88 4.29 -35.54 -43.69
N ALA C 89 5.21 -35.39 -44.64
CA ALA C 89 6.10 -34.21 -44.70
C ALA C 89 6.02 -33.59 -46.09
N SER C 90 6.03 -32.27 -46.16
CA SER C 90 6.18 -31.54 -47.44
C SER C 90 7.27 -30.49 -47.30
N LEU C 91 7.81 -30.05 -48.42
CA LEU C 91 8.73 -28.90 -48.48
C LEU C 91 8.76 -28.35 -49.90
N GLY C 92 9.26 -27.12 -50.02
CA GLY C 92 9.73 -26.52 -51.27
C GLY C 92 11.19 -26.13 -51.13
N LEU C 93 12.01 -26.42 -52.13
CA LEU C 93 13.41 -25.94 -52.17
C LEU C 93 13.41 -24.43 -52.40
N SER C 94 14.58 -23.81 -52.32
CA SER C 94 14.79 -22.37 -52.57
C SER C 94 15.91 -22.19 -53.61
N ALA C 95 16.26 -20.93 -53.92
CA ALA C 95 17.31 -20.61 -54.89
C ALA C 95 18.60 -21.33 -54.46
N ALA C 96 18.86 -21.40 -53.16
CA ALA C 96 20.14 -21.92 -52.63
C ALA C 96 20.20 -23.44 -52.76
N THR C 97 19.08 -24.12 -52.93
CA THR C 97 18.98 -25.60 -52.96
C THR C 97 18.29 -26.10 -54.24
N ASP C 98 18.24 -25.27 -55.29
CA ASP C 98 17.44 -25.55 -56.51
C ASP C 98 18.08 -26.69 -57.33
N VAL C 99 17.50 -27.88 -57.33
CA VAL C 99 18.08 -29.06 -58.05
C VAL C 99 17.93 -28.91 -59.56
N THR C 100 17.28 -27.84 -60.05
CA THR C 100 17.25 -27.56 -61.52
C THR C 100 18.47 -26.74 -61.93
N SER C 101 19.21 -26.18 -60.97
CA SER C 101 20.34 -25.24 -61.24
C SER C 101 21.38 -25.88 -62.18
N THR C 102 21.95 -25.07 -63.07
CA THR C 102 23.13 -25.43 -63.90
C THR C 102 24.40 -25.23 -63.08
N ASP C 103 24.29 -24.80 -61.83
CA ASP C 103 25.44 -24.78 -60.88
C ASP C 103 25.40 -26.06 -60.04
N PRO C 104 26.33 -27.02 -60.27
CA PRO C 104 26.33 -28.30 -59.55
C PRO C 104 26.44 -28.13 -58.03
N ALA C 105 27.07 -27.04 -57.58
CA ALA C 105 27.24 -26.74 -56.13
C ALA C 105 25.87 -26.49 -55.50
N ILE C 106 24.97 -25.82 -56.21
CA ILE C 106 23.59 -25.55 -55.73
C ILE C 106 22.78 -26.85 -55.74
N VAL C 107 22.90 -27.64 -56.80
CA VAL C 107 22.22 -28.96 -56.86
C VAL C 107 22.67 -29.80 -55.67
N ALA C 108 23.97 -29.83 -55.36
CA ALA C 108 24.49 -30.62 -54.21
C ALA C 108 23.82 -30.18 -52.90
N LYS C 109 23.60 -28.88 -52.70
CA LYS C 109 22.92 -28.36 -51.48
C LYS C 109 21.46 -28.85 -51.46
N GLY C 110 20.81 -28.88 -52.62
CA GLY C 110 19.46 -29.47 -52.75
C GLY C 110 19.47 -30.93 -52.34
N ASP C 111 20.37 -31.73 -52.92
CA ASP C 111 20.48 -33.18 -52.62
C ASP C 111 20.66 -33.38 -51.11
N GLU C 112 21.48 -32.53 -50.48
CA GLU C 112 21.82 -32.65 -49.04
C GLU C 112 20.54 -32.42 -48.23
N LEU C 113 19.81 -31.35 -48.54
CA LEU C 113 18.56 -30.99 -47.82
C LEU C 113 17.53 -32.10 -48.01
N LEU C 114 17.37 -32.62 -49.23
CA LEU C 114 16.38 -33.69 -49.52
C LEU C 114 16.76 -34.97 -48.76
N ARG C 115 18.06 -35.27 -48.65
CA ARG C 115 18.49 -36.45 -47.84
C ARG C 115 18.11 -36.22 -46.37
N LYS C 116 18.33 -35.02 -45.85
CA LYS C 116 18.06 -34.69 -44.43
C LYS C 116 16.55 -34.80 -44.20
N ALA C 117 15.74 -34.29 -45.12
CA ALA C 117 14.27 -34.36 -45.01
C ALA C 117 13.85 -35.83 -44.95
N THR C 118 14.45 -36.66 -45.81
CA THR C 118 14.15 -38.11 -45.88
C THR C 118 14.56 -38.76 -44.55
N ASP C 119 15.72 -38.38 -44.02
CA ASP C 119 16.29 -38.96 -42.77
C ASP C 119 15.37 -38.62 -41.61
N VAL C 120 14.87 -37.38 -41.56
CA VAL C 120 13.93 -36.91 -40.50
C VAL C 120 12.62 -37.70 -40.62
N LEU C 121 12.07 -37.79 -41.83
CA LEU C 121 10.79 -38.51 -42.05
C LEU C 121 10.95 -39.96 -41.58
N TYR C 122 12.07 -40.59 -41.92
CA TYR C 122 12.35 -42.00 -41.55
C TYR C 122 12.45 -42.11 -40.03
N ALA C 123 13.18 -41.20 -39.37
CA ALA C 123 13.30 -41.18 -37.89
C ALA C 123 11.91 -41.02 -37.26
N LEU C 124 10.99 -40.29 -37.91
CA LEU C 124 9.61 -40.08 -37.41
C LEU C 124 8.74 -41.31 -37.69
N GLY C 125 9.23 -42.24 -38.52
CA GLY C 125 8.48 -43.44 -38.93
C GLY C 125 7.46 -43.14 -40.03
N GLY C 126 7.66 -42.08 -40.78
CA GLY C 126 6.77 -41.66 -41.89
C GLY C 126 7.09 -42.33 -43.21
N SER C 127 6.24 -42.13 -44.22
CA SER C 127 6.31 -42.82 -45.53
C SER C 127 6.17 -41.85 -46.71
N GLU C 128 5.84 -40.58 -46.50
CA GLU C 128 5.55 -39.66 -47.63
C GLU C 128 6.33 -38.36 -47.52
N LEU C 129 7.16 -38.06 -48.52
CA LEU C 129 7.80 -36.75 -48.70
C LEU C 129 7.24 -36.12 -49.97
N CYS C 130 6.45 -35.05 -49.84
CA CYS C 130 5.72 -34.45 -50.97
C CYS C 130 6.02 -32.96 -51.10
N GLY C 131 5.49 -32.34 -52.15
CA GLY C 131 5.62 -30.89 -52.32
C GLY C 131 6.53 -30.56 -53.46
N VAL C 132 7.03 -29.32 -53.47
CA VAL C 132 7.88 -28.81 -54.58
C VAL C 132 9.32 -29.20 -54.25
N ILE C 133 9.61 -30.48 -54.43
CA ILE C 133 10.90 -31.13 -54.04
C ILE C 133 11.85 -31.19 -55.23
N TYR C 134 11.42 -30.74 -56.40
CA TYR C 134 12.12 -30.94 -57.70
C TYR C 134 12.63 -29.61 -58.27
N CYS C 135 12.36 -28.51 -57.58
CA CYS C 135 12.81 -27.16 -57.99
C CYS C 135 12.65 -26.18 -56.85
N ALA C 136 13.16 -24.96 -57.03
CA ALA C 136 12.92 -23.80 -56.12
C ALA C 136 11.47 -23.38 -56.30
N LEU C 137 10.71 -23.31 -55.21
CA LEU C 137 9.32 -22.80 -55.20
C LEU C 137 9.36 -21.29 -55.42
N GLY C 138 8.80 -20.83 -56.54
CA GLY C 138 8.69 -19.39 -56.77
C GLY C 138 8.74 -19.03 -58.24
N LYS C 139 8.93 -17.74 -58.50
CA LYS C 139 8.86 -17.16 -59.86
CA LYS C 139 8.86 -17.18 -59.87
C LYS C 139 10.21 -17.34 -60.56
N TYR C 140 10.22 -18.07 -61.67
CA TYR C 140 11.41 -18.25 -62.53
C TYR C 140 11.44 -17.08 -63.51
N PRO C 141 12.64 -16.56 -63.85
CA PRO C 141 12.75 -15.41 -64.75
C PRO C 141 12.50 -15.76 -66.22
N GLY C 142 12.47 -17.07 -66.53
CA GLY C 142 12.31 -17.55 -67.91
C GLY C 142 12.01 -19.04 -67.94
N PRO C 143 11.76 -19.61 -69.14
CA PRO C 143 11.37 -21.02 -69.27
C PRO C 143 12.53 -21.94 -68.89
N ALA C 144 12.21 -23.14 -68.43
CA ALA C 144 13.19 -24.19 -68.07
C ALA C 144 13.88 -24.67 -69.34
N SER C 145 15.22 -24.74 -69.31
CA SER C 145 16.03 -25.39 -70.37
C SER C 145 15.87 -26.92 -70.26
N ARG C 146 16.24 -27.64 -71.32
CA ARG C 146 16.34 -29.12 -71.27
C ARG C 146 17.26 -29.50 -70.11
N GLU C 147 18.35 -28.76 -69.89
CA GLU C 147 19.34 -29.05 -68.80
C GLU C 147 18.66 -28.87 -67.43
N ASN C 148 17.93 -27.79 -67.22
CA ASN C 148 17.16 -27.55 -65.96
C ASN C 148 16.32 -28.79 -65.66
N ARG C 149 15.57 -29.30 -66.63
CA ARG C 149 14.65 -30.46 -66.44
C ARG C 149 15.47 -31.72 -66.15
N ALA C 150 16.53 -31.97 -66.93
CA ALA C 150 17.36 -33.19 -66.80
C ALA C 150 17.98 -33.19 -65.39
N ASN C 151 18.41 -32.02 -64.91
CA ASN C 151 19.05 -31.89 -63.58
C ASN C 151 18.02 -32.29 -62.52
N SER C 152 16.79 -31.83 -62.69
CA SER C 152 15.67 -32.13 -61.77
C SER C 152 15.35 -33.62 -61.79
N VAL C 153 15.21 -34.20 -62.99
CA VAL C 153 14.92 -35.65 -63.14
C VAL C 153 16.01 -36.43 -62.39
N ALA C 154 17.28 -36.07 -62.59
CA ALA C 154 18.40 -36.86 -62.03
C ALA C 154 18.35 -36.75 -60.50
N ALA C 155 18.09 -35.55 -59.98
CA ALA C 155 17.98 -35.30 -58.52
C ALA C 155 16.83 -36.14 -57.96
N MET C 156 15.70 -36.25 -58.67
CA MET C 156 14.54 -37.01 -58.15
C MET C 156 14.82 -38.52 -58.23
N GLN C 157 15.63 -38.98 -59.18
CA GLN C 157 16.11 -40.39 -59.20
C GLN C 157 16.99 -40.65 -57.97
N ARG C 158 17.93 -39.75 -57.68
CA ARG C 158 18.85 -39.93 -56.54
C ARG C 158 18.02 -39.93 -55.25
N LEU C 159 17.06 -39.03 -55.14
CA LEU C 159 16.20 -38.93 -53.93
C LEU C 159 15.34 -40.19 -53.78
N ALA C 160 14.66 -40.63 -54.85
CA ALA C 160 13.82 -41.85 -54.82
C ALA C 160 14.68 -43.03 -54.41
N ASP C 161 15.90 -43.11 -54.94
CA ASP C 161 16.82 -44.25 -54.66
C ASP C 161 17.25 -44.18 -53.20
N TYR C 162 17.47 -42.98 -52.67
CA TYR C 162 17.91 -42.77 -51.27
C TYR C 162 16.77 -43.15 -50.31
N ALA C 163 15.53 -42.88 -50.72
CA ALA C 163 14.31 -43.11 -49.91
C ALA C 163 13.92 -44.59 -49.90
N ALA C 164 14.34 -45.34 -50.91
CA ALA C 164 13.83 -46.71 -51.18
C ALA C 164 14.05 -47.60 -49.96
N ASP C 165 15.23 -47.55 -49.33
CA ASP C 165 15.54 -48.48 -48.22
C ASP C 165 14.94 -47.97 -46.91
N LYS C 166 14.15 -46.89 -46.96
CA LYS C 166 13.49 -46.25 -45.78
C LYS C 166 11.98 -46.34 -45.91
N GLY C 167 11.46 -47.01 -46.94
CA GLY C 167 10.02 -47.21 -47.15
C GLY C 167 9.31 -45.90 -47.40
N ILE C 168 9.99 -44.95 -48.05
CA ILE C 168 9.45 -43.59 -48.31
C ILE C 168 9.15 -43.44 -49.80
N ASN C 169 7.90 -43.03 -50.06
CA ASN C 169 7.44 -42.54 -51.37
C ASN C 169 7.76 -41.05 -51.46
N ILE C 170 8.12 -40.59 -52.66
CA ILE C 170 8.20 -39.13 -52.92
C ILE C 170 7.09 -38.78 -53.90
N ASP C 171 6.46 -37.64 -53.66
CA ASP C 171 5.29 -37.18 -54.45
C ASP C 171 5.61 -35.79 -54.98
N LEU C 172 5.73 -35.67 -56.30
CA LEU C 172 6.17 -34.41 -56.93
C LEU C 172 4.94 -33.52 -57.17
N GLU C 173 4.85 -32.41 -56.43
CA GLU C 173 3.64 -31.55 -56.47
C GLU C 173 3.69 -30.63 -57.67
N VAL C 174 2.76 -30.83 -58.60
CA VAL C 174 2.59 -29.90 -59.75
C VAL C 174 2.05 -28.59 -59.20
N VAL C 175 2.69 -27.47 -59.50
CA VAL C 175 2.21 -26.14 -59.06
C VAL C 175 2.10 -25.22 -60.27
N ASN C 176 1.46 -24.08 -60.08
CA ASN C 176 1.13 -23.16 -61.19
C ASN C 176 2.39 -22.47 -61.73
N ARG C 177 2.24 -21.84 -62.88
CA ARG C 177 3.31 -21.16 -63.65
C ARG C 177 4.11 -20.18 -62.77
N TYR C 178 3.49 -19.56 -61.76
CA TYR C 178 4.13 -18.48 -60.98
C TYR C 178 5.01 -19.10 -59.89
N GLU C 179 4.90 -20.41 -59.70
CA GLU C 179 5.61 -21.13 -58.60
C GLU C 179 6.58 -22.19 -59.13
N THR C 180 6.51 -22.55 -60.42
CA THR C 180 7.55 -23.39 -61.10
C THR C 180 7.47 -23.20 -62.61
N ASN C 181 8.59 -23.44 -63.29
CA ASN C 181 8.65 -23.52 -64.76
C ASN C 181 8.88 -24.98 -65.19
N ILE C 182 8.89 -25.94 -64.28
CA ILE C 182 9.21 -27.35 -64.67
C ILE C 182 7.95 -28.11 -65.11
N MET C 183 6.88 -28.08 -64.32
CA MET C 183 5.66 -28.88 -64.60
C MET C 183 4.48 -28.11 -64.01
N ASN C 184 3.47 -27.81 -64.82
CA ASN C 184 2.32 -26.96 -64.38
C ASN C 184 1.00 -27.73 -64.50
N THR C 185 0.99 -28.88 -65.18
CA THR C 185 -0.19 -29.77 -65.27
C THR C 185 0.19 -31.20 -64.85
N GLY C 186 -0.80 -31.96 -64.39
CA GLY C 186 -0.68 -33.39 -64.08
C GLY C 186 -0.10 -34.14 -65.27
N LEU C 187 -0.57 -33.80 -66.48
CA LEU C 187 -0.08 -34.49 -67.71
C LEU C 187 1.43 -34.26 -67.84
N GLU C 188 1.91 -33.03 -67.64
CA GLU C 188 3.35 -32.71 -67.70
C GLU C 188 4.06 -33.48 -66.58
N GLY C 189 3.45 -33.55 -65.39
CA GLY C 189 4.03 -34.29 -64.26
C GLY C 189 4.27 -35.74 -64.63
N LEU C 190 3.30 -36.38 -65.29
CA LEU C 190 3.37 -37.82 -65.65
C LEU C 190 4.52 -38.06 -66.65
N ALA C 191 4.73 -37.16 -67.61
CA ALA C 191 5.83 -37.28 -68.60
C ALA C 191 7.16 -37.16 -67.86
N PHE C 192 7.24 -36.25 -66.90
CA PHE C 192 8.45 -36.04 -66.06
C PHE C 192 8.72 -37.31 -65.25
N LEU C 193 7.70 -37.86 -64.61
CA LEU C 193 7.83 -39.10 -63.79
C LEU C 193 8.26 -40.29 -64.66
N ASP C 194 7.88 -40.33 -65.94
CA ASP C 194 8.32 -41.39 -66.88
C ASP C 194 9.84 -41.32 -67.00
N GLU C 195 10.40 -40.11 -67.05
CA GLU C 195 11.86 -39.88 -67.16
C GLU C 195 12.54 -40.27 -65.85
N VAL C 196 11.91 -39.96 -64.72
CA VAL C 196 12.44 -40.36 -63.38
C VAL C 196 12.48 -41.89 -63.31
N ASN C 197 11.39 -42.55 -63.70
CA ASN C 197 11.32 -44.03 -63.82
C ASN C 197 11.71 -44.68 -62.49
N ARG C 198 11.02 -44.30 -61.41
CA ARG C 198 11.19 -44.94 -60.07
C ARG C 198 9.82 -45.31 -59.53
N PRO C 199 9.64 -46.53 -58.98
CA PRO C 199 8.32 -46.99 -58.54
C PRO C 199 7.79 -46.27 -57.29
N ASN C 200 8.67 -45.63 -56.51
CA ASN C 200 8.26 -44.90 -55.27
C ASN C 200 8.16 -43.40 -55.55
N ALA C 201 8.12 -42.99 -56.81
CA ALA C 201 7.93 -41.58 -57.20
C ALA C 201 6.54 -41.47 -57.82
N PHE C 202 5.75 -40.53 -57.33
CA PHE C 202 4.32 -40.35 -57.67
C PHE C 202 4.04 -38.90 -58.05
N LEU C 203 2.89 -38.74 -58.70
CA LEU C 203 2.33 -37.41 -59.01
C LEU C 203 1.57 -36.89 -57.78
N HIS C 204 1.71 -35.59 -57.53
CA HIS C 204 0.99 -34.87 -56.45
C HIS C 204 0.24 -33.71 -57.10
N LEU C 205 -1.09 -33.70 -56.97
CA LEU C 205 -1.94 -32.63 -57.55
C LEU C 205 -2.49 -31.76 -56.41
N ASP C 206 -2.71 -30.49 -56.72
CA ASP C 206 -3.19 -29.47 -55.76
C ASP C 206 -4.30 -28.70 -56.46
N THR C 207 -5.51 -28.72 -55.92
CA THR C 207 -6.68 -28.14 -56.64
C THR C 207 -6.47 -26.64 -56.87
N TYR C 208 -5.76 -25.94 -55.99
CA TYR C 208 -5.48 -24.48 -56.14
C TYR C 208 -4.64 -24.26 -57.40
N HIS C 209 -3.62 -25.09 -57.60
CA HIS C 209 -2.75 -24.99 -58.80
C HIS C 209 -3.52 -25.48 -60.02
N MET C 210 -4.28 -26.56 -59.87
CA MET C 210 -5.09 -27.13 -60.97
C MET C 210 -6.08 -26.09 -61.48
N ASN C 211 -6.58 -25.24 -60.57
CA ASN C 211 -7.63 -24.24 -60.88
C ASN C 211 -7.11 -23.31 -61.98
N ILE C 212 -5.82 -23.02 -61.97
CA ILE C 212 -5.15 -22.14 -62.97
C ILE C 212 -4.84 -22.97 -64.23
N GLU C 213 -4.20 -24.14 -64.10
CA GLU C 213 -3.43 -24.74 -65.21
C GLU C 213 -4.20 -25.82 -65.98
N GLU C 214 -5.16 -26.51 -65.36
CA GLU C 214 -5.70 -27.77 -65.91
C GLU C 214 -6.86 -27.48 -66.88
N ASN C 215 -7.03 -28.38 -67.84
CA ASN C 215 -8.19 -28.40 -68.78
C ASN C 215 -9.35 -29.10 -68.06
N GLY C 216 -9.97 -28.42 -67.11
CA GLY C 216 -10.96 -29.04 -66.21
C GLY C 216 -10.25 -29.83 -65.12
N MET C 217 -11.01 -30.34 -64.17
CA MET C 217 -10.48 -30.86 -62.89
C MET C 217 -10.41 -32.40 -62.91
N ALA C 218 -10.66 -33.05 -64.05
CA ALA C 218 -10.72 -34.52 -64.15
C ALA C 218 -9.56 -35.12 -64.98
N LYS C 219 -9.13 -34.43 -66.04
CA LYS C 219 -8.25 -35.00 -67.11
C LYS C 219 -6.96 -35.58 -66.52
N SER C 220 -6.24 -34.82 -65.68
CA SER C 220 -4.94 -35.27 -65.11
C SER C 220 -5.15 -36.44 -64.14
N VAL C 221 -6.21 -36.39 -63.34
CA VAL C 221 -6.53 -37.46 -62.36
C VAL C 221 -6.77 -38.77 -63.13
N LEU C 222 -7.61 -38.73 -64.17
CA LEU C 222 -7.94 -39.95 -64.97
C LEU C 222 -6.68 -40.48 -65.66
N ALA C 223 -5.83 -39.59 -66.19
CA ALA C 223 -4.57 -39.99 -66.87
C ALA C 223 -3.61 -40.62 -65.86
N ALA C 224 -3.56 -40.07 -64.64
CA ALA C 224 -2.57 -40.48 -63.62
C ALA C 224 -2.91 -41.90 -63.10
N GLY C 225 -4.17 -42.17 -62.83
CA GLY C 225 -4.59 -43.42 -62.16
C GLY C 225 -3.74 -43.68 -60.92
N ASP C 226 -3.12 -44.86 -60.85
CA ASP C 226 -2.34 -45.32 -59.67
C ASP C 226 -1.08 -44.47 -59.48
N ARG C 227 -0.71 -43.66 -60.48
CA ARG C 227 0.50 -42.79 -60.39
C ARG C 227 0.17 -41.56 -59.53
N LEU C 228 -1.11 -41.28 -59.29
CA LEU C 228 -1.48 -40.16 -58.38
C LEU C 228 -1.28 -40.66 -56.96
N GLY C 229 -0.35 -40.05 -56.23
CA GLY C 229 0.11 -40.57 -54.93
C GLY C 229 -0.23 -39.64 -53.78
N TYR C 230 -0.67 -38.41 -54.06
CA TYR C 230 -0.85 -37.38 -53.00
C TYR C 230 -1.74 -36.28 -53.58
N VAL C 231 -2.61 -35.72 -52.74
CA VAL C 231 -3.54 -34.62 -53.14
C VAL C 231 -3.48 -33.50 -52.09
N HIS C 232 -3.41 -32.26 -52.57
CA HIS C 232 -3.71 -31.04 -51.76
C HIS C 232 -5.07 -30.50 -52.17
N ILE C 233 -5.88 -30.16 -51.17
CA ILE C 233 -7.17 -29.45 -51.36
C ILE C 233 -6.99 -27.99 -50.96
N GLY C 234 -7.11 -27.09 -51.94
CA GLY C 234 -7.15 -25.64 -51.71
C GLY C 234 -8.19 -24.98 -52.61
N GLU C 235 -8.91 -24.00 -52.09
CA GLU C 235 -9.91 -23.26 -52.89
C GLU C 235 -9.14 -22.35 -53.86
N SER C 236 -9.81 -21.83 -54.87
CA SER C 236 -9.20 -21.00 -55.94
C SER C 236 -8.38 -19.88 -55.30
N HIS C 237 -8.86 -19.26 -54.22
CA HIS C 237 -8.16 -18.11 -53.58
C HIS C 237 -7.45 -18.57 -52.32
N ARG C 238 -7.46 -19.88 -52.05
CA ARG C 238 -6.83 -20.54 -50.86
C ARG C 238 -7.59 -20.20 -49.57
N GLY C 239 -8.84 -19.76 -49.68
CA GLY C 239 -9.69 -19.40 -48.52
C GLY C 239 -10.56 -20.56 -48.10
N TYR C 240 -11.72 -20.28 -47.52
CA TYR C 240 -12.68 -21.33 -47.10
C TYR C 240 -13.07 -22.14 -48.32
N LEU C 241 -13.08 -23.47 -48.18
CA LEU C 241 -13.57 -24.39 -49.24
C LEU C 241 -15.02 -24.06 -49.56
N GLY C 242 -15.32 -23.82 -50.83
CA GLY C 242 -16.68 -23.59 -51.33
C GLY C 242 -17.02 -22.11 -51.46
N THR C 243 -16.07 -21.20 -51.18
CA THR C 243 -16.29 -19.74 -51.29
C THR C 243 -15.56 -19.19 -52.50
N GLY C 244 -14.99 -20.08 -53.32
CA GLY C 244 -14.23 -19.69 -54.53
C GLY C 244 -14.82 -20.32 -55.77
N ASN C 245 -13.96 -20.70 -56.72
CA ASN C 245 -14.37 -21.04 -58.11
C ASN C 245 -14.13 -22.53 -58.42
N VAL C 246 -13.46 -23.29 -57.55
CA VAL C 246 -13.03 -24.67 -57.93
C VAL C 246 -14.26 -25.57 -58.02
N ASP C 247 -14.37 -26.32 -59.10
CA ASP C 247 -15.41 -27.37 -59.24
C ASP C 247 -14.89 -28.61 -58.51
N PHE C 248 -15.07 -28.67 -57.20
CA PHE C 248 -14.68 -29.82 -56.34
C PHE C 248 -15.50 -31.07 -56.73
N ALA C 249 -16.77 -30.91 -57.13
CA ALA C 249 -17.61 -32.05 -57.53
C ALA C 249 -16.89 -32.84 -58.64
N SER C 250 -16.44 -32.15 -59.68
CA SER C 250 -15.72 -32.72 -60.84
C SER C 250 -14.46 -33.45 -60.36
N PHE C 251 -13.70 -32.80 -59.48
CA PHE C 251 -12.40 -33.32 -58.99
C PHE C 251 -12.62 -34.62 -58.20
N PHE C 252 -13.52 -34.58 -57.22
CA PHE C 252 -13.78 -35.75 -56.34
C PHE C 252 -14.41 -36.88 -57.16
N ALA C 253 -15.17 -36.57 -58.20
CA ALA C 253 -15.77 -37.59 -59.09
C ALA C 253 -14.63 -38.33 -59.82
N ALA C 254 -13.58 -37.61 -60.22
CA ALA C 254 -12.41 -38.20 -60.91
C ALA C 254 -11.66 -39.09 -59.91
N LEU C 255 -11.47 -38.62 -58.68
CA LEU C 255 -10.77 -39.40 -57.62
C LEU C 255 -11.54 -40.71 -57.39
N LYS C 256 -12.87 -40.64 -57.36
CA LYS C 256 -13.75 -41.84 -57.21
C LYS C 256 -13.52 -42.78 -58.41
N GLN C 257 -13.46 -42.23 -59.62
CA GLN C 257 -13.39 -43.06 -60.84
C GLN C 257 -12.06 -43.86 -60.85
N ILE C 258 -10.98 -43.32 -60.28
CA ILE C 258 -9.67 -44.03 -60.28
C ILE C 258 -9.48 -44.75 -58.95
N ASP C 259 -10.49 -44.73 -58.07
CA ASP C 259 -10.46 -45.41 -56.75
C ASP C 259 -9.24 -44.92 -55.99
N TYR C 260 -9.06 -43.60 -55.94
CA TYR C 260 -7.89 -42.97 -55.29
C TYR C 260 -7.83 -43.39 -53.81
N ARG C 261 -6.69 -43.94 -53.40
CA ARG C 261 -6.46 -44.38 -52.01
C ARG C 261 -5.12 -43.81 -51.54
N GLY C 262 -5.08 -42.51 -51.22
CA GLY C 262 -3.87 -41.84 -50.76
C GLY C 262 -4.20 -40.61 -49.92
N PRO C 263 -3.17 -39.91 -49.43
CA PRO C 263 -3.36 -38.71 -48.62
C PRO C 263 -4.08 -37.58 -49.35
N ILE C 264 -4.94 -36.89 -48.62
CA ILE C 264 -5.62 -35.64 -49.06
C ILE C 264 -5.42 -34.62 -47.95
N THR C 265 -4.54 -33.63 -48.13
CA THR C 265 -4.35 -32.62 -47.06
C THR C 265 -4.98 -31.30 -47.49
N PHE C 266 -5.70 -30.70 -46.55
CA PHE C 266 -6.24 -29.33 -46.65
C PHE C 266 -5.13 -28.35 -46.30
N GLU C 267 -4.95 -27.30 -47.09
CA GLU C 267 -3.95 -26.27 -46.75
C GLU C 267 -4.46 -24.87 -47.12
N SER C 268 -3.99 -23.91 -46.35
CA SER C 268 -4.04 -22.46 -46.65
C SER C 268 -2.90 -21.78 -45.91
N PHE C 269 -2.52 -20.59 -46.36
CA PHE C 269 -1.33 -19.86 -45.86
C PHE C 269 -1.74 -18.44 -45.49
N SER C 270 -1.85 -18.17 -44.19
CA SER C 270 -2.22 -16.86 -43.64
C SER C 270 -0.94 -16.08 -43.32
N SER C 271 -0.87 -14.81 -43.74
CA SER C 271 0.26 -13.89 -43.43
C SER C 271 0.30 -13.60 -41.92
N GLU C 272 -0.74 -13.97 -41.18
CA GLU C 272 -0.83 -13.80 -39.70
C GLU C 272 -0.04 -14.92 -39.02
N ILE C 273 0.20 -16.02 -39.73
CA ILE C 273 0.65 -17.30 -39.12
C ILE C 273 2.01 -17.67 -39.72
N VAL C 274 2.15 -17.66 -41.04
CA VAL C 274 3.37 -18.24 -41.67
C VAL C 274 4.52 -17.24 -41.65
N ASP C 275 5.71 -17.81 -41.86
CA ASP C 275 7.00 -17.13 -42.10
C ASP C 275 6.83 -16.06 -43.16
N PRO C 276 7.28 -14.82 -42.92
CA PRO C 276 7.28 -13.77 -43.94
C PRO C 276 7.85 -14.25 -45.29
N LYS C 277 8.94 -15.02 -45.26
CA LYS C 277 9.58 -15.63 -46.46
C LYS C 277 8.52 -16.35 -47.28
N LEU C 278 7.67 -17.16 -46.61
CA LEU C 278 6.70 -18.02 -47.32
C LEU C 278 5.50 -17.19 -47.77
N SER C 279 4.98 -16.31 -46.92
CA SER C 279 3.80 -15.47 -47.32
C SER C 279 4.21 -14.55 -48.46
N ASN C 280 5.46 -14.07 -48.51
CA ASN C 280 5.95 -13.20 -49.62
C ASN C 280 6.14 -14.06 -50.88
N THR C 281 6.72 -15.26 -50.77
CA THR C 281 6.92 -16.14 -51.95
C THR C 281 5.55 -16.51 -52.54
N LEU C 282 4.57 -16.80 -51.68
CA LEU C 282 3.21 -17.24 -52.12
C LEU C 282 2.30 -16.04 -52.38
N CYS C 283 2.82 -14.81 -52.24
CA CYS C 283 2.07 -13.55 -52.54
C CYS C 283 0.75 -13.51 -51.76
N VAL C 284 0.80 -13.78 -50.46
CA VAL C 284 -0.36 -13.68 -49.54
C VAL C 284 -0.43 -12.22 -49.06
N TRP C 285 -1.21 -11.40 -49.78
CA TRP C 285 -1.34 -9.94 -49.52
C TRP C 285 -2.61 -9.66 -48.71
N ARG C 286 -3.46 -10.67 -48.54
CA ARG C 286 -4.71 -10.55 -47.76
C ARG C 286 -5.06 -11.90 -47.16
N ASN C 287 -5.81 -11.89 -46.06
CA ASN C 287 -6.24 -13.11 -45.35
C ASN C 287 -7.76 -13.27 -45.46
N LEU C 288 -8.20 -14.42 -45.98
CA LEU C 288 -9.63 -14.73 -46.20
C LEU C 288 -10.18 -15.50 -45.00
N TRP C 289 -9.34 -15.68 -43.97
CA TRP C 289 -9.70 -16.39 -42.72
C TRP C 289 -8.76 -15.96 -41.60
N HIS C 290 -9.21 -16.12 -40.36
CA HIS C 290 -8.45 -15.69 -39.15
C HIS C 290 -8.45 -16.80 -38.11
N ASP C 291 -9.43 -17.69 -38.17
CA ASP C 291 -9.66 -18.75 -37.16
C ASP C 291 -9.24 -20.10 -37.77
N SER C 292 -8.05 -20.59 -37.39
CA SER C 292 -7.45 -21.86 -37.88
C SER C 292 -8.42 -23.03 -37.67
N ASP C 293 -9.01 -23.14 -36.47
CA ASP C 293 -9.88 -24.29 -36.10
C ASP C 293 -11.13 -24.27 -36.98
N ASP C 294 -11.71 -23.09 -37.18
CA ASP C 294 -12.99 -22.94 -37.93
C ASP C 294 -12.72 -23.29 -39.40
N LEU C 295 -11.62 -22.78 -39.94
CA LEU C 295 -11.23 -23.03 -41.35
C LEU C 295 -11.02 -24.54 -41.55
N ALA C 296 -10.17 -25.14 -40.73
CA ALA C 296 -9.77 -26.56 -40.87
C ALA C 296 -10.96 -27.46 -40.60
N GLY C 297 -11.79 -27.11 -39.61
CA GLY C 297 -12.95 -27.96 -39.22
C GLY C 297 -13.97 -28.03 -40.33
N LYS C 298 -14.23 -26.90 -40.97
CA LYS C 298 -15.18 -26.81 -42.10
C LYS C 298 -14.56 -27.52 -43.32
N ALA C 299 -13.24 -27.38 -43.52
CA ALA C 299 -12.56 -28.00 -44.66
C ALA C 299 -12.67 -29.53 -44.53
N LEU C 300 -12.45 -30.07 -43.33
CA LEU C 300 -12.50 -31.54 -43.14
C LEU C 300 -13.91 -32.03 -43.49
N GLU C 301 -14.92 -31.32 -42.99
CA GLU C 301 -16.34 -31.67 -43.19
C GLU C 301 -16.66 -31.62 -44.69
N PHE C 302 -16.20 -30.55 -45.36
CA PHE C 302 -16.38 -30.34 -46.82
C PHE C 302 -15.76 -31.51 -47.60
N ILE C 303 -14.54 -31.90 -47.26
CA ILE C 303 -13.83 -33.02 -47.93
C ILE C 303 -14.57 -34.34 -47.66
N LYS C 304 -14.91 -34.64 -46.40
CA LYS C 304 -15.56 -35.92 -46.02
C LYS C 304 -16.87 -36.08 -46.82
N GLN C 305 -17.66 -35.02 -46.98
CA GLN C 305 -18.99 -35.14 -47.62
C GLN C 305 -18.82 -35.29 -49.14
N ARG C 306 -17.69 -34.86 -49.71
CA ARG C 306 -17.43 -35.01 -51.17
C ARG C 306 -16.84 -36.39 -51.46
N LEU C 307 -16.28 -37.04 -50.44
CA LEU C 307 -15.76 -38.44 -50.51
C LEU C 307 -16.93 -39.40 -50.27
N MET D 22 -16.44 14.58 -66.17
CA MET D 22 -17.17 13.91 -67.29
C MET D 22 -16.46 12.61 -67.66
N ALA D 23 -17.23 11.54 -67.95
CA ALA D 23 -16.70 10.30 -68.56
C ALA D 23 -16.94 10.36 -70.08
N PHE D 24 -16.15 9.62 -70.85
CA PHE D 24 -16.25 9.63 -72.34
C PHE D 24 -17.03 8.40 -72.79
N PRO D 25 -17.78 8.50 -73.91
CA PRO D 25 -18.65 7.40 -74.33
C PRO D 25 -17.96 6.04 -74.42
N LYS D 26 -18.68 5.02 -73.93
CA LYS D 26 -18.34 3.59 -74.08
C LYS D 26 -19.46 2.91 -74.88
N ARG D 27 -19.13 1.85 -75.60
CA ARG D 27 -20.13 1.03 -76.32
C ARG D 27 -19.75 -0.44 -76.13
N LEU D 28 -20.73 -1.33 -76.24
CA LEU D 28 -20.48 -2.79 -76.22
C LEU D 28 -19.77 -3.14 -77.53
N GLU D 29 -18.48 -3.48 -77.45
CA GLU D 29 -17.65 -3.80 -78.64
C GLU D 29 -16.65 -4.88 -78.22
N ILE D 30 -16.31 -5.78 -79.14
CA ILE D 30 -15.44 -6.95 -78.85
C ILE D 30 -14.09 -6.70 -79.53
N GLY D 31 -13.00 -6.89 -78.80
CA GLY D 31 -11.64 -6.67 -79.30
C GLY D 31 -10.79 -7.90 -79.18
N GLY D 32 -9.68 -7.94 -79.93
CA GLY D 32 -8.61 -8.94 -79.80
C GLY D 32 -7.36 -8.28 -79.28
N HIS D 33 -6.69 -8.92 -78.30
CA HIS D 33 -5.41 -8.43 -77.77
C HIS D 33 -4.33 -8.71 -78.82
N ALA D 34 -3.38 -7.79 -78.97
CA ALA D 34 -2.28 -7.86 -79.97
C ALA D 34 -1.53 -9.19 -79.86
N LEU D 35 -1.26 -9.67 -78.64
CA LEU D 35 -0.37 -10.83 -78.38
C LEU D 35 -1.03 -12.13 -78.83
N VAL D 36 -2.27 -12.06 -79.32
CA VAL D 36 -2.90 -13.22 -79.98
C VAL D 36 -2.20 -13.43 -81.33
N TRP D 37 -1.65 -12.38 -81.93
CA TRP D 37 -1.08 -12.41 -83.30
C TRP D 37 0.40 -12.02 -83.34
N SER D 38 0.82 -11.00 -82.59
CA SER D 38 2.15 -10.35 -82.74
C SER D 38 2.78 -10.07 -81.38
N GLY D 39 4.07 -10.39 -81.26
CA GLY D 39 4.90 -10.10 -80.08
C GLY D 39 5.52 -8.73 -80.16
N ASP D 40 5.38 -8.03 -81.29
CA ASP D 40 5.98 -6.68 -81.44
C ASP D 40 5.00 -5.78 -82.19
N TRP D 41 5.37 -4.51 -82.36
CA TRP D 41 4.54 -3.53 -83.11
C TRP D 41 5.39 -2.91 -84.21
N SER D 42 6.25 -3.72 -84.81
CA SER D 42 6.94 -3.43 -86.09
C SER D 42 5.87 -3.21 -87.16
N ALA D 43 6.24 -2.68 -88.32
CA ALA D 43 5.31 -2.52 -89.46
C ALA D 43 4.63 -3.87 -89.73
N ALA D 44 5.41 -4.96 -89.73
CA ALA D 44 4.90 -6.33 -90.03
C ALA D 44 4.00 -6.82 -88.89
N GLY D 45 4.43 -6.61 -87.64
CA GLY D 45 3.70 -7.08 -86.45
C GLY D 45 2.36 -6.39 -86.29
N ALA D 46 2.36 -5.05 -86.42
CA ALA D 46 1.14 -4.21 -86.38
C ALA D 46 0.17 -4.67 -87.47
N ARG D 47 0.68 -4.92 -88.67
CA ARG D 47 -0.17 -5.39 -89.79
C ARG D 47 -0.72 -6.77 -89.45
N LYS D 48 0.11 -7.71 -89.00
CA LYS D 48 -0.37 -9.09 -88.72
C LYS D 48 -1.48 -9.04 -87.65
N ALA D 49 -1.32 -8.25 -86.60
CA ALA D 49 -2.29 -8.14 -85.50
C ALA D 49 -3.60 -7.50 -86.00
N ILE D 50 -3.51 -6.35 -86.69
CA ILE D 50 -4.71 -5.63 -87.19
C ILE D 50 -5.43 -6.49 -88.24
N ALA D 51 -4.70 -7.10 -89.18
CA ALA D 51 -5.30 -8.02 -90.19
C ALA D 51 -6.00 -9.18 -89.46
N GLY D 52 -5.36 -9.78 -88.45
CA GLY D 52 -5.91 -10.91 -87.70
C GLY D 52 -7.21 -10.54 -87.01
N ALA D 53 -7.21 -9.43 -86.27
CA ALA D 53 -8.40 -8.92 -85.56
C ALA D 53 -9.52 -8.64 -86.58
N ALA D 54 -9.18 -8.00 -87.70
CA ALA D 54 -10.18 -7.65 -88.74
C ALA D 54 -10.75 -8.94 -89.38
N ARG D 55 -9.88 -9.92 -89.65
CA ARG D 55 -10.27 -11.18 -90.34
C ARG D 55 -11.29 -11.93 -89.47
N ALA D 56 -11.06 -12.00 -88.15
CA ALA D 56 -11.92 -12.71 -87.18
C ALA D 56 -13.28 -12.01 -87.07
N GLY D 57 -13.30 -10.68 -87.26
CA GLY D 57 -14.53 -9.86 -87.14
C GLY D 57 -14.58 -9.07 -85.83
N PHE D 58 -13.47 -8.84 -85.16
CA PHE D 58 -13.43 -8.00 -83.95
C PHE D 58 -13.74 -6.53 -84.33
N ASP D 59 -14.26 -5.78 -83.36
CA ASP D 59 -14.59 -4.34 -83.50
C ASP D 59 -13.31 -3.51 -83.33
N TYR D 60 -12.38 -4.00 -82.52
CA TYR D 60 -11.12 -3.25 -82.25
C TYR D 60 -9.98 -4.22 -81.98
N ILE D 61 -8.76 -3.67 -82.10
CA ILE D 61 -7.50 -4.31 -81.64
C ILE D 61 -7.09 -3.60 -80.34
N GLU D 62 -6.62 -4.37 -79.36
CA GLU D 62 -6.03 -3.77 -78.13
C GLU D 62 -4.51 -3.83 -78.26
N ILE D 63 -3.90 -2.66 -78.41
CA ILE D 63 -2.43 -2.50 -78.60
C ILE D 63 -1.78 -2.53 -77.22
N ALA D 64 -0.75 -3.36 -77.07
CA ALA D 64 0.07 -3.48 -75.85
C ALA D 64 1.16 -2.39 -75.87
N LEU D 65 0.96 -1.31 -75.12
CA LEU D 65 1.79 -0.08 -75.15
C LEU D 65 2.81 -0.09 -74.00
N LEU D 66 3.43 -1.24 -73.69
CA LEU D 66 4.43 -1.31 -72.60
C LEU D 66 5.58 -0.34 -72.91
N ASP D 67 5.87 -0.13 -74.20
CA ASP D 67 6.87 0.85 -74.68
C ASP D 67 6.21 1.73 -75.73
N PRO D 68 5.53 2.82 -75.31
CA PRO D 68 4.79 3.68 -76.23
C PRO D 68 5.64 4.48 -77.22
N TRP D 69 6.97 4.49 -77.04
CA TRP D 69 7.94 5.19 -77.93
C TRP D 69 8.30 4.31 -79.13
N GLN D 70 8.02 3.00 -79.06
CA GLN D 70 8.25 2.03 -80.15
C GLN D 70 7.20 2.22 -81.26
N ILE D 71 6.04 2.80 -80.94
CA ILE D 71 4.85 2.85 -81.86
C ILE D 71 5.09 3.89 -82.96
N ASP D 72 5.11 3.46 -84.22
CA ASP D 72 4.97 4.35 -85.40
C ASP D 72 3.49 4.72 -85.53
N VAL D 73 3.11 5.91 -85.07
CA VAL D 73 1.68 6.32 -84.89
C VAL D 73 1.03 6.49 -86.26
N ALA D 74 1.69 7.18 -87.20
CA ALA D 74 1.17 7.43 -88.57
C ALA D 74 0.93 6.09 -89.27
N LEU D 75 1.89 5.16 -89.17
CA LEU D 75 1.80 3.82 -89.81
C LEU D 75 0.59 3.09 -89.22
N THR D 76 0.44 3.10 -87.89
CA THR D 76 -0.66 2.41 -87.19
C THR D 76 -2.00 3.00 -87.64
N LYS D 77 -2.11 4.33 -87.70
CA LYS D 77 -3.36 4.98 -88.16
C LYS D 77 -3.68 4.49 -89.57
N ASP D 78 -2.66 4.45 -90.44
CA ASP D 78 -2.83 3.99 -91.85
C ASP D 78 -3.38 2.57 -91.84
N LEU D 79 -2.84 1.68 -91.00
CA LEU D 79 -3.27 0.26 -90.94
C LEU D 79 -4.71 0.15 -90.45
N LEU D 80 -5.08 0.87 -89.38
CA LEU D 80 -6.44 0.82 -88.79
C LEU D 80 -7.46 1.26 -89.86
N GLN D 81 -7.11 2.25 -90.67
CA GLN D 81 -7.96 2.74 -91.78
C GLN D 81 -8.02 1.68 -92.89
N GLU D 82 -6.87 1.12 -93.26
CA GLU D 82 -6.76 0.07 -94.31
C GLU D 82 -7.71 -1.09 -93.97
N TYR D 83 -7.78 -1.49 -92.71
CA TYR D 83 -8.55 -2.68 -92.26
C TYR D 83 -9.86 -2.27 -91.56
N ASN D 84 -10.15 -0.97 -91.53
CA ASN D 84 -11.42 -0.41 -90.97
C ASN D 84 -11.62 -0.93 -89.55
N LEU D 85 -10.65 -0.70 -88.68
CA LEU D 85 -10.62 -1.26 -87.30
C LEU D 85 -10.40 -0.12 -86.29
N ARG D 86 -11.04 -0.20 -85.13
CA ARG D 86 -10.81 0.71 -83.98
C ARG D 86 -9.65 0.15 -83.13
N ALA D 87 -9.04 0.97 -82.29
CA ALA D 87 -7.96 0.56 -81.36
C ALA D 87 -8.25 1.11 -79.97
N HIS D 88 -8.01 0.27 -78.95
CA HIS D 88 -7.80 0.69 -77.55
C HIS D 88 -6.37 0.27 -77.16
N ALA D 89 -5.92 0.62 -75.97
CA ALA D 89 -4.56 0.27 -75.54
C ALA D 89 -4.59 -0.24 -74.10
N SER D 90 -3.71 -1.19 -73.82
CA SER D 90 -3.42 -1.63 -72.44
C SER D 90 -1.91 -1.60 -72.25
N LEU D 91 -1.47 -1.53 -71.00
CA LEU D 91 -0.04 -1.70 -70.67
C LEU D 91 0.07 -2.14 -69.23
N GLY D 92 1.27 -2.58 -68.85
CA GLY D 92 1.73 -2.64 -67.45
C GLY D 92 2.99 -1.81 -67.32
N LEU D 93 3.20 -1.18 -66.17
CA LEU D 93 4.47 -0.49 -65.86
C LEU D 93 5.51 -1.54 -65.46
N SER D 94 6.75 -1.11 -65.25
CA SER D 94 7.86 -2.00 -64.82
C SER D 94 8.53 -1.37 -63.59
N ALA D 95 9.56 -2.04 -63.06
CA ALA D 95 10.35 -1.52 -61.93
C ALA D 95 10.73 -0.05 -62.18
N ALA D 96 11.20 0.26 -63.39
CA ALA D 96 11.79 1.58 -63.74
C ALA D 96 10.70 2.67 -63.79
N THR D 97 9.42 2.28 -63.84
CA THR D 97 8.30 3.21 -64.10
C THR D 97 7.17 2.99 -63.08
N ASP D 98 7.47 2.37 -61.93
CA ASP D 98 6.45 1.96 -60.93
C ASP D 98 5.93 3.18 -60.15
N VAL D 99 4.66 3.53 -60.36
CA VAL D 99 4.06 4.75 -59.75
C VAL D 99 3.71 4.48 -58.27
N THR D 100 3.92 3.26 -57.77
CA THR D 100 3.78 2.97 -56.32
C THR D 100 5.11 3.26 -55.59
N SER D 101 6.19 3.48 -56.33
CA SER D 101 7.56 3.63 -55.75
C SER D 101 7.60 4.77 -54.73
N THR D 102 8.36 4.58 -53.65
CA THR D 102 8.72 5.62 -52.66
C THR D 102 9.86 6.48 -53.22
N ASP D 103 10.38 6.14 -54.41
CA ASP D 103 11.40 6.93 -55.15
C ASP D 103 10.68 7.84 -56.16
N PRO D 104 10.62 9.17 -55.91
CA PRO D 104 9.86 10.06 -56.79
C PRO D 104 10.37 10.10 -58.24
N ALA D 105 11.65 9.81 -58.47
CA ALA D 105 12.27 9.79 -59.81
C ALA D 105 11.62 8.68 -60.64
N ILE D 106 11.37 7.53 -60.02
CA ILE D 106 10.74 6.34 -60.65
C ILE D 106 9.26 6.67 -60.92
N VAL D 107 8.59 7.29 -59.97
CA VAL D 107 7.15 7.67 -60.13
C VAL D 107 7.03 8.63 -61.33
N ALA D 108 7.94 9.62 -61.41
CA ALA D 108 8.00 10.61 -62.51
C ALA D 108 8.19 9.88 -63.84
N LYS D 109 9.05 8.86 -63.90
CA LYS D 109 9.27 8.06 -65.12
C LYS D 109 7.96 7.36 -65.52
N GLY D 110 7.20 6.88 -64.52
CA GLY D 110 5.87 6.27 -64.73
C GLY D 110 4.92 7.27 -65.34
N ASP D 111 4.81 8.45 -64.71
CA ASP D 111 3.96 9.57 -65.18
C ASP D 111 4.25 9.81 -66.66
N GLU D 112 5.54 9.87 -67.02
CA GLU D 112 6.01 10.17 -68.39
C GLU D 112 5.55 9.06 -69.36
N LEU D 113 5.70 7.80 -68.99
CA LEU D 113 5.30 6.66 -69.85
C LEU D 113 3.78 6.72 -70.05
N LEU D 114 3.03 6.96 -68.97
CA LEU D 114 1.55 6.96 -69.00
C LEU D 114 1.04 8.11 -69.86
N ARG D 115 1.74 9.25 -69.86
CA ARG D 115 1.41 10.41 -70.72
C ARG D 115 1.65 10.03 -72.18
N LYS D 116 2.78 9.38 -72.47
CA LYS D 116 3.16 9.04 -73.87
C LYS D 116 2.12 8.06 -74.41
N ALA D 117 1.69 7.10 -73.59
CA ALA D 117 0.71 6.07 -73.97
C ALA D 117 -0.63 6.76 -74.26
N THR D 118 -0.99 7.75 -73.44
CA THR D 118 -2.22 8.56 -73.63
C THR D 118 -2.13 9.30 -74.96
N ASP D 119 -0.98 9.92 -75.25
CA ASP D 119 -0.70 10.70 -76.50
C ASP D 119 -0.89 9.81 -77.73
N VAL D 120 -0.35 8.59 -77.70
CA VAL D 120 -0.41 7.61 -78.82
C VAL D 120 -1.88 7.27 -79.07
N LEU D 121 -2.59 6.92 -78.00
CA LEU D 121 -3.99 6.48 -78.05
C LEU D 121 -4.82 7.60 -78.68
N TYR D 122 -4.62 8.83 -78.18
CA TYR D 122 -5.34 10.04 -78.62
C TYR D 122 -5.11 10.25 -80.11
N ALA D 123 -3.85 10.12 -80.55
CA ALA D 123 -3.44 10.32 -81.96
C ALA D 123 -4.12 9.26 -82.84
N LEU D 124 -4.38 8.07 -82.28
CA LEU D 124 -4.99 6.91 -83.00
C LEU D 124 -6.52 6.98 -82.93
N GLY D 125 -7.06 8.01 -82.26
CA GLY D 125 -8.51 8.24 -82.11
C GLY D 125 -9.16 7.30 -81.11
N GLY D 126 -8.37 6.68 -80.23
CA GLY D 126 -8.87 5.73 -79.22
C GLY D 126 -9.36 6.46 -78.00
N SER D 127 -10.13 5.76 -77.14
CA SER D 127 -10.82 6.35 -75.97
C SER D 127 -10.58 5.55 -74.69
N GLU D 128 -9.81 4.46 -74.71
CA GLU D 128 -9.65 3.61 -73.51
C GLU D 128 -8.17 3.25 -73.31
N LEU D 129 -7.61 3.71 -72.19
CA LEU D 129 -6.29 3.23 -71.70
C LEU D 129 -6.53 2.35 -70.48
N CYS D 130 -6.25 1.04 -70.60
CA CYS D 130 -6.58 0.05 -69.55
C CYS D 130 -5.36 -0.80 -69.19
N GLY D 131 -5.56 -1.77 -68.30
CA GLY D 131 -4.52 -2.71 -67.87
C GLY D 131 -3.91 -2.30 -66.55
N VAL D 132 -2.66 -2.73 -66.32
CA VAL D 132 -1.97 -2.52 -65.01
C VAL D 132 -1.18 -1.22 -65.11
N ILE D 133 -1.91 -0.10 -65.08
CA ILE D 133 -1.38 1.27 -65.32
C ILE D 133 -1.02 1.92 -63.98
N TYR D 134 -1.27 1.22 -62.88
CA TYR D 134 -1.26 1.79 -61.50
C TYR D 134 -0.08 1.22 -60.70
N CYS D 135 0.69 0.31 -61.29
CA CYS D 135 1.85 -0.31 -60.59
C CYS D 135 2.71 -1.04 -61.62
N ALA D 136 3.85 -1.57 -61.18
CA ALA D 136 4.66 -2.48 -62.01
C ALA D 136 3.94 -3.83 -62.06
N LEU D 137 3.79 -4.38 -63.25
CA LEU D 137 3.19 -5.71 -63.48
C LEU D 137 4.22 -6.76 -63.06
N GLY D 138 3.88 -7.60 -62.09
CA GLY D 138 4.69 -8.77 -61.73
C GLY D 138 4.70 -9.01 -60.24
N LYS D 139 5.67 -9.78 -59.77
CA LYS D 139 5.71 -10.25 -58.37
CA LYS D 139 5.72 -10.26 -58.37
C LYS D 139 6.36 -9.19 -57.48
N TYR D 140 5.60 -8.69 -56.50
CA TYR D 140 6.14 -7.76 -55.48
C TYR D 140 6.83 -8.59 -54.40
N PRO D 141 7.89 -8.03 -53.76
CA PRO D 141 8.65 -8.77 -52.75
C PRO D 141 7.98 -8.77 -51.38
N GLY D 142 6.87 -8.04 -51.26
CA GLY D 142 6.13 -7.92 -50.00
C GLY D 142 4.84 -7.13 -50.21
N PRO D 143 3.99 -7.04 -49.17
CA PRO D 143 2.69 -6.37 -49.30
C PRO D 143 2.89 -4.87 -49.52
N ALA D 144 1.92 -4.23 -50.16
CA ALA D 144 1.95 -2.78 -50.43
C ALA D 144 1.76 -2.02 -49.11
N SER D 145 2.55 -0.96 -48.92
CA SER D 145 2.41 0.00 -47.81
C SER D 145 1.27 0.97 -48.14
N ARG D 146 0.80 1.73 -47.13
CA ARG D 146 -0.18 2.81 -47.32
C ARG D 146 0.40 3.84 -48.30
N GLU D 147 1.71 4.07 -48.22
CA GLU D 147 2.46 4.98 -49.11
C GLU D 147 2.40 4.48 -50.56
N ASN D 148 2.72 3.19 -50.79
CA ASN D 148 2.65 2.57 -52.15
C ASN D 148 1.29 2.89 -52.75
N ARG D 149 0.23 2.60 -51.98
CA ARG D 149 -1.17 2.79 -52.44
C ARG D 149 -1.41 4.28 -52.70
N ALA D 150 -1.01 5.16 -51.79
CA ALA D 150 -1.29 6.62 -51.89
C ALA D 150 -0.59 7.18 -53.13
N ASN D 151 0.64 6.72 -53.39
CA ASN D 151 1.45 7.15 -54.56
C ASN D 151 0.69 6.75 -55.83
N SER D 152 0.16 5.53 -55.85
CA SER D 152 -0.55 4.94 -57.00
C SER D 152 -1.82 5.77 -57.25
N VAL D 153 -2.58 6.04 -56.19
CA VAL D 153 -3.87 6.80 -56.31
C VAL D 153 -3.58 8.18 -56.92
N ALA D 154 -2.53 8.86 -56.45
CA ALA D 154 -2.14 10.22 -56.90
C ALA D 154 -1.72 10.18 -58.37
N ALA D 155 -0.95 9.16 -58.76
CA ALA D 155 -0.49 8.97 -60.15
C ALA D 155 -1.71 8.78 -61.06
N MET D 156 -2.72 8.05 -60.59
CA MET D 156 -3.93 7.73 -61.39
C MET D 156 -4.82 8.96 -61.49
N GLN D 157 -4.78 9.85 -60.49
CA GLN D 157 -5.46 11.16 -60.59
C GLN D 157 -4.76 12.01 -61.66
N ARG D 158 -3.44 12.15 -61.61
CA ARG D 158 -2.67 12.92 -62.63
C ARG D 158 -2.95 12.33 -64.02
N LEU D 159 -2.97 11.00 -64.16
CA LEU D 159 -3.19 10.33 -65.47
C LEU D 159 -4.62 10.58 -65.94
N ALA D 160 -5.62 10.32 -65.08
CA ALA D 160 -7.05 10.53 -65.42
C ALA D 160 -7.26 11.97 -65.91
N ASP D 161 -6.59 12.94 -65.27
CA ASP D 161 -6.74 14.39 -65.57
C ASP D 161 -6.12 14.70 -66.94
N TYR D 162 -4.95 14.13 -67.23
CA TYR D 162 -4.26 14.26 -68.53
C TYR D 162 -5.11 13.61 -69.63
N ALA D 163 -5.62 12.41 -69.35
CA ALA D 163 -6.43 11.61 -70.31
C ALA D 163 -7.75 12.34 -70.61
N ALA D 164 -8.32 13.05 -69.62
CA ALA D 164 -9.64 13.71 -69.74
C ALA D 164 -9.56 14.83 -70.79
N ASP D 165 -8.41 15.50 -70.90
CA ASP D 165 -8.14 16.56 -71.90
C ASP D 165 -8.10 15.96 -73.32
N LYS D 166 -7.98 14.64 -73.44
CA LYS D 166 -7.78 13.95 -74.74
C LYS D 166 -8.91 12.95 -74.98
N GLY D 167 -10.02 13.08 -74.27
CA GLY D 167 -11.24 12.25 -74.48
C GLY D 167 -11.03 10.79 -74.14
N ILE D 168 -10.10 10.48 -73.23
CA ILE D 168 -9.75 9.08 -72.89
C ILE D 168 -10.21 8.76 -71.46
N ASN D 169 -10.91 7.64 -71.31
CA ASN D 169 -11.20 6.95 -70.02
C ASN D 169 -10.02 6.05 -69.66
N ILE D 170 -9.68 5.97 -68.37
CA ILE D 170 -8.68 4.98 -67.89
C ILE D 170 -9.43 3.91 -67.10
N ASP D 171 -9.04 2.65 -67.31
CA ASP D 171 -9.68 1.48 -66.66
C ASP D 171 -8.58 0.68 -65.94
N LEU D 172 -8.68 0.57 -64.62
CA LEU D 172 -7.60 -0.01 -63.78
C LEU D 172 -7.85 -1.52 -63.70
N GLU D 173 -6.96 -2.31 -64.28
CA GLU D 173 -7.16 -3.78 -64.35
C GLU D 173 -6.76 -4.43 -63.03
N VAL D 174 -7.73 -5.05 -62.36
CA VAL D 174 -7.48 -5.95 -61.21
C VAL D 174 -6.79 -7.21 -61.73
N VAL D 175 -5.63 -7.55 -61.19
CA VAL D 175 -4.90 -8.76 -61.61
C VAL D 175 -4.53 -9.55 -60.35
N ASN D 176 -4.09 -10.80 -60.54
CA ASN D 176 -3.92 -11.75 -59.42
C ASN D 176 -2.70 -11.35 -58.58
N ARG D 177 -2.59 -11.97 -57.40
CA ARG D 177 -1.57 -11.72 -56.36
C ARG D 177 -0.14 -11.78 -56.94
N TYR D 178 0.09 -12.59 -57.96
CA TYR D 178 1.45 -12.81 -58.54
C TYR D 178 1.82 -11.67 -59.51
N GLU D 179 0.89 -10.77 -59.78
CA GLU D 179 1.04 -9.72 -60.83
C GLU D 179 0.84 -8.31 -60.24
N THR D 180 0.26 -8.21 -59.03
CA THR D 180 0.23 -6.95 -58.24
C THR D 180 -0.06 -7.25 -56.77
N ASN D 181 0.36 -6.32 -55.90
CA ASN D 181 0.01 -6.31 -54.46
C ASN D 181 -1.00 -5.20 -54.16
N ILE D 182 -1.44 -4.42 -55.16
CA ILE D 182 -2.26 -3.19 -54.91
C ILE D 182 -3.76 -3.54 -54.83
N MET D 183 -4.26 -4.31 -55.80
CA MET D 183 -5.68 -4.72 -55.88
C MET D 183 -5.78 -6.07 -56.57
N ASN D 184 -6.45 -7.04 -55.95
CA ASN D 184 -6.53 -8.42 -56.47
C ASN D 184 -7.99 -8.83 -56.70
N THR D 185 -8.95 -8.10 -56.14
CA THR D 185 -10.40 -8.35 -56.39
C THR D 185 -11.07 -7.07 -56.91
N GLY D 186 -12.20 -7.23 -57.60
CA GLY D 186 -12.98 -6.08 -58.08
C GLY D 186 -13.38 -5.16 -56.94
N LEU D 187 -13.78 -5.72 -55.80
CA LEU D 187 -14.20 -4.93 -54.62
C LEU D 187 -13.04 -4.03 -54.17
N GLU D 188 -11.82 -4.59 -54.09
CA GLU D 188 -10.61 -3.81 -53.74
C GLU D 188 -10.40 -2.72 -54.80
N GLY D 189 -10.59 -3.05 -56.08
CA GLY D 189 -10.37 -2.10 -57.18
C GLY D 189 -11.32 -0.91 -57.06
N LEU D 190 -12.59 -1.18 -56.73
CA LEU D 190 -13.65 -0.16 -56.53
C LEU D 190 -13.30 0.76 -55.34
N ALA D 191 -12.73 0.21 -54.26
CA ALA D 191 -12.35 1.01 -53.07
C ALA D 191 -11.17 1.91 -53.47
N PHE D 192 -10.24 1.39 -54.26
CA PHE D 192 -9.10 2.19 -54.81
C PHE D 192 -9.67 3.34 -55.66
N LEU D 193 -10.65 3.04 -56.50
CA LEU D 193 -11.26 4.04 -57.42
C LEU D 193 -11.98 5.13 -56.61
N ASP D 194 -12.52 4.79 -55.45
CA ASP D 194 -13.14 5.79 -54.54
C ASP D 194 -12.09 6.87 -54.26
N GLU D 195 -10.84 6.48 -54.00
CA GLU D 195 -9.76 7.41 -53.60
C GLU D 195 -9.30 8.20 -54.83
N VAL D 196 -9.20 7.55 -55.99
CA VAL D 196 -8.79 8.26 -57.23
C VAL D 196 -9.79 9.40 -57.47
N ASN D 197 -11.08 9.09 -57.31
CA ASN D 197 -12.19 10.07 -57.35
C ASN D 197 -12.11 10.88 -58.66
N ARG D 198 -12.13 10.18 -59.80
CA ARG D 198 -12.15 10.82 -61.14
C ARG D 198 -13.26 10.18 -61.97
N PRO D 199 -14.09 10.99 -62.67
CA PRO D 199 -15.24 10.45 -63.39
C PRO D 199 -14.89 9.62 -64.64
N ASN D 200 -13.66 9.78 -65.15
CA ASN D 200 -13.19 9.03 -66.36
C ASN D 200 -12.27 7.88 -65.96
N ALA D 201 -12.22 7.52 -64.67
CA ALA D 201 -11.49 6.36 -64.12
C ALA D 201 -12.49 5.25 -63.77
N PHE D 202 -12.25 4.03 -64.26
CA PHE D 202 -13.17 2.88 -64.14
C PHE D 202 -12.45 1.63 -63.66
N LEU D 203 -13.23 0.63 -63.27
CA LEU D 203 -12.75 -0.75 -62.96
C LEU D 203 -12.60 -1.53 -64.27
N HIS D 204 -11.55 -2.34 -64.34
CA HIS D 204 -11.24 -3.27 -65.45
C HIS D 204 -11.11 -4.66 -64.83
N LEU D 205 -12.02 -5.58 -65.18
CA LEU D 205 -12.02 -6.99 -64.70
C LEU D 205 -11.53 -7.90 -65.82
N ASP D 206 -10.83 -8.96 -65.43
CA ASP D 206 -10.25 -9.99 -66.33
C ASP D 206 -10.62 -11.36 -65.78
N THR D 207 -11.36 -12.17 -66.53
CA THR D 207 -11.89 -13.47 -66.02
C THR D 207 -10.73 -14.39 -65.59
N TYR D 208 -9.57 -14.29 -66.22
CA TYR D 208 -8.41 -15.15 -65.87
C TYR D 208 -7.97 -14.84 -64.43
N HIS D 209 -7.83 -13.55 -64.12
CA HIS D 209 -7.45 -13.05 -62.76
C HIS D 209 -8.58 -13.32 -61.77
N MET D 210 -9.84 -13.13 -62.18
CA MET D 210 -11.01 -13.35 -61.31
C MET D 210 -11.07 -14.84 -60.92
N ASN D 211 -10.71 -15.72 -61.85
CA ASN D 211 -10.70 -17.19 -61.66
C ASN D 211 -9.88 -17.56 -60.41
N ILE D 212 -8.78 -16.84 -60.15
CA ILE D 212 -7.92 -17.08 -58.96
C ILE D 212 -8.54 -16.39 -57.73
N GLU D 213 -8.91 -15.11 -57.82
CA GLU D 213 -9.06 -14.24 -56.63
C GLU D 213 -10.51 -14.03 -56.17
N GLU D 214 -11.50 -14.21 -57.04
CA GLU D 214 -12.88 -13.74 -56.74
C GLU D 214 -13.68 -14.83 -56.02
N ASN D 215 -14.61 -14.41 -55.18
CA ASN D 215 -15.64 -15.30 -54.57
C ASN D 215 -16.75 -15.50 -55.60
N GLY D 216 -16.52 -16.34 -56.60
CA GLY D 216 -17.45 -16.50 -57.73
C GLY D 216 -17.29 -15.36 -58.73
N MET D 217 -17.94 -15.47 -59.88
CA MET D 217 -17.65 -14.62 -61.06
C MET D 217 -18.66 -13.48 -61.20
N ALA D 218 -19.53 -13.28 -60.21
CA ALA D 218 -20.66 -12.31 -60.25
C ALA D 218 -20.43 -11.15 -59.28
N LYS D 219 -19.93 -11.44 -58.08
CA LYS D 219 -19.99 -10.49 -56.94
C LYS D 219 -19.42 -9.12 -57.34
N SER D 220 -18.21 -9.08 -57.92
CA SER D 220 -17.50 -7.81 -58.24
C SER D 220 -18.24 -7.06 -59.36
N VAL D 221 -18.76 -7.79 -60.36
CA VAL D 221 -19.52 -7.20 -61.49
C VAL D 221 -20.73 -6.45 -60.93
N LEU D 222 -21.50 -7.11 -60.05
CA LEU D 222 -22.73 -6.55 -59.45
C LEU D 222 -22.39 -5.33 -58.59
N ALA D 223 -21.32 -5.39 -57.79
CA ALA D 223 -20.84 -4.25 -56.96
C ALA D 223 -20.43 -3.09 -57.87
N ALA D 224 -19.79 -3.36 -59.01
CA ALA D 224 -19.18 -2.34 -59.88
C ALA D 224 -20.27 -1.51 -60.57
N GLY D 225 -21.31 -2.17 -61.09
CA GLY D 225 -22.33 -1.54 -61.94
C GLY D 225 -21.69 -0.64 -62.97
N ASP D 226 -22.08 0.64 -63.01
CA ASP D 226 -21.66 1.61 -64.05
C ASP D 226 -20.16 1.91 -63.92
N ARG D 227 -19.52 1.45 -62.84
CA ARG D 227 -18.07 1.73 -62.64
C ARG D 227 -17.23 0.68 -63.35
N LEU D 228 -17.80 -0.44 -63.81
CA LEU D 228 -17.09 -1.42 -64.66
C LEU D 228 -16.95 -0.82 -66.05
N GLY D 229 -15.72 -0.49 -66.48
CA GLY D 229 -15.50 0.26 -67.73
C GLY D 229 -14.83 -0.55 -68.82
N TYR D 230 -14.33 -1.75 -68.50
CA TYR D 230 -13.53 -2.56 -69.45
C TYR D 230 -13.47 -4.00 -68.93
N VAL D 231 -13.51 -4.96 -69.84
CA VAL D 231 -13.46 -6.42 -69.52
C VAL D 231 -12.42 -7.12 -70.40
N HIS D 232 -11.60 -7.98 -69.79
CA HIS D 232 -10.82 -9.01 -70.52
C HIS D 232 -11.46 -10.38 -70.31
N ILE D 233 -11.60 -11.13 -71.42
CA ILE D 233 -12.03 -12.55 -71.42
C ILE D 233 -10.80 -13.42 -71.64
N GLY D 234 -10.41 -14.15 -70.60
CA GLY D 234 -9.34 -15.16 -70.65
C GLY D 234 -9.80 -16.42 -69.96
N GLU D 235 -9.49 -17.58 -70.54
CA GLU D 235 -9.75 -18.89 -69.88
C GLU D 235 -8.79 -19.00 -68.69
N SER D 236 -9.07 -19.93 -67.79
CA SER D 236 -8.30 -20.16 -66.53
C SER D 236 -6.81 -20.30 -66.82
N HIS D 237 -6.46 -20.95 -67.93
CA HIS D 237 -5.06 -21.25 -68.34
C HIS D 237 -4.61 -20.28 -69.45
N ARG D 238 -5.50 -19.38 -69.87
CA ARG D 238 -5.21 -18.30 -70.85
C ARG D 238 -5.16 -18.85 -72.29
N GLY D 239 -5.68 -20.07 -72.51
CA GLY D 239 -5.76 -20.67 -73.85
C GLY D 239 -7.16 -20.59 -74.45
N TYR D 240 -7.59 -21.64 -75.15
CA TYR D 240 -8.89 -21.68 -75.87
C TYR D 240 -10.02 -21.49 -74.86
N LEU D 241 -10.96 -20.60 -75.15
CA LEU D 241 -12.14 -20.37 -74.28
C LEU D 241 -12.96 -21.67 -74.22
N GLY D 242 -13.38 -22.06 -73.01
CA GLY D 242 -14.27 -23.20 -72.78
C GLY D 242 -13.51 -24.50 -72.61
N THR D 243 -12.17 -24.46 -72.54
CA THR D 243 -11.32 -25.66 -72.35
C THR D 243 -10.71 -25.66 -70.95
N GLY D 244 -11.10 -24.69 -70.11
CA GLY D 244 -10.55 -24.51 -68.76
C GLY D 244 -11.62 -24.57 -67.68
N ASN D 245 -11.49 -23.72 -66.65
CA ASN D 245 -12.26 -23.84 -65.39
C ASN D 245 -13.20 -22.65 -65.19
N VAL D 246 -13.13 -21.62 -66.04
CA VAL D 246 -13.89 -20.36 -65.78
C VAL D 246 -15.38 -20.62 -66.03
N ASP D 247 -16.21 -20.26 -65.06
CA ASP D 247 -17.70 -20.25 -65.17
C ASP D 247 -18.10 -18.99 -65.93
N PHE D 248 -17.97 -19.03 -67.26
CA PHE D 248 -18.32 -17.88 -68.13
C PHE D 248 -19.83 -17.60 -68.06
N ALA D 249 -20.65 -18.64 -67.85
CA ALA D 249 -22.12 -18.49 -67.77
C ALA D 249 -22.44 -17.51 -66.64
N SER D 250 -21.86 -17.70 -65.45
CA SER D 250 -22.08 -16.82 -64.28
C SER D 250 -21.61 -15.39 -64.56
N PHE D 251 -20.43 -15.24 -65.17
CA PHE D 251 -19.82 -13.92 -65.46
C PHE D 251 -20.72 -13.13 -66.42
N PHE D 252 -21.10 -13.75 -67.54
CA PHE D 252 -21.90 -13.06 -68.59
C PHE D 252 -23.30 -12.76 -68.05
N ALA D 253 -23.87 -13.63 -67.21
CA ALA D 253 -25.17 -13.37 -66.55
C ALA D 253 -25.06 -12.09 -65.70
N ALA D 254 -23.94 -11.90 -65.00
CA ALA D 254 -23.71 -10.71 -64.15
C ALA D 254 -23.61 -9.48 -65.06
N LEU D 255 -22.89 -9.58 -66.17
CA LEU D 255 -22.74 -8.47 -67.17
C LEU D 255 -24.13 -8.06 -67.67
N LYS D 256 -24.99 -9.05 -67.94
CA LYS D 256 -26.38 -8.83 -68.40
C LYS D 256 -27.15 -8.11 -67.30
N GLN D 257 -27.03 -8.57 -66.05
CA GLN D 257 -27.76 -8.00 -64.89
C GLN D 257 -27.47 -6.50 -64.77
N ILE D 258 -26.21 -6.08 -64.88
CA ILE D 258 -25.80 -4.63 -64.71
C ILE D 258 -25.92 -3.88 -66.04
N ASP D 259 -26.32 -4.56 -67.12
CA ASP D 259 -26.44 -3.98 -68.49
C ASP D 259 -25.08 -3.37 -68.89
N TYR D 260 -24.00 -4.17 -68.82
CA TYR D 260 -22.65 -3.73 -69.19
C TYR D 260 -22.64 -3.31 -70.65
N ARG D 261 -22.13 -2.11 -70.95
CA ARG D 261 -21.97 -1.58 -72.33
C ARG D 261 -20.58 -0.97 -72.48
N GLY D 262 -19.57 -1.82 -72.63
CA GLY D 262 -18.17 -1.38 -72.72
C GLY D 262 -17.34 -2.40 -73.48
N PRO D 263 -16.04 -2.11 -73.67
CA PRO D 263 -15.16 -3.02 -74.39
C PRO D 263 -15.08 -4.39 -73.71
N ILE D 264 -14.94 -5.43 -74.52
CA ILE D 264 -14.65 -6.82 -74.09
C ILE D 264 -13.54 -7.36 -74.99
N THR D 265 -12.33 -7.51 -74.45
CA THR D 265 -11.16 -8.00 -75.22
C THR D 265 -10.93 -9.48 -74.93
N PHE D 266 -10.78 -10.29 -75.99
CA PHE D 266 -10.27 -11.67 -75.89
C PHE D 266 -8.76 -11.58 -75.70
N GLU D 267 -8.27 -12.20 -74.63
CA GLU D 267 -6.85 -12.17 -74.23
C GLU D 267 -6.35 -13.60 -74.07
N SER D 268 -5.22 -13.92 -74.70
CA SER D 268 -4.68 -15.29 -74.68
C SER D 268 -3.18 -15.22 -74.91
N PHE D 269 -2.46 -16.05 -74.18
CA PHE D 269 -0.99 -16.09 -74.20
C PHE D 269 -0.60 -17.55 -74.38
N SER D 270 0.21 -17.75 -75.43
CA SER D 270 0.90 -19.01 -75.75
C SER D 270 2.38 -18.69 -75.99
N SER D 271 3.30 -19.57 -75.59
CA SER D 271 4.75 -19.43 -75.90
C SER D 271 4.96 -19.32 -77.42
N GLU D 272 3.96 -19.71 -78.21
CA GLU D 272 3.94 -19.61 -79.69
C GLU D 272 4.30 -18.18 -80.12
N ILE D 273 3.78 -17.19 -79.40
CA ILE D 273 3.98 -15.74 -79.70
C ILE D 273 4.43 -15.05 -78.41
N VAL D 274 5.62 -14.44 -78.45
CA VAL D 274 6.36 -13.99 -77.25
C VAL D 274 6.75 -12.52 -77.45
N ASP D 275 6.33 -11.68 -76.51
CA ASP D 275 6.89 -10.33 -76.26
C ASP D 275 7.87 -10.51 -75.10
N PRO D 276 9.17 -10.34 -75.35
CA PRO D 276 10.16 -10.61 -74.32
C PRO D 276 9.87 -9.78 -73.06
N LYS D 277 9.15 -8.65 -73.22
CA LYS D 277 8.86 -7.65 -72.16
C LYS D 277 7.64 -8.04 -71.33
N LEU D 278 6.91 -9.10 -71.73
CA LEU D 278 5.60 -9.46 -71.12
C LEU D 278 5.54 -10.96 -70.82
N SER D 279 5.98 -11.82 -71.74
CA SER D 279 5.73 -13.28 -71.70
C SER D 279 6.39 -13.93 -70.48
N ASN D 280 7.61 -13.51 -70.12
CA ASN D 280 8.34 -14.03 -68.93
C ASN D 280 7.69 -13.47 -67.66
N THR D 281 7.31 -12.19 -67.64
CA THR D 281 6.57 -11.60 -66.49
C THR D 281 5.31 -12.44 -66.24
N LEU D 282 4.62 -12.86 -67.30
CA LEU D 282 3.34 -13.60 -67.19
C LEU D 282 3.58 -15.10 -67.05
N CYS D 283 4.84 -15.55 -67.00
CA CYS D 283 5.20 -16.97 -66.77
C CYS D 283 4.48 -17.85 -67.80
N VAL D 284 4.51 -17.45 -69.08
CA VAL D 284 3.91 -18.25 -70.18
C VAL D 284 4.93 -19.29 -70.63
N TRP D 285 4.94 -20.43 -69.95
CA TRP D 285 5.95 -21.50 -70.14
C TRP D 285 5.44 -22.52 -71.16
N ARG D 286 4.14 -22.47 -71.45
CA ARG D 286 3.41 -23.53 -72.19
C ARG D 286 2.83 -22.95 -73.46
N ASN D 287 2.72 -23.80 -74.47
CA ASN D 287 2.01 -23.55 -75.74
C ASN D 287 0.57 -24.08 -75.59
N LEU D 288 -0.41 -23.18 -75.49
CA LEU D 288 -1.84 -23.49 -75.29
C LEU D 288 -2.53 -23.49 -76.66
N TRP D 289 -1.81 -23.09 -77.71
CA TRP D 289 -2.35 -22.91 -79.08
C TRP D 289 -1.21 -22.51 -80.02
N HIS D 290 -1.43 -22.71 -81.32
CA HIS D 290 -0.47 -22.47 -82.43
C HIS D 290 -1.10 -21.55 -83.48
N ASP D 291 -2.41 -21.72 -83.70
CA ASP D 291 -3.14 -21.09 -84.83
C ASP D 291 -3.91 -19.87 -84.30
N SER D 292 -3.33 -18.68 -84.44
CA SER D 292 -3.87 -17.40 -83.93
C SER D 292 -5.29 -17.17 -84.47
N ASP D 293 -5.52 -17.46 -85.75
CA ASP D 293 -6.82 -17.17 -86.41
C ASP D 293 -7.91 -18.12 -85.88
N ASP D 294 -7.56 -19.40 -85.68
CA ASP D 294 -8.51 -20.41 -85.14
C ASP D 294 -8.89 -20.02 -83.72
N LEU D 295 -7.89 -19.72 -82.89
CA LEU D 295 -8.10 -19.33 -81.47
C LEU D 295 -9.05 -18.12 -81.41
N ALA D 296 -8.76 -17.07 -82.18
CA ALA D 296 -9.45 -15.75 -82.13
C ALA D 296 -10.85 -15.87 -82.71
N GLY D 297 -11.00 -16.59 -83.82
CA GLY D 297 -12.30 -16.90 -84.44
C GLY D 297 -13.20 -17.63 -83.47
N LYS D 298 -12.68 -18.68 -82.83
CA LYS D 298 -13.49 -19.49 -81.88
C LYS D 298 -13.82 -18.64 -80.67
N ALA D 299 -12.90 -17.79 -80.23
CA ALA D 299 -13.08 -16.94 -79.02
C ALA D 299 -14.21 -15.93 -79.28
N LEU D 300 -14.19 -15.27 -80.44
CA LEU D 300 -15.20 -14.25 -80.78
C LEU D 300 -16.58 -14.91 -80.81
N GLU D 301 -16.66 -16.08 -81.43
CA GLU D 301 -17.91 -16.88 -81.55
C GLU D 301 -18.42 -17.19 -80.13
N PHE D 302 -17.51 -17.65 -79.27
CA PHE D 302 -17.80 -18.05 -77.88
C PHE D 302 -18.37 -16.84 -77.14
N ILE D 303 -17.72 -15.68 -77.27
CA ILE D 303 -18.10 -14.45 -76.53
C ILE D 303 -19.48 -14.00 -77.01
N LYS D 304 -19.70 -13.97 -78.32
CA LYS D 304 -21.00 -13.48 -78.86
C LYS D 304 -22.12 -14.42 -78.37
N GLN D 305 -21.89 -15.74 -78.36
CA GLN D 305 -22.86 -16.73 -77.84
C GLN D 305 -23.23 -16.36 -76.40
N ARG D 306 -22.22 -16.11 -75.55
CA ARG D 306 -22.44 -15.83 -74.10
C ARG D 306 -23.16 -14.49 -73.93
N LEU D 307 -22.80 -13.49 -74.75
CA LEU D 307 -23.37 -12.11 -74.65
C LEU D 307 -24.85 -12.12 -75.01
N THR D 308 -25.24 -12.94 -75.99
CA THR D 308 -26.60 -12.89 -76.59
C THR D 308 -27.49 -13.97 -75.95
N ALA D 309 -26.93 -14.76 -75.03
CA ALA D 309 -27.68 -15.77 -74.24
C ALA D 309 -28.79 -15.05 -73.46
N ILE D 310 -29.99 -15.64 -73.44
CA ILE D 310 -31.21 -15.02 -72.85
C ILE D 310 -31.30 -15.41 -71.37
N MET E 22 3.74 32.20 71.51
CA MET E 22 4.99 31.75 72.20
C MET E 22 4.92 30.24 72.48
N ALA E 23 6.08 29.58 72.55
CA ALA E 23 6.21 28.17 72.97
C ALA E 23 6.36 28.12 74.50
N PHE E 24 6.06 26.96 75.09
CA PHE E 24 6.19 26.72 76.55
C PHE E 24 7.52 26.01 76.79
N PRO E 25 8.15 26.23 77.98
CA PRO E 25 9.50 25.75 78.23
C PRO E 25 9.64 24.24 77.99
N LYS E 26 10.78 23.85 77.43
CA LYS E 26 11.18 22.44 77.27
C LYS E 26 12.51 22.26 77.97
N ARG E 27 12.79 21.06 78.43
CA ARG E 27 14.10 20.74 79.02
C ARG E 27 14.53 19.37 78.52
N LEU E 28 15.83 19.12 78.56
CA LEU E 28 16.39 17.80 78.20
C LEU E 28 16.08 16.85 79.35
N GLU E 29 15.15 15.93 79.14
CA GLU E 29 14.68 14.97 80.16
C GLU E 29 14.35 13.66 79.46
N ILE E 30 14.57 12.54 80.15
CA ILE E 30 14.41 11.17 79.58
C ILE E 30 13.22 10.51 80.25
N GLY E 31 12.31 9.97 79.45
CA GLY E 31 11.10 9.31 79.96
C GLY E 31 11.01 7.88 79.49
N GLY E 32 10.13 7.11 80.12
CA GLY E 32 9.75 5.76 79.69
C GLY E 32 8.30 5.74 79.28
N HIS E 33 7.98 5.06 78.18
CA HIS E 33 6.58 4.87 77.71
C HIS E 33 5.88 3.94 78.70
N ALA E 34 4.69 4.30 79.13
CA ALA E 34 3.89 3.52 80.10
C ALA E 34 3.76 2.08 79.61
N LEU E 35 3.70 1.87 78.29
CA LEU E 35 3.40 0.55 77.67
C LEU E 35 4.61 -0.39 77.77
N VAL E 36 5.74 0.09 78.30
CA VAL E 36 6.91 -0.76 78.63
C VAL E 36 6.51 -1.61 79.86
N TRP E 37 5.60 -1.11 80.69
CA TRP E 37 5.18 -1.75 81.97
C TRP E 37 3.71 -2.19 81.97
N SER E 38 2.79 -1.37 81.45
CA SER E 38 1.35 -1.58 81.69
C SER E 38 0.52 -1.30 80.44
N GLY E 39 -0.39 -2.22 80.12
CA GLY E 39 -1.29 -2.17 78.95
C GLY E 39 -2.52 -1.32 79.22
N ASP E 40 -2.78 -0.97 80.48
CA ASP E 40 -3.95 -0.13 80.86
C ASP E 40 -3.51 0.91 81.90
N TRP E 41 -4.47 1.74 82.33
CA TRP E 41 -4.25 2.79 83.35
C TRP E 41 -5.27 2.62 84.48
N SER E 42 -5.54 1.37 84.85
CA SER E 42 -6.18 0.98 86.13
C SER E 42 -5.29 1.49 87.27
N ALA E 43 -5.82 1.54 88.48
CA ALA E 43 -5.03 1.91 89.69
C ALA E 43 -3.74 1.08 89.71
N ALA E 44 -3.85 -0.23 89.47
CA ALA E 44 -2.73 -1.20 89.48
C ALA E 44 -1.77 -0.87 88.32
N GLY E 45 -2.32 -0.68 87.11
CA GLY E 45 -1.52 -0.44 85.90
C GLY E 45 -0.76 0.86 85.96
N ALA E 46 -1.41 1.94 86.41
CA ALA E 46 -0.79 3.29 86.57
C ALA E 46 0.37 3.18 87.56
N ARG E 47 0.14 2.53 88.70
CA ARG E 47 1.18 2.37 89.74
C ARG E 47 2.35 1.54 89.20
N LYS E 48 2.07 0.42 88.52
CA LYS E 48 3.15 -0.45 87.96
C LYS E 48 4.03 0.40 87.02
N ALA E 49 3.42 1.16 86.12
CA ALA E 49 4.14 1.97 85.11
C ALA E 49 4.94 3.06 85.81
N ILE E 50 4.32 3.82 86.72
CA ILE E 50 4.97 4.98 87.39
C ILE E 50 6.09 4.45 88.29
N ALA E 51 5.83 3.38 89.04
CA ALA E 51 6.83 2.73 89.92
C ALA E 51 8.00 2.24 89.04
N GLY E 52 7.68 1.64 87.90
CA GLY E 52 8.69 1.14 86.94
C GLY E 52 9.57 2.26 86.41
N ALA E 53 8.96 3.36 85.96
CA ALA E 53 9.72 4.52 85.41
C ALA E 53 10.61 5.10 86.51
N ALA E 54 10.07 5.30 87.71
CA ALA E 54 10.79 5.89 88.85
C ALA E 54 11.97 5.00 89.23
N ARG E 55 11.76 3.68 89.25
CA ARG E 55 12.79 2.70 89.69
C ARG E 55 14.00 2.75 88.75
N ALA E 56 13.74 2.78 87.43
CA ALA E 56 14.79 2.84 86.39
C ALA E 56 15.55 4.17 86.51
N GLY E 57 14.87 5.24 86.95
CA GLY E 57 15.46 6.58 87.13
C GLY E 57 15.11 7.53 86.00
N PHE E 58 13.99 7.30 85.33
CA PHE E 58 13.49 8.24 84.29
C PHE E 58 13.03 9.54 84.98
N ASP E 59 13.06 10.64 84.22
CA ASP E 59 12.61 11.98 84.67
C ASP E 59 11.08 12.05 84.58
N TYR E 60 10.50 11.33 83.63
CA TYR E 60 9.03 11.34 83.42
C TYR E 60 8.56 9.98 82.91
N ILE E 61 7.26 9.76 83.06
CA ILE E 61 6.48 8.69 82.37
C ILE E 61 5.70 9.34 81.22
N GLU E 62 5.70 8.71 80.05
CA GLU E 62 4.80 9.11 78.95
C GLU E 62 3.55 8.26 79.05
N ILE E 63 2.43 8.88 79.41
CA ILE E 63 1.11 8.22 79.55
C ILE E 63 0.45 8.14 78.18
N ALA E 64 -0.03 6.95 77.82
CA ALA E 64 -0.83 6.71 76.60
C ALA E 64 -2.26 7.23 76.85
N LEU E 65 -2.67 8.29 76.15
CA LEU E 65 -4.02 8.87 76.30
C LEU E 65 -4.87 8.51 75.09
N LEU E 66 -4.80 7.27 74.58
CA LEU E 66 -5.66 6.83 73.44
C LEU E 66 -7.14 6.94 73.88
N ASP E 67 -7.43 6.76 75.16
CA ASP E 67 -8.79 6.96 75.75
C ASP E 67 -8.67 7.85 76.99
N PRO E 68 -8.62 9.19 76.81
CA PRO E 68 -8.36 10.11 77.92
C PRO E 68 -9.50 10.21 78.95
N TRP E 69 -10.69 9.72 78.62
CA TRP E 69 -11.83 9.59 79.58
C TRP E 69 -11.62 8.44 80.56
N GLN E 70 -10.67 7.52 80.28
CA GLN E 70 -10.37 6.36 81.16
C GLN E 70 -9.56 6.81 82.38
N ILE E 71 -8.79 7.89 82.25
CA ILE E 71 -7.75 8.32 83.24
C ILE E 71 -8.43 8.85 84.51
N ASP E 72 -8.19 8.20 85.64
CA ASP E 72 -8.47 8.79 86.99
C ASP E 72 -7.40 9.84 87.27
N VAL E 73 -7.69 11.11 87.00
CA VAL E 73 -6.70 12.22 87.06
C VAL E 73 -6.18 12.37 88.49
N ALA E 74 -7.07 12.37 89.49
CA ALA E 74 -6.73 12.55 90.91
C ALA E 74 -5.82 11.40 91.35
N LEU E 75 -6.20 10.17 91.02
CA LEU E 75 -5.43 8.93 91.32
C LEU E 75 -4.03 9.07 90.72
N THR E 76 -3.95 9.50 89.46
CA THR E 76 -2.67 9.62 88.72
C THR E 76 -1.81 10.71 89.35
N LYS E 77 -2.39 11.87 89.67
CA LYS E 77 -1.66 12.98 90.35
C LYS E 77 -1.05 12.46 91.65
N ASP E 78 -1.81 11.67 92.41
CA ASP E 78 -1.36 11.10 93.72
C ASP E 78 -0.14 10.21 93.49
N LEU E 79 -0.19 9.34 92.47
CA LEU E 79 0.91 8.39 92.15
C LEU E 79 2.15 9.17 91.70
N LEU E 80 2.00 10.16 90.81
CA LEU E 80 3.16 10.96 90.33
C LEU E 80 3.86 11.62 91.52
N GLN E 81 3.09 12.13 92.48
CA GLN E 81 3.64 12.76 93.72
C GLN E 81 4.30 11.69 94.59
N GLU E 82 3.62 10.56 94.79
CA GLU E 82 4.16 9.44 95.63
C GLU E 82 5.55 9.07 95.11
N TYR E 83 5.72 8.96 93.78
CA TYR E 83 6.98 8.46 93.17
C TYR E 83 7.84 9.62 92.66
N ASN E 84 7.40 10.86 92.89
CA ASN E 84 8.17 12.10 92.53
C ASN E 84 8.54 12.05 91.04
N LEU E 85 7.54 11.87 90.17
CA LEU E 85 7.76 11.67 88.72
C LEU E 85 6.91 12.66 87.93
N ARG E 86 7.48 13.25 86.88
CA ARG E 86 6.74 14.10 85.91
CA ARG E 86 6.75 14.10 85.91
C ARG E 86 6.04 13.21 84.88
N ALA E 87 5.05 13.78 84.18
CA ALA E 87 4.29 13.07 83.13
C ALA E 87 4.21 13.95 81.89
N HIS E 88 4.39 13.34 80.72
CA HIS E 88 3.92 13.84 79.41
C HIS E 88 2.93 12.81 78.86
N ALA E 89 2.30 13.10 77.73
CA ALA E 89 1.29 12.18 77.16
C ALA E 89 1.46 12.08 75.65
N SER E 90 1.24 10.86 75.13
CA SER E 90 1.16 10.59 73.68
C SER E 90 -0.16 9.86 73.41
N LEU E 91 -0.64 9.95 72.18
CA LEU E 91 -1.77 9.12 71.74
C LEU E 91 -1.69 8.95 70.23
N GLY E 92 -2.47 8.02 69.73
CA GLY E 92 -2.89 7.98 68.32
C GLY E 92 -4.40 8.07 68.27
N LEU E 93 -4.94 8.78 67.28
CA LEU E 93 -6.38 8.74 66.99
C LEU E 93 -6.72 7.41 66.30
N SER E 94 -8.00 7.17 66.04
CA SER E 94 -8.50 5.95 65.38
C SER E 94 -9.44 6.37 64.26
N ALA E 95 -9.96 5.42 63.49
CA ALA E 95 -10.93 5.71 62.42
C ALA E 95 -12.04 6.61 62.98
N ALA E 96 -12.49 6.36 64.21
CA ALA E 96 -13.68 7.01 64.81
C ALA E 96 -13.38 8.46 65.20
N THR E 97 -12.09 8.86 65.22
CA THR E 97 -11.64 10.20 65.69
C THR E 97 -10.62 10.80 64.70
N ASP E 98 -10.61 10.31 63.46
CA ASP E 98 -9.63 10.72 62.43
C ASP E 98 -9.88 12.14 61.95
N VAL E 99 -9.03 13.09 62.31
CA VAL E 99 -9.21 14.54 61.98
C VAL E 99 -8.87 14.78 60.50
N THR E 100 -8.44 13.77 59.75
CA THR E 100 -8.20 13.90 58.28
C THR E 100 -9.49 13.59 57.53
N SER E 101 -10.50 13.06 58.23
CA SER E 101 -11.76 12.56 57.61
C SER E 101 -12.47 13.70 56.89
N THR E 102 -13.09 13.38 55.75
CA THR E 102 -14.01 14.28 55.05
C THR E 102 -15.38 14.25 55.74
N ASP E 103 -15.55 13.42 56.78
CA ASP E 103 -16.81 13.34 57.58
C ASP E 103 -16.67 14.26 58.78
N PRO E 104 -17.35 15.43 58.77
CA PRO E 104 -17.16 16.42 59.85
C PRO E 104 -17.48 15.84 61.23
N ALA E 105 -18.40 14.88 61.31
CA ALA E 105 -18.83 14.21 62.57
C ALA E 105 -17.64 13.44 63.16
N ILE E 106 -16.79 12.87 62.31
CA ILE E 106 -15.58 12.12 62.75
C ILE E 106 -14.50 13.12 63.17
N VAL E 107 -14.31 14.20 62.43
CA VAL E 107 -13.31 15.24 62.79
C VAL E 107 -13.70 15.84 64.15
N ALA E 108 -14.99 16.06 64.38
CA ALA E 108 -15.50 16.63 65.65
C ALA E 108 -15.13 15.73 66.83
N LYS E 109 -15.28 14.41 66.66
CA LYS E 109 -14.93 13.43 67.74
C LYS E 109 -13.42 13.50 67.99
N GLY E 110 -12.63 13.66 66.92
CA GLY E 110 -11.17 13.83 67.04
C GLY E 110 -10.81 15.09 67.82
N ASP E 111 -11.39 16.22 67.46
CA ASP E 111 -11.22 17.50 68.20
C ASP E 111 -11.54 17.25 69.69
N GLU E 112 -12.65 16.58 69.98
CA GLU E 112 -13.15 16.34 71.37
C GLU E 112 -12.13 15.50 72.13
N LEU E 113 -11.62 14.44 71.52
CA LEU E 113 -10.64 13.54 72.19
C LEU E 113 -9.36 14.32 72.48
N LEU E 114 -8.85 15.08 71.51
CA LEU E 114 -7.62 15.89 71.68
C LEU E 114 -7.79 16.94 72.78
N ARG E 115 -8.96 17.57 72.89
CA ARG E 115 -9.21 18.54 73.99
C ARG E 115 -9.17 17.79 75.33
N LYS E 116 -9.78 16.61 75.40
CA LYS E 116 -9.87 15.85 76.67
C LYS E 116 -8.47 15.42 77.09
N ALA E 117 -7.65 14.98 76.13
CA ALA E 117 -6.24 14.61 76.38
C ALA E 117 -5.48 15.82 76.93
N THR E 118 -5.68 16.98 76.32
CA THR E 118 -5.05 18.26 76.74
C THR E 118 -5.48 18.57 78.17
N ASP E 119 -6.78 18.41 78.48
CA ASP E 119 -7.35 18.68 79.83
C ASP E 119 -6.69 17.78 80.87
N VAL E 120 -6.53 16.49 80.56
CA VAL E 120 -5.90 15.51 81.50
C VAL E 120 -4.45 15.93 81.75
N LEU E 121 -3.73 16.28 80.69
CA LEU E 121 -2.29 16.66 80.78
C LEU E 121 -2.16 17.93 81.63
N TYR E 122 -3.00 18.93 81.36
CA TYR E 122 -3.04 20.21 82.12
C TYR E 122 -3.25 19.88 83.60
N ALA E 123 -4.28 19.09 83.89
CA ALA E 123 -4.66 18.72 85.28
C ALA E 123 -3.46 18.07 85.98
N LEU E 124 -2.61 17.35 85.25
CA LEU E 124 -1.45 16.59 85.81
C LEU E 124 -0.21 17.48 85.85
N GLY E 125 -0.32 18.73 85.40
CA GLY E 125 0.80 19.69 85.38
C GLY E 125 1.80 19.38 84.25
N GLY E 126 1.36 18.69 83.19
CA GLY E 126 2.23 18.33 82.05
C GLY E 126 2.28 19.44 81.01
N SER E 127 3.22 19.39 80.08
CA SER E 127 3.49 20.48 79.10
C SER E 127 3.59 19.94 77.67
N GLU E 128 3.47 18.63 77.45
CA GLU E 128 3.70 18.02 76.11
C GLU E 128 2.62 16.99 75.78
N LEU E 129 1.88 17.26 74.70
CA LEU E 129 0.98 16.29 74.05
C LEU E 129 1.60 15.94 72.71
N CYS E 130 2.04 14.69 72.55
CA CYS E 130 2.80 14.25 71.35
C CYS E 130 2.18 12.97 70.80
N GLY E 131 2.76 12.45 69.71
CA GLY E 131 2.31 11.22 69.05
C GLY E 131 1.56 11.51 67.78
N VAL E 132 0.78 10.53 67.35
CA VAL E 132 0.02 10.59 66.07
C VAL E 132 -1.34 11.24 66.40
N ILE E 133 -1.28 12.55 66.64
CA ILE E 133 -2.41 13.39 67.11
C ILE E 133 -3.11 14.02 65.90
N TYR E 134 -2.57 13.81 64.68
CA TYR E 134 -2.98 14.55 63.47
C TYR E 134 -3.72 13.63 62.49
N CYS E 135 -3.89 12.36 62.85
CA CYS E 135 -4.57 11.36 62.01
C CYS E 135 -4.83 10.08 62.80
N ALA E 136 -5.61 9.17 62.22
CA ALA E 136 -5.79 7.81 62.76
C ALA E 136 -4.46 7.06 62.61
N LEU E 137 -4.00 6.42 63.68
CA LEU E 137 -2.78 5.58 63.68
C LEU E 137 -3.11 4.26 62.98
N GLY E 138 -2.38 3.94 61.92
CA GLY E 138 -2.50 2.63 61.25
C GLY E 138 -2.50 2.73 59.74
N LYS E 139 -2.99 1.66 59.13
CA LYS E 139 -2.97 1.41 57.66
CA LYS E 139 -2.97 1.42 57.66
C LYS E 139 -4.09 2.22 56.99
N TYR E 140 -3.73 3.18 56.15
CA TYR E 140 -4.67 3.91 55.27
C TYR E 140 -4.89 3.11 54.00
N PRO E 141 -6.09 3.15 53.39
CA PRO E 141 -6.40 2.37 52.20
C PRO E 141 -5.90 3.01 50.90
N GLY E 142 -5.35 4.23 51.00
CA GLY E 142 -4.86 4.98 49.84
C GLY E 142 -4.12 6.23 50.29
N PRO E 143 -3.52 6.97 49.34
CA PRO E 143 -2.77 8.18 49.66
C PRO E 143 -3.70 9.28 50.18
N ALA E 144 -3.15 10.19 50.98
CA ALA E 144 -3.89 11.35 51.54
C ALA E 144 -4.21 12.35 50.42
N SER E 145 -5.47 12.79 50.36
CA SER E 145 -5.91 13.90 49.46
C SER E 145 -5.45 15.23 50.05
N ARG E 146 -5.42 16.29 49.22
CA ARG E 146 -5.14 17.67 49.71
C ARG E 146 -6.15 18.00 50.81
N GLU E 147 -7.39 17.52 50.66
CA GLU E 147 -8.48 17.71 51.64
C GLU E 147 -8.11 17.05 52.97
N ASN E 148 -7.67 15.79 52.94
CA ASN E 148 -7.24 15.04 54.16
C ASN E 148 -6.18 15.87 54.89
N ARG E 149 -5.16 16.34 54.16
CA ARG E 149 -4.05 17.12 54.75
C ARG E 149 -4.59 18.45 55.31
N ALA E 150 -5.44 19.16 54.57
CA ALA E 150 -6.00 20.46 54.99
C ALA E 150 -6.82 20.28 56.27
N ASN E 151 -7.56 19.19 56.35
CA ASN E 151 -8.43 18.86 57.51
C ASN E 151 -7.53 18.67 58.73
N SER E 152 -6.42 17.98 58.54
CA SER E 152 -5.42 17.68 59.61
C SER E 152 -4.77 18.98 60.08
N VAL E 153 -4.33 19.83 59.15
CA VAL E 153 -3.68 21.13 59.49
C VAL E 153 -4.63 21.95 60.35
N ALA E 154 -5.89 22.11 59.92
CA ALA E 154 -6.89 22.93 60.63
C ALA E 154 -7.11 22.35 62.04
N ALA E 155 -7.20 21.02 62.16
CA ALA E 155 -7.44 20.33 63.45
C ALA E 155 -6.25 20.61 64.38
N MET E 156 -5.04 20.66 63.81
CA MET E 156 -3.83 20.83 64.64
C MET E 156 -3.73 22.30 65.05
N GLN E 157 -4.26 23.23 64.24
CA GLN E 157 -4.36 24.66 64.61
C GLN E 157 -5.32 24.80 65.80
N ARG E 158 -6.52 24.22 65.70
CA ARG E 158 -7.53 24.26 66.79
C ARG E 158 -6.94 23.66 68.07
N LEU E 159 -6.23 22.53 67.96
CA LEU E 159 -5.63 21.86 69.16
C LEU E 159 -4.51 22.74 69.74
N ALA E 160 -3.59 23.21 68.90
CA ALA E 160 -2.46 24.06 69.32
C ALA E 160 -3.02 25.26 70.12
N ASP E 161 -4.07 25.88 69.59
CA ASP E 161 -4.68 27.10 70.19
C ASP E 161 -5.29 26.74 71.55
N TYR E 162 -5.93 25.58 71.65
CA TYR E 162 -6.58 25.09 72.90
C TYR E 162 -5.49 24.78 73.92
N ALA E 163 -4.41 24.16 73.45
CA ALA E 163 -3.29 23.68 74.30
C ALA E 163 -2.51 24.89 74.82
N ALA E 164 -2.40 25.95 74.01
CA ALA E 164 -1.67 27.21 74.31
C ALA E 164 -2.23 27.82 75.61
N ASP E 165 -3.56 27.83 75.73
CA ASP E 165 -4.28 28.42 76.89
C ASP E 165 -4.00 27.61 78.16
N LYS E 166 -3.37 26.44 78.03
CA LYS E 166 -3.11 25.52 79.17
C LYS E 166 -1.61 25.21 79.28
N GLY E 167 -0.76 26.03 78.66
CA GLY E 167 0.71 25.94 78.78
C GLY E 167 1.25 24.64 78.19
N ILE E 168 0.58 24.08 77.18
CA ILE E 168 0.98 22.78 76.58
C ILE E 168 1.44 22.99 75.13
N ASN E 169 2.63 22.49 74.82
CA ASN E 169 3.16 22.30 73.45
C ASN E 169 2.55 21.03 72.85
N ILE E 170 2.30 21.02 71.55
CA ILE E 170 1.93 19.78 70.82
C ILE E 170 3.07 19.42 69.88
N ASP E 171 3.39 18.13 69.82
CA ASP E 171 4.51 17.59 69.02
C ASP E 171 3.95 16.52 68.09
N LEU E 172 4.05 16.77 66.78
CA LEU E 172 3.43 15.91 65.74
C LEU E 172 4.44 14.82 65.39
N GLU E 173 4.14 13.58 65.77
CA GLU E 173 5.07 12.45 65.58
C GLU E 173 5.01 11.92 64.15
N VAL E 174 6.10 12.06 63.41
CA VAL E 174 6.27 11.42 62.07
C VAL E 174 6.39 9.91 62.28
N VAL E 175 5.53 9.13 61.64
CA VAL E 175 5.55 7.64 61.74
C VAL E 175 5.65 7.06 60.33
N ASN E 176 5.92 5.76 60.23
CA ASN E 176 6.22 5.09 58.95
C ASN E 176 4.93 4.94 58.12
N ARG E 177 5.12 4.59 56.85
CA ARG E 177 4.07 4.49 55.81
C ARG E 177 2.92 3.59 56.28
N TYR E 178 3.20 2.57 57.09
CA TYR E 178 2.17 1.58 57.50
C TYR E 178 1.30 2.14 58.62
N GLU E 179 1.67 3.28 59.20
CA GLU E 179 1.03 3.87 60.40
C GLU E 179 0.45 5.27 60.09
N THR E 180 0.83 5.91 58.97
CA THR E 180 0.17 7.14 58.49
C THR E 180 0.47 7.38 57.00
N ASN E 181 -0.41 8.10 56.33
CA ASN E 181 -0.20 8.54 54.92
C ASN E 181 0.05 10.05 54.89
N ILE E 182 0.05 10.73 56.04
CA ILE E 182 0.08 12.22 56.13
C ILE E 182 1.53 12.74 56.08
N MET E 183 2.44 12.13 56.85
CA MET E 183 3.84 12.59 56.96
C MET E 183 4.69 11.40 57.39
N ASN E 184 5.71 11.03 56.60
CA ASN E 184 6.55 9.83 56.85
C ASN E 184 8.02 10.22 57.05
N THR E 185 8.43 11.45 56.74
CA THR E 185 9.79 11.96 57.08
C THR E 185 9.69 13.27 57.90
N GLY E 186 10.78 13.63 58.58
CA GLY E 186 10.90 14.92 59.30
C GLY E 186 10.69 16.10 58.37
N LEU E 187 11.29 16.05 57.17
CA LEU E 187 11.13 17.11 56.15
C LEU E 187 9.64 17.33 55.88
N GLU E 188 8.91 16.25 55.63
CA GLU E 188 7.44 16.33 55.39
C GLU E 188 6.77 16.92 56.64
N GLY E 189 7.16 16.49 57.84
CA GLY E 189 6.55 17.01 59.09
C GLY E 189 6.75 18.51 59.19
N LEU E 190 7.94 19.00 58.85
CA LEU E 190 8.31 20.44 58.95
C LEU E 190 7.46 21.26 57.97
N ALA E 191 7.22 20.73 56.78
CA ALA E 191 6.39 21.41 55.76
C ALA E 191 4.95 21.46 56.27
N PHE E 192 4.49 20.37 56.89
CA PHE E 192 3.13 20.30 57.49
C PHE E 192 3.04 21.37 58.57
N LEU E 193 4.10 21.51 59.39
CA LEU E 193 4.15 22.46 60.52
C LEU E 193 4.14 23.90 60.00
N ASP E 194 4.76 24.15 58.84
CA ASP E 194 4.70 25.46 58.15
C ASP E 194 3.22 25.85 58.00
N GLU E 195 2.39 24.92 57.55
CA GLU E 195 0.96 25.17 57.29
C GLU E 195 0.21 25.36 58.61
N VAL E 196 0.52 24.57 59.64
CA VAL E 196 -0.09 24.71 60.99
C VAL E 196 0.20 26.13 61.52
N ASN E 197 1.46 26.57 61.42
CA ASN E 197 1.88 27.96 61.74
C ASN E 197 1.39 28.32 63.15
N ARG E 198 1.83 27.54 64.15
CA ARG E 198 1.54 27.81 65.58
C ARG E 198 2.85 27.66 66.35
N PRO E 199 3.19 28.61 67.24
CA PRO E 199 4.50 28.61 67.89
C PRO E 199 4.69 27.47 68.91
N ASN E 200 3.60 26.92 69.44
CA ASN E 200 3.62 25.81 70.42
C ASN E 200 3.46 24.46 69.71
N ALA E 201 3.53 24.42 68.39
CA ALA E 201 3.48 23.17 67.58
C ALA E 201 4.88 22.83 67.08
N PHE E 202 5.33 21.61 67.34
CA PHE E 202 6.71 21.15 67.08
C PHE E 202 6.71 19.84 66.28
N LEU E 203 7.90 19.47 65.79
CA LEU E 203 8.14 18.17 65.14
C LEU E 203 8.48 17.16 66.23
N HIS E 204 8.00 15.93 66.08
CA HIS E 204 8.34 14.78 66.97
C HIS E 204 8.93 13.69 66.08
N LEU E 205 10.18 13.32 66.32
CA LEU E 205 10.85 12.23 65.58
C LEU E 205 10.97 10.99 66.46
N ASP E 206 10.92 9.82 65.83
CA ASP E 206 11.00 8.48 66.45
C ASP E 206 11.99 7.64 65.63
N THR E 207 13.08 7.19 66.26
CA THR E 207 14.19 6.50 65.56
C THR E 207 13.70 5.21 64.89
N TYR E 208 12.66 4.55 65.43
CA TYR E 208 12.08 3.33 64.83
C TYR E 208 11.47 3.67 63.46
N HIS E 209 10.71 4.77 63.41
CA HIS E 209 10.02 5.23 62.18
C HIS E 209 11.08 5.78 61.22
N MET E 210 12.05 6.53 61.73
CA MET E 210 13.15 7.12 60.93
C MET E 210 13.95 6.00 60.26
N ASN E 211 14.12 4.87 60.96
CA ASN E 211 14.89 3.69 60.48
C ASN E 211 14.33 3.19 59.14
N ILE E 212 13.02 3.32 58.95
CA ILE E 212 12.35 2.89 57.69
C ILE E 212 12.45 4.03 56.66
N GLU E 213 12.12 5.26 57.03
CA GLU E 213 11.72 6.31 56.05
C GLU E 213 12.83 7.32 55.72
N GLU E 214 13.83 7.52 56.59
CA GLU E 214 14.72 8.71 56.51
C GLU E 214 15.95 8.41 55.64
N ASN E 215 16.48 9.46 55.01
CA ASN E 215 17.75 9.38 54.23
C ASN E 215 18.89 9.56 55.23
N GLY E 216 19.17 8.52 56.01
CA GLY E 216 20.07 8.59 57.18
C GLY E 216 19.39 9.24 58.38
N MET E 217 20.09 9.30 59.51
CA MET E 217 19.48 9.65 60.82
C MET E 217 19.76 11.10 61.21
N ALA E 218 20.35 11.92 60.32
CA ALA E 218 20.78 13.31 60.62
C ALA E 218 19.92 14.36 59.90
N LYS E 219 19.56 14.10 58.65
CA LYS E 219 19.03 15.14 57.73
C LYS E 219 17.83 15.87 58.34
N SER E 220 16.83 15.14 58.84
CA SER E 220 15.58 15.74 59.37
C SER E 220 15.88 16.50 60.66
N VAL E 221 16.79 15.97 61.48
CA VAL E 221 17.18 16.64 62.75
C VAL E 221 17.84 17.99 62.42
N LEU E 222 18.82 18.00 61.51
CA LEU E 222 19.51 19.26 61.13
C LEU E 222 18.50 20.26 60.51
N ALA E 223 17.53 19.79 59.73
CA ALA E 223 16.49 20.65 59.11
C ALA E 223 15.56 21.24 60.19
N ALA E 224 15.19 20.43 61.18
CA ALA E 224 14.19 20.81 62.20
C ALA E 224 14.77 21.91 63.09
N GLY E 225 16.01 21.72 63.58
CA GLY E 225 16.62 22.61 64.57
C GLY E 225 15.66 22.84 65.73
N ASP E 226 15.39 24.11 66.05
CA ASP E 226 14.56 24.52 67.21
C ASP E 226 13.13 24.00 67.06
N ARG E 227 12.74 23.55 65.87
CA ARG E 227 11.34 23.07 65.62
C ARG E 227 11.21 21.60 66.04
N LEU E 228 12.32 20.91 66.36
CA LEU E 228 12.25 19.56 66.95
C LEU E 228 11.89 19.70 68.43
N GLY E 229 10.72 19.20 68.84
CA GLY E 229 10.17 19.46 70.18
C GLY E 229 10.08 18.22 71.05
N TYR E 230 10.30 17.04 70.48
CA TYR E 230 10.08 15.74 71.17
C TYR E 230 10.77 14.63 70.37
N VAL E 231 11.34 13.67 71.08
CA VAL E 231 12.04 12.51 70.49
C VAL E 231 11.53 11.21 71.12
N HIS E 232 11.25 10.19 70.31
CA HIS E 232 11.14 8.78 70.76
C HIS E 232 12.38 8.00 70.33
N ILE E 233 12.93 7.21 71.25
CA ILE E 233 14.02 6.24 71.01
C ILE E 233 13.44 4.82 70.97
N GLY E 234 13.43 4.21 69.78
CA GLY E 234 13.11 2.80 69.57
C GLY E 234 14.14 2.14 68.67
N GLU E 235 14.53 0.91 68.99
CA GLU E 235 15.37 0.10 68.08
C GLU E 235 14.54 -0.24 66.83
N SER E 236 15.22 -0.67 65.78
CA SER E 236 14.65 -1.02 64.46
C SER E 236 13.50 -2.03 64.63
N HIS E 237 13.60 -2.99 65.54
CA HIS E 237 12.55 -4.02 65.79
C HIS E 237 11.71 -3.68 67.03
N ARG E 238 12.02 -2.55 67.68
CA ARG E 238 11.31 -2.00 68.87
C ARG E 238 11.67 -2.79 70.14
N GLY E 239 12.76 -3.55 70.12
CA GLY E 239 13.26 -4.32 71.28
C GLY E 239 14.38 -3.61 72.03
N TYR E 240 15.31 -4.39 72.56
CA TYR E 240 16.46 -3.86 73.36
C TYR E 240 17.26 -2.91 72.48
N LEU E 241 17.59 -1.73 73.00
CA LEU E 241 18.43 -0.73 72.30
C LEU E 241 19.80 -1.36 72.05
N GLY E 242 20.29 -1.27 70.81
CA GLY E 242 21.64 -1.72 70.42
C GLY E 242 21.67 -3.14 69.88
N THR E 243 20.51 -3.80 69.75
CA THR E 243 20.43 -5.20 69.26
C THR E 243 19.83 -5.24 67.84
N GLY E 244 19.62 -4.07 67.23
CA GLY E 244 19.03 -3.96 65.89
C GLY E 244 19.91 -3.20 64.91
N ASN E 245 19.31 -2.32 64.12
CA ASN E 245 19.94 -1.78 62.89
C ASN E 245 20.10 -0.25 62.99
N VAL E 246 19.53 0.39 64.02
CA VAL E 246 19.51 1.89 64.05
C VAL E 246 20.92 2.39 64.34
N ASP E 247 21.38 3.35 63.53
CA ASP E 247 22.64 4.10 63.77
C ASP E 247 22.36 5.22 64.78
N PHE E 248 22.37 4.90 66.07
CA PHE E 248 22.09 5.87 67.15
C PHE E 248 23.20 6.92 67.21
N ALA E 249 24.44 6.53 66.90
CA ALA E 249 25.59 7.46 66.90
C ALA E 249 25.26 8.67 66.01
N SER E 250 24.77 8.43 64.79
CA SER E 250 24.47 9.50 63.79
C SER E 250 23.35 10.38 64.34
N PHE E 251 22.31 9.74 64.88
CA PHE E 251 21.11 10.45 65.39
C PHE E 251 21.51 11.38 66.54
N PHE E 252 22.22 10.86 67.55
CA PHE E 252 22.60 11.64 68.75
C PHE E 252 23.64 12.73 68.39
N ALA E 253 24.51 12.48 67.40
CA ALA E 253 25.45 13.50 66.89
C ALA E 253 24.66 14.69 66.32
N ALA E 254 23.58 14.42 65.60
CA ALA E 254 22.71 15.48 65.03
C ALA E 254 22.00 16.24 66.16
N LEU E 255 21.48 15.53 67.16
CA LEU E 255 20.80 16.18 68.32
C LEU E 255 21.79 17.14 68.98
N LYS E 256 23.04 16.72 69.11
CA LYS E 256 24.12 17.54 69.69
C LYS E 256 24.36 18.78 68.80
N GLN E 257 24.42 18.59 67.49
CA GLN E 257 24.70 19.68 66.51
C GLN E 257 23.65 20.79 66.67
N ILE E 258 22.36 20.43 66.75
CA ILE E 258 21.25 21.43 66.82
C ILE E 258 21.02 21.85 68.28
N ASP E 259 21.78 21.29 69.22
CA ASP E 259 21.67 21.57 70.68
C ASP E 259 20.24 21.29 71.13
N TYR E 260 19.73 20.08 70.85
CA TYR E 260 18.37 19.63 71.25
C TYR E 260 18.25 19.64 72.77
N ARG E 261 17.23 20.33 73.30
CA ARG E 261 16.89 20.39 74.74
C ARG E 261 15.41 20.11 74.90
N GLY E 262 15.02 18.85 74.83
CA GLY E 262 13.61 18.42 74.84
C GLY E 262 13.44 17.00 75.36
N PRO E 263 12.19 16.56 75.56
CA PRO E 263 11.91 15.21 76.01
C PRO E 263 12.48 14.16 75.04
N ILE E 264 13.01 13.10 75.63
CA ILE E 264 13.45 11.86 74.94
C ILE E 264 12.82 10.67 75.65
N THR E 265 11.85 10.02 75.01
CA THR E 265 11.14 8.86 75.59
C THR E 265 11.68 7.56 75.00
N PHE E 266 12.01 6.61 75.87
CA PHE E 266 12.26 5.21 75.46
C PHE E 266 10.91 4.50 75.24
N GLU E 267 10.79 3.87 74.09
CA GLU E 267 9.54 3.22 73.62
C GLU E 267 9.83 1.79 73.16
N SER E 268 9.03 0.84 73.61
CA SER E 268 9.14 -0.60 73.29
C SER E 268 7.78 -1.24 73.50
N PHE E 269 7.36 -2.20 72.66
CA PHE E 269 5.99 -2.75 72.77
C PHE E 269 6.05 -4.25 73.05
N SER E 270 5.18 -4.71 73.96
CA SER E 270 4.93 -6.16 74.20
C SER E 270 3.44 -6.48 74.13
N SER E 271 3.13 -7.49 73.30
CA SER E 271 1.81 -8.11 73.14
C SER E 271 1.40 -8.73 74.47
N GLU E 272 2.37 -9.07 75.32
CA GLU E 272 2.14 -9.60 76.69
C GLU E 272 1.56 -8.51 77.60
N ILE E 273 1.74 -7.24 77.24
CA ILE E 273 1.49 -6.11 78.17
C ILE E 273 0.40 -5.21 77.60
N VAL E 274 0.45 -4.88 76.31
CA VAL E 274 -0.39 -3.75 75.82
C VAL E 274 -1.77 -4.25 75.46
N ASP E 275 -2.68 -3.29 75.29
CA ASP E 275 -4.10 -3.52 74.93
C ASP E 275 -4.10 -4.12 73.52
N PRO E 276 -4.84 -5.23 73.31
CA PRO E 276 -4.88 -5.92 72.01
C PRO E 276 -5.17 -4.95 70.86
N LYS E 277 -5.92 -3.89 71.15
CA LYS E 277 -6.21 -2.77 70.21
C LYS E 277 -4.89 -2.20 69.67
N LEU E 278 -4.03 -1.66 70.55
CA LEU E 278 -2.79 -0.92 70.21
C LEU E 278 -1.77 -1.89 69.61
N SER E 279 -1.55 -3.04 70.26
CA SER E 279 -0.56 -4.05 69.81
C SER E 279 -0.95 -4.61 68.43
N ASN E 280 -2.25 -4.78 68.14
CA ASN E 280 -2.72 -5.26 66.82
C ASN E 280 -2.48 -4.16 65.77
N THR E 281 -2.75 -2.90 66.11
CA THR E 281 -2.50 -1.75 65.20
C THR E 281 -1.00 -1.72 64.84
N LEU E 282 -0.14 -1.94 65.84
CA LEU E 282 1.32 -1.84 65.68
C LEU E 282 1.90 -3.18 65.21
N CYS E 283 1.05 -4.19 64.98
CA CYS E 283 1.48 -5.51 64.43
C CYS E 283 2.60 -6.10 65.32
N VAL E 284 2.40 -6.09 66.63
CA VAL E 284 3.38 -6.68 67.60
C VAL E 284 3.08 -8.17 67.74
N TRP E 285 3.67 -8.99 66.87
CA TRP E 285 3.35 -10.44 66.74
C TRP E 285 4.31 -11.29 67.57
N ARG E 286 5.42 -10.73 68.01
CA ARG E 286 6.40 -11.53 68.78
C ARG E 286 6.93 -10.67 69.90
N ASN E 287 7.56 -11.27 70.88
CA ASN E 287 8.07 -10.36 71.93
C ASN E 287 9.58 -10.50 71.99
N LEU E 288 10.19 -9.33 72.04
CA LEU E 288 11.65 -9.15 71.95
C LEU E 288 12.20 -8.99 73.38
N TRP E 289 11.33 -9.10 74.38
CA TRP E 289 11.66 -8.86 75.81
C TRP E 289 10.50 -9.31 76.69
N HIS E 290 10.77 -9.60 77.97
CA HIS E 290 9.76 -10.04 78.97
C HIS E 290 9.95 -9.28 80.28
N ASP E 291 11.19 -8.84 80.55
CA ASP E 291 11.54 -8.15 81.81
C ASP E 291 11.54 -6.64 81.56
N SER E 292 10.43 -5.98 81.87
CA SER E 292 10.20 -4.52 81.72
C SER E 292 11.35 -3.74 82.37
N ASP E 293 11.69 -4.07 83.62
CA ASP E 293 12.70 -3.31 84.40
C ASP E 293 14.06 -3.43 83.73
N ASP E 294 14.44 -4.64 83.31
CA ASP E 294 15.74 -4.92 82.64
C ASP E 294 15.83 -4.11 81.35
N LEU E 295 14.76 -4.14 80.55
CA LEU E 295 14.70 -3.46 79.23
C LEU E 295 14.86 -1.95 79.44
N ALA E 296 14.10 -1.39 80.38
CA ALA E 296 14.02 0.06 80.65
C ALA E 296 15.35 0.54 81.24
N GLY E 297 15.89 -0.22 82.20
CA GLY E 297 17.19 0.11 82.86
C GLY E 297 18.30 0.19 81.84
N LYS E 298 18.37 -0.80 80.95
CA LYS E 298 19.43 -0.86 79.91
C LYS E 298 19.18 0.27 78.91
N ALA E 299 17.92 0.56 78.57
CA ALA E 299 17.59 1.64 77.62
C ALA E 299 18.06 3.00 78.19
N LEU E 300 17.76 3.30 79.45
CA LEU E 300 18.12 4.63 80.03
C LEU E 300 19.64 4.78 80.02
N GLU E 301 20.37 3.72 80.40
CA GLU E 301 21.85 3.71 80.40
C GLU E 301 22.33 3.99 78.98
N PHE E 302 21.74 3.29 78.00
CA PHE E 302 22.12 3.40 76.58
C PHE E 302 21.93 4.85 76.12
N ILE E 303 20.78 5.45 76.42
CA ILE E 303 20.46 6.83 75.97
C ILE E 303 21.41 7.85 76.62
N LYS E 304 21.67 7.74 77.93
CA LYS E 304 22.55 8.71 78.63
C LYS E 304 23.97 8.60 78.05
N GLN E 305 24.44 7.39 77.75
CA GLN E 305 25.76 7.15 77.11
C GLN E 305 25.83 7.94 75.79
N ARG E 306 24.77 7.84 74.96
CA ARG E 306 24.74 8.47 73.61
C ARG E 306 24.65 9.99 73.75
N LEU E 307 23.93 10.49 74.75
CA LEU E 307 23.64 11.94 74.92
C LEU E 307 24.90 12.66 75.37
N THR E 308 25.72 12.01 76.18
CA THR E 308 26.84 12.67 76.90
C THR E 308 28.14 12.46 76.10
N ALA E 309 28.13 11.59 75.09
CA ALA E 309 29.29 11.34 74.21
C ALA E 309 29.81 12.68 73.65
N SER F 21 11.74 -35.64 44.96
CA SER F 21 12.24 -35.40 46.33
C SER F 21 13.70 -34.90 46.28
N MET F 22 13.92 -33.72 45.69
CA MET F 22 15.26 -33.08 45.68
C MET F 22 15.11 -31.56 45.48
N ALA F 23 16.17 -30.81 45.81
CA ALA F 23 16.33 -29.38 45.46
C ALA F 23 16.84 -29.31 44.02
N PHE F 24 16.44 -28.26 43.30
CA PHE F 24 16.85 -28.02 41.90
C PHE F 24 17.98 -27.01 41.89
N PRO F 25 18.81 -27.00 40.82
CA PRO F 25 20.00 -26.16 40.79
C PRO F 25 19.71 -24.67 40.99
N LYS F 26 20.61 -24.00 41.70
CA LYS F 26 20.67 -22.54 41.89
C LYS F 26 22.05 -22.03 41.48
N ARG F 27 22.10 -20.81 40.95
CA ARG F 27 23.38 -20.13 40.61
C ARG F 27 23.35 -18.70 41.15
N LEU F 28 24.51 -18.12 41.42
CA LEU F 28 24.61 -16.68 41.77
C LEU F 28 24.27 -15.87 40.51
N GLU F 29 23.17 -15.13 40.53
CA GLU F 29 22.76 -14.29 39.38
C GLU F 29 21.96 -13.10 39.93
N ILE F 30 22.06 -11.95 39.27
CA ILE F 30 21.44 -10.68 39.72
C ILE F 30 20.26 -10.36 38.79
N GLY F 31 19.11 -10.09 39.39
CA GLY F 31 17.86 -9.83 38.65
C GLY F 31 17.27 -8.48 38.98
N GLY F 32 16.40 -7.99 38.10
CA GLY F 32 15.56 -6.82 38.36
C GLY F 32 14.10 -7.21 38.36
N HIS F 33 13.33 -6.66 39.29
CA HIS F 33 11.87 -6.92 39.37
C HIS F 33 11.18 -6.26 38.18
N ALA F 34 10.37 -7.02 37.43
CA ALA F 34 9.54 -6.50 36.33
C ALA F 34 8.80 -5.22 36.78
N LEU F 35 8.34 -5.16 38.04
CA LEU F 35 7.48 -4.04 38.53
C LEU F 35 8.27 -2.73 38.61
N VAL F 36 9.62 -2.79 38.58
CA VAL F 36 10.46 -1.55 38.50
C VAL F 36 10.13 -0.80 37.20
N TRP F 37 9.72 -1.52 36.14
CA TRP F 37 9.47 -0.93 34.80
C TRP F 37 7.98 -0.88 34.44
N SER F 38 7.21 -1.92 34.73
CA SER F 38 5.83 -2.10 34.22
C SER F 38 4.93 -2.70 35.30
N GLY F 39 3.76 -2.10 35.50
CA GLY F 39 2.78 -2.54 36.51
C GLY F 39 1.85 -3.59 35.97
N ASP F 40 1.94 -3.87 34.67
CA ASP F 40 1.09 -4.88 33.99
C ASP F 40 1.96 -5.67 33.02
N TRP F 41 1.35 -6.60 32.29
CA TRP F 41 2.08 -7.53 31.39
C TRP F 41 1.37 -7.64 30.05
N SER F 42 0.81 -6.53 29.59
CA SER F 42 0.46 -6.30 28.16
C SER F 42 1.70 -6.51 27.30
N ALA F 43 1.54 -6.69 25.98
CA ALA F 43 2.66 -6.80 25.03
C ALA F 43 3.63 -5.64 25.27
N ALA F 44 3.08 -4.42 25.44
CA ALA F 44 3.83 -3.17 25.63
C ALA F 44 4.60 -3.21 26.96
N GLY F 45 3.91 -3.63 28.03
CA GLY F 45 4.48 -3.66 29.39
C GLY F 45 5.58 -4.70 29.48
N ALA F 46 5.36 -5.88 28.89
CA ALA F 46 6.32 -7.00 28.89
C ALA F 46 7.58 -6.57 28.13
N ARG F 47 7.43 -5.97 26.95
CA ARG F 47 8.62 -5.55 26.15
C ARG F 47 9.35 -4.45 26.93
N LYS F 48 8.63 -3.49 27.50
CA LYS F 48 9.29 -2.39 28.27
C LYS F 48 10.14 -2.99 29.38
N ALA F 49 9.56 -3.90 30.16
CA ALA F 49 10.21 -4.46 31.39
C ALA F 49 11.39 -5.34 30.97
N ILE F 50 11.21 -6.20 29.97
CA ILE F 50 12.27 -7.18 29.57
C ILE F 50 13.41 -6.42 28.89
N ALA F 51 13.11 -5.49 28.00
CA ALA F 51 14.12 -4.59 27.40
C ALA F 51 14.86 -3.83 28.52
N GLY F 52 14.11 -3.34 29.52
CA GLY F 52 14.63 -2.54 30.64
C GLY F 52 15.65 -3.34 31.44
N ALA F 53 15.28 -4.55 31.83
CA ALA F 53 16.12 -5.45 32.65
C ALA F 53 17.37 -5.80 31.85
N ALA F 54 17.24 -6.09 30.56
CA ALA F 54 18.37 -6.42 29.66
C ALA F 54 19.31 -5.22 29.56
N ARG F 55 18.77 -4.02 29.33
CA ARG F 55 19.55 -2.77 29.12
C ARG F 55 20.38 -2.47 30.38
N ALA F 56 19.84 -2.73 31.57
CA ALA F 56 20.49 -2.44 32.87
C ALA F 56 21.64 -3.42 33.08
N GLY F 57 21.59 -4.58 32.43
CA GLY F 57 22.65 -5.60 32.49
C GLY F 57 22.33 -6.73 33.45
N PHE F 58 21.06 -6.92 33.81
CA PHE F 58 20.63 -8.01 34.72
C PHE F 58 20.74 -9.37 34.02
N ASP F 59 20.98 -10.42 34.83
CA ASP F 59 21.03 -11.82 34.37
C ASP F 59 19.59 -12.30 34.12
N TYR F 60 18.64 -11.85 34.92
CA TYR F 60 17.24 -12.32 34.82
C TYR F 60 16.28 -11.19 35.17
N ILE F 61 15.02 -11.36 34.79
CA ILE F 61 13.91 -10.51 35.28
C ILE F 61 13.05 -11.37 36.19
N GLU F 62 12.51 -10.76 37.25
CA GLU F 62 11.56 -11.43 38.16
C GLU F 62 10.16 -10.96 37.79
N ILE F 63 9.37 -11.90 37.25
CA ILE F 63 8.00 -11.61 36.73
C ILE F 63 7.04 -11.70 37.90
N ALA F 64 6.12 -10.74 37.96
CA ALA F 64 5.07 -10.68 39.00
C ALA F 64 3.97 -11.68 38.63
N LEU F 65 3.70 -12.66 39.49
CA LEU F 65 2.56 -13.60 39.26
C LEU F 65 1.48 -13.43 40.34
N LEU F 66 1.28 -12.21 40.83
CA LEU F 66 0.12 -11.87 41.70
C LEU F 66 -1.17 -12.29 41.00
N ASP F 67 -1.23 -12.13 39.68
CA ASP F 67 -2.40 -12.57 38.90
C ASP F 67 -1.90 -13.40 37.71
N PRO F 68 -1.66 -14.72 37.91
CA PRO F 68 -0.98 -15.51 36.89
C PRO F 68 -1.81 -15.71 35.63
N TRP F 69 -3.09 -15.34 35.68
CA TRP F 69 -3.98 -15.41 34.49
C TRP F 69 -3.65 -14.27 33.52
N GLN F 70 -2.84 -13.30 33.92
CA GLN F 70 -2.58 -12.09 33.08
C GLN F 70 -1.38 -12.32 32.17
N ILE F 71 -0.71 -13.47 32.25
CA ILE F 71 0.55 -13.74 31.50
C ILE F 71 0.26 -14.51 30.21
N ASP F 72 0.64 -13.95 29.06
CA ASP F 72 0.75 -14.69 27.78
C ASP F 72 2.11 -15.38 27.78
N VAL F 73 2.12 -16.69 28.03
CA VAL F 73 3.37 -17.48 28.17
C VAL F 73 4.19 -17.39 26.87
N ALA F 74 3.56 -17.64 25.73
CA ALA F 74 4.20 -17.65 24.40
C ALA F 74 4.88 -16.31 24.12
N LEU F 75 4.14 -15.21 24.25
CA LEU F 75 4.63 -13.82 24.05
C LEU F 75 5.83 -13.59 24.97
N THR F 76 5.71 -14.04 26.22
CA THR F 76 6.75 -13.80 27.26
C THR F 76 8.00 -14.60 26.88
N LYS F 77 7.84 -15.89 26.56
CA LYS F 77 8.98 -16.76 26.17
C LYS F 77 9.69 -16.13 24.97
N ASP F 78 8.94 -15.69 23.96
CA ASP F 78 9.50 -15.01 22.76
C ASP F 78 10.35 -13.81 23.19
N LEU F 79 9.83 -12.95 24.07
CA LEU F 79 10.52 -11.73 24.53
C LEU F 79 11.79 -12.09 25.30
N LEU F 80 11.71 -13.08 26.19
CA LEU F 80 12.89 -13.49 26.99
C LEU F 80 13.99 -14.00 26.05
N GLN F 81 13.63 -14.79 25.04
CA GLN F 81 14.58 -15.28 24.01
C GLN F 81 15.15 -14.07 23.24
N GLU F 82 14.28 -13.14 22.85
CA GLU F 82 14.67 -11.97 22.04
C GLU F 82 15.76 -11.18 22.76
N TYR F 83 15.63 -11.02 24.09
CA TYR F 83 16.54 -10.18 24.91
C TYR F 83 17.56 -11.05 25.66
N ASN F 84 17.59 -12.36 25.40
CA ASN F 84 18.56 -13.31 25.99
C ASN F 84 18.53 -13.15 27.52
N LEU F 85 17.34 -13.22 28.11
CA LEU F 85 17.12 -12.97 29.54
C LEU F 85 16.49 -14.19 30.19
N ARG F 86 16.97 -14.60 31.36
CA ARG F 86 16.32 -15.65 32.19
C ARG F 86 15.17 -15.01 32.97
N ALA F 87 14.28 -15.83 33.51
CA ALA F 87 13.14 -15.34 34.34
C ALA F 87 12.95 -16.21 35.57
N HIS F 88 12.70 -15.56 36.70
CA HIS F 88 12.14 -16.17 37.92
C HIS F 88 10.81 -15.48 38.18
N ALA F 89 10.04 -15.94 39.17
CA ALA F 89 8.73 -15.33 39.45
C ALA F 89 8.55 -15.14 40.95
N SER F 90 7.90 -14.05 41.34
CA SER F 90 7.47 -13.81 42.74
C SER F 90 6.00 -13.43 42.73
N LEU F 91 5.34 -13.62 43.87
CA LEU F 91 3.97 -13.12 44.08
C LEU F 91 3.72 -12.96 45.58
N GLY F 92 2.67 -12.21 45.89
CA GLY F 92 1.99 -12.27 47.20
C GLY F 92 0.55 -12.70 46.98
N LEU F 93 0.02 -13.50 47.87
CA LEU F 93 -1.43 -13.84 47.86
C LEU F 93 -2.20 -12.63 48.39
N SER F 94 -3.53 -12.72 48.33
CA SER F 94 -4.44 -11.68 48.86
C SER F 94 -5.40 -12.35 49.85
N ALA F 95 -6.26 -11.55 50.48
CA ALA F 95 -7.29 -12.08 51.40
C ALA F 95 -8.05 -13.22 50.70
N ALA F 96 -8.39 -13.07 49.42
CA ALA F 96 -9.27 -14.03 48.69
C ALA F 96 -8.52 -15.34 48.43
N THR F 97 -7.19 -15.36 48.57
CA THR F 97 -6.36 -16.54 48.23
C THR F 97 -5.46 -16.91 49.42
N ASP F 98 -5.83 -16.48 50.63
CA ASP F 98 -5.00 -16.63 51.84
C ASP F 98 -4.94 -18.09 52.30
N VAL F 99 -3.84 -18.79 52.06
CA VAL F 99 -3.72 -20.22 52.42
C VAL F 99 -3.61 -20.40 53.95
N THR F 100 -3.55 -19.32 54.75
CA THR F 100 -3.62 -19.43 56.24
C THR F 100 -5.08 -19.47 56.73
N SER F 101 -6.03 -19.17 55.85
CA SER F 101 -7.47 -19.00 56.20
C SER F 101 -8.06 -20.26 56.87
N THR F 102 -8.98 -20.07 57.80
CA THR F 102 -9.82 -21.16 58.36
C THR F 102 -11.02 -21.45 57.45
N ASP F 103 -11.17 -20.70 56.36
CA ASP F 103 -12.16 -20.98 55.29
C ASP F 103 -11.50 -21.86 54.23
N PRO F 104 -11.88 -23.17 54.14
CA PRO F 104 -11.25 -24.09 53.20
C PRO F 104 -11.36 -23.66 51.74
N ALA F 105 -12.41 -22.91 51.40
CA ALA F 105 -12.65 -22.39 50.03
C ALA F 105 -11.57 -21.34 49.73
N ILE F 106 -11.22 -20.52 50.71
CA ILE F 106 -10.18 -19.48 50.50
C ILE F 106 -8.82 -20.18 50.34
N VAL F 107 -8.55 -21.19 51.17
CA VAL F 107 -7.28 -21.97 51.02
C VAL F 107 -7.25 -22.61 49.62
N ALA F 108 -8.36 -23.21 49.19
CA ALA F 108 -8.45 -23.87 47.86
C ALA F 108 -8.18 -22.84 46.76
N LYS F 109 -8.68 -21.61 46.93
CA LYS F 109 -8.47 -20.51 45.94
C LYS F 109 -6.97 -20.16 45.87
N GLY F 110 -6.31 -20.12 47.03
CA GLY F 110 -4.85 -19.93 47.12
C GLY F 110 -4.10 -21.05 46.43
N ASP F 111 -4.44 -22.30 46.74
CA ASP F 111 -3.78 -23.48 46.12
C ASP F 111 -3.89 -23.35 44.60
N GLU F 112 -5.07 -22.97 44.11
CA GLU F 112 -5.33 -22.84 42.65
C GLU F 112 -4.40 -21.76 42.07
N LEU F 113 -4.31 -20.60 42.71
CA LEU F 113 -3.46 -19.50 42.19
C LEU F 113 -2.00 -19.97 42.18
N LEU F 114 -1.58 -20.66 43.23
CA LEU F 114 -0.16 -21.08 43.36
C LEU F 114 0.15 -22.12 42.28
N ARG F 115 -0.79 -23.05 42.01
CA ARG F 115 -0.64 -24.04 40.92
C ARG F 115 -0.53 -23.29 39.59
N LYS F 116 -1.38 -22.29 39.38
CA LYS F 116 -1.41 -21.51 38.12
C LYS F 116 -0.05 -20.82 37.94
N ALA F 117 0.47 -20.20 39.01
CA ALA F 117 1.78 -19.50 38.97
C ALA F 117 2.88 -20.51 38.63
N THR F 118 2.83 -21.70 39.22
CA THR F 118 3.84 -22.76 38.99
C THR F 118 3.76 -23.19 37.52
N ASP F 119 2.56 -23.36 36.99
CA ASP F 119 2.33 -23.77 35.58
C ASP F 119 2.96 -22.71 34.65
N VAL F 120 2.76 -21.43 34.95
CA VAL F 120 3.29 -20.31 34.11
C VAL F 120 4.83 -20.37 34.15
N LEU F 121 5.40 -20.46 35.35
CA LEU F 121 6.87 -20.48 35.53
C LEU F 121 7.43 -21.69 34.78
N TYR F 122 6.79 -22.85 34.89
CA TYR F 122 7.21 -24.11 34.21
C TYR F 122 7.22 -23.90 32.70
N ALA F 123 6.14 -23.31 32.17
CA ALA F 123 5.98 -23.07 30.72
C ALA F 123 7.07 -22.10 30.23
N LEU F 124 7.52 -21.19 31.09
CA LEU F 124 8.55 -20.16 30.75
C LEU F 124 9.94 -20.75 30.87
N GLY F 125 10.05 -21.98 31.40
CA GLY F 125 11.32 -22.70 31.63
C GLY F 125 12.07 -22.23 32.87
N GLY F 126 11.38 -21.62 33.84
CA GLY F 126 11.99 -21.07 35.07
C GLY F 126 12.08 -22.11 36.17
N SER F 127 12.77 -21.78 37.27
CA SER F 127 13.10 -22.74 38.35
C SER F 127 12.80 -22.17 39.75
N GLU F 128 12.39 -20.90 39.87
CA GLU F 128 12.22 -20.28 41.21
C GLU F 128 10.86 -19.57 41.30
N LEU F 129 10.02 -19.98 42.25
CA LEU F 129 8.80 -19.23 42.62
C LEU F 129 9.00 -18.75 44.06
N CYS F 130 9.05 -17.44 44.25
CA CYS F 130 9.40 -16.84 45.56
C CYS F 130 8.40 -15.76 45.95
N GLY F 131 8.61 -15.19 47.13
CA GLY F 131 7.79 -14.08 47.65
C GLY F 131 6.84 -14.56 48.73
N VAL F 132 5.78 -13.82 48.94
CA VAL F 132 4.80 -14.08 50.04
C VAL F 132 3.77 -15.06 49.50
N ILE F 133 4.20 -16.32 49.36
CA ILE F 133 3.43 -17.43 48.73
C ILE F 133 2.67 -18.22 49.80
N TYR F 134 2.86 -17.87 51.08
CA TYR F 134 2.44 -18.70 52.24
C TYR F 134 1.34 -18.00 53.05
N CYS F 135 0.92 -16.80 52.61
CA CYS F 135 -0.14 -16.04 53.27
C CYS F 135 -0.57 -14.87 52.40
N ALA F 136 -1.61 -14.15 52.82
CA ALA F 136 -1.99 -12.87 52.18
C ALA F 136 -0.91 -11.83 52.50
N LEU F 137 -0.44 -11.13 51.48
CA LEU F 137 0.46 -9.98 51.67
C LEU F 137 -0.34 -8.81 52.23
N GLY F 138 0.05 -8.34 53.41
CA GLY F 138 -0.49 -7.09 53.97
C GLY F 138 -0.76 -7.18 55.46
N LYS F 139 -1.59 -6.27 55.95
CA LYS F 139 -1.85 -6.07 57.39
C LYS F 139 -2.85 -7.14 57.87
N TYR F 140 -2.46 -7.89 58.90
CA TYR F 140 -3.34 -8.84 59.60
C TYR F 140 -3.93 -8.13 60.80
N PRO F 141 -5.19 -8.45 61.17
CA PRO F 141 -5.88 -7.77 62.25
C PRO F 141 -5.46 -8.27 63.65
N GLY F 142 -4.71 -9.37 63.69
CA GLY F 142 -4.26 -9.98 64.95
C GLY F 142 -3.22 -11.05 64.69
N PRO F 143 -2.64 -11.64 65.77
CA PRO F 143 -1.57 -12.64 65.61
C PRO F 143 -2.12 -13.91 64.97
N ALA F 144 -1.25 -14.63 64.26
CA ALA F 144 -1.53 -15.95 63.65
C ALA F 144 -1.85 -16.94 64.77
N SER F 145 -2.91 -17.71 64.59
CA SER F 145 -3.26 -18.89 65.41
C SER F 145 -2.36 -20.06 65.00
N ARG F 146 -2.28 -21.09 65.84
CA ARG F 146 -1.60 -22.34 65.47
C ARG F 146 -2.23 -22.90 64.20
N GLU F 147 -3.55 -22.75 64.07
CA GLU F 147 -4.33 -23.26 62.91
C GLU F 147 -3.89 -22.51 61.64
N ASN F 148 -3.78 -21.17 61.73
CA ASN F 148 -3.31 -20.34 60.59
C ASN F 148 -1.95 -20.87 60.11
N ARG F 149 -1.00 -21.05 61.03
CA ARG F 149 0.37 -21.53 60.67
C ARG F 149 0.30 -22.94 60.07
N ALA F 150 -0.46 -23.86 60.67
CA ALA F 150 -0.58 -25.25 60.21
C ALA F 150 -1.15 -25.27 58.78
N ASN F 151 -2.13 -24.40 58.51
CA ASN F 151 -2.79 -24.32 57.19
C ASN F 151 -1.75 -23.89 56.16
N SER F 152 -0.95 -22.89 56.52
CA SER F 152 0.15 -22.36 55.67
C SER F 152 1.17 -23.48 55.39
N VAL F 153 1.64 -24.14 56.44
CA VAL F 153 2.67 -25.21 56.31
C VAL F 153 2.14 -26.27 55.33
N ALA F 154 0.89 -26.71 55.50
CA ALA F 154 0.28 -27.77 54.67
C ALA F 154 0.17 -27.27 53.22
N ALA F 155 -0.22 -26.01 53.02
CA ALA F 155 -0.32 -25.38 51.70
C ALA F 155 1.05 -25.39 51.01
N MET F 156 2.12 -25.09 51.75
CA MET F 156 3.49 -25.02 51.19
C MET F 156 4.02 -26.43 50.89
N GLN F 157 3.64 -27.43 51.69
CA GLN F 157 3.92 -28.85 51.36
C GLN F 157 3.26 -29.22 50.01
N ARG F 158 1.98 -28.88 49.85
CA ARG F 158 1.24 -29.19 48.60
C ARG F 158 1.90 -28.48 47.42
N LEU F 159 2.25 -27.20 47.60
CA LEU F 159 2.89 -26.39 46.53
C LEU F 159 4.27 -26.99 46.24
N ALA F 160 5.08 -27.26 47.25
CA ALA F 160 6.45 -27.81 47.07
C ALA F 160 6.35 -29.09 46.23
N ASP F 161 5.39 -29.96 46.56
CA ASP F 161 5.25 -31.28 45.89
C ASP F 161 4.83 -31.07 44.44
N TYR F 162 3.93 -30.12 44.18
CA TYR F 162 3.46 -29.79 42.82
C TYR F 162 4.63 -29.21 42.01
N ALA F 163 5.45 -28.35 42.63
CA ALA F 163 6.60 -27.69 41.98
C ALA F 163 7.67 -28.73 41.66
N ALA F 164 7.80 -29.75 42.52
CA ALA F 164 8.89 -30.75 42.45
C ALA F 164 8.90 -31.43 41.08
N ASP F 165 7.71 -31.75 40.57
CA ASP F 165 7.49 -32.50 39.30
C ASP F 165 7.85 -31.62 38.11
N LYS F 166 8.09 -30.33 38.36
CA LYS F 166 8.33 -29.31 37.31
C LYS F 166 9.69 -28.64 37.51
N GLY F 167 10.54 -29.21 38.36
CA GLY F 167 11.92 -28.73 38.58
C GLY F 167 11.95 -27.32 39.14
N ILE F 168 10.94 -26.97 39.95
CA ILE F 168 10.86 -25.61 40.55
C ILE F 168 11.14 -25.68 42.05
N ASN F 169 11.99 -24.78 42.52
CA ASN F 169 12.19 -24.50 43.97
C ASN F 169 11.18 -23.42 44.39
N ILE F 170 10.68 -23.53 45.61
CA ILE F 170 9.85 -22.43 46.21
C ILE F 170 10.68 -21.80 47.33
N ASP F 171 10.65 -20.48 47.39
CA ASP F 171 11.44 -19.66 48.35
C ASP F 171 10.44 -18.78 49.11
N LEU F 172 10.31 -19.03 50.42
CA LEU F 172 9.30 -18.35 51.27
C LEU F 172 9.91 -17.04 51.75
N GLU F 173 9.36 -15.91 51.30
CA GLU F 173 9.95 -14.58 51.60
C GLU F 173 9.51 -14.12 52.99
N VAL F 174 10.46 -13.99 53.89
CA VAL F 174 10.20 -13.38 55.22
C VAL F 174 9.93 -11.89 54.99
N VAL F 175 8.79 -11.37 55.45
CA VAL F 175 8.49 -9.92 55.30
C VAL F 175 8.12 -9.35 56.67
N ASN F 176 8.11 -8.02 56.76
CA ASN F 176 7.96 -7.31 58.05
C ASN F 176 6.53 -7.52 58.62
N ARG F 177 6.38 -7.17 59.90
CA ARG F 177 5.15 -7.33 60.71
C ARG F 177 3.93 -6.72 60.01
N TYR F 178 4.09 -5.66 59.24
CA TYR F 178 2.93 -4.97 58.59
C TYR F 178 2.48 -5.71 57.33
N GLU F 179 3.24 -6.72 56.88
CA GLU F 179 2.99 -7.44 55.61
C GLU F 179 2.73 -8.94 55.84
N THR F 180 3.00 -9.47 57.05
CA THR F 180 2.58 -10.84 57.43
C THR F 180 2.63 -10.98 58.94
N ASN F 181 1.81 -11.89 59.48
CA ASN F 181 1.88 -12.28 60.91
C ASN F 181 2.49 -13.69 61.03
N ILE F 182 2.95 -14.31 59.95
CA ILE F 182 3.38 -15.74 59.98
C ILE F 182 4.87 -15.84 60.32
N MET F 183 5.73 -15.11 59.61
CA MET F 183 7.19 -15.15 59.86
C MET F 183 7.76 -13.76 59.57
N ASN F 184 8.52 -13.18 60.51
CA ASN F 184 9.06 -11.80 60.36
C ASN F 184 10.59 -11.80 60.39
N THR F 185 11.21 -12.90 60.84
CA THR F 185 12.69 -13.05 60.82
C THR F 185 13.09 -14.34 60.09
N GLY F 186 14.32 -14.38 59.59
CA GLY F 186 14.87 -15.58 58.95
C GLY F 186 14.82 -16.76 59.91
N LEU F 187 15.15 -16.53 61.19
CA LEU F 187 15.12 -17.59 62.23
C LEU F 187 13.71 -18.18 62.30
N GLU F 188 12.67 -17.36 62.32
CA GLU F 188 11.27 -17.88 62.33
C GLU F 188 11.01 -18.62 61.01
N GLY F 189 11.52 -18.10 59.90
CA GLY F 189 11.38 -18.75 58.59
C GLY F 189 11.93 -20.16 58.61
N LEU F 190 13.10 -20.35 59.21
CA LEU F 190 13.81 -21.65 59.23
C LEU F 190 12.97 -22.66 60.04
N ALA F 191 12.40 -22.24 61.16
CA ALA F 191 11.54 -23.12 62.00
C ALA F 191 10.31 -23.52 61.19
N PHE F 192 9.72 -22.58 60.44
CA PHE F 192 8.57 -22.85 59.55
C PHE F 192 8.99 -23.86 58.46
N LEU F 193 10.11 -23.62 57.79
CA LEU F 193 10.63 -24.51 56.73
C LEU F 193 10.87 -25.92 57.27
N ASP F 194 11.27 -26.06 58.54
CA ASP F 194 11.50 -27.42 59.12
C ASP F 194 10.15 -28.14 59.23
N GLU F 195 9.06 -27.42 59.50
CA GLU F 195 7.69 -28.01 59.54
C GLU F 195 7.26 -28.39 58.12
N VAL F 196 7.54 -27.54 57.13
CA VAL F 196 7.24 -27.85 55.70
C VAL F 196 7.97 -29.16 55.34
N ASN F 197 9.25 -29.24 55.68
CA ASN F 197 10.07 -30.46 55.48
C ASN F 197 10.00 -30.89 54.01
N ARG F 198 10.39 -30.00 53.09
CA ARG F 198 10.53 -30.35 51.65
C ARG F 198 11.88 -29.83 51.15
N PRO F 199 12.62 -30.66 50.37
CA PRO F 199 13.98 -30.31 49.96
C PRO F 199 14.05 -29.19 48.91
N ASN F 200 12.95 -28.91 48.22
CA ASN F 200 12.89 -27.82 47.22
C ASN F 200 12.20 -26.58 47.81
N ALA F 201 12.05 -26.50 49.14
CA ALA F 201 11.55 -25.29 49.84
C ALA F 201 12.71 -24.62 50.57
N PHE F 202 12.89 -23.31 50.35
CA PHE F 202 14.03 -22.53 50.87
C PHE F 202 13.52 -21.28 51.58
N LEU F 203 14.44 -20.63 52.29
CA LEU F 203 14.23 -19.31 52.92
C LEU F 203 14.54 -18.23 51.87
N HIS F 204 13.78 -17.14 51.92
CA HIS F 204 13.98 -15.97 51.04
C HIS F 204 14.06 -14.75 51.96
N LEU F 205 15.18 -14.05 51.93
CA LEU F 205 15.41 -12.83 52.75
C LEU F 205 15.38 -11.60 51.85
N ASP F 206 14.92 -10.49 52.41
CA ASP F 206 14.75 -9.18 51.72
C ASP F 206 15.30 -8.10 52.65
N THR F 207 16.33 -7.36 52.22
CA THR F 207 17.05 -6.39 53.10
C THR F 207 16.09 -5.33 53.62
N TYR F 208 15.04 -4.98 52.87
CA TYR F 208 14.07 -3.95 53.30
C TYR F 208 13.33 -4.47 54.53
N HIS F 209 12.90 -5.74 54.48
CA HIS F 209 12.16 -6.39 55.60
C HIS F 209 13.15 -6.65 56.74
N MET F 210 14.36 -7.10 56.41
CA MET F 210 15.40 -7.36 57.45
C MET F 210 15.73 -6.09 58.23
N ASN F 211 15.73 -4.94 57.56
CA ASN F 211 16.04 -3.61 58.14
C ASN F 211 15.12 -3.34 59.33
N ILE F 212 13.88 -3.81 59.27
CA ILE F 212 12.91 -3.64 60.38
C ILE F 212 13.11 -4.71 61.44
N GLU F 213 13.21 -5.98 61.05
CA GLU F 213 12.89 -7.10 61.97
C GLU F 213 14.15 -7.76 62.55
N GLU F 214 15.30 -7.71 61.87
CA GLU F 214 16.45 -8.59 62.18
C GLU F 214 17.35 -7.94 63.23
N ASN F 215 17.99 -8.78 64.05
CA ASN F 215 19.05 -8.35 65.00
C ASN F 215 20.36 -8.20 64.22
N GLY F 216 20.51 -7.11 63.45
CA GLY F 216 21.61 -6.95 62.49
C GLY F 216 21.36 -7.73 61.21
N MET F 217 22.22 -7.54 60.21
CA MET F 217 21.96 -8.02 58.85
C MET F 217 22.69 -9.34 58.57
N ALA F 218 23.29 -9.96 59.60
CA ALA F 218 24.15 -11.16 59.42
C ALA F 218 23.53 -12.42 60.05
N LYS F 219 22.91 -12.30 61.23
CA LYS F 219 22.46 -13.44 62.07
C LYS F 219 21.66 -14.45 61.24
N SER F 220 20.63 -14.01 60.50
CA SER F 220 19.71 -14.95 59.81
C SER F 220 20.41 -15.60 58.62
N VAL F 221 21.26 -14.86 57.91
CA VAL F 221 22.03 -15.38 56.75
C VAL F 221 22.93 -16.52 57.25
N LEU F 222 23.63 -16.30 58.36
CA LEU F 222 24.59 -17.32 58.87
C LEU F 222 23.83 -18.57 59.34
N ALA F 223 22.66 -18.39 59.98
CA ALA F 223 21.82 -19.48 60.50
C ALA F 223 21.28 -20.32 59.34
N ALA F 224 20.92 -19.68 58.23
CA ALA F 224 20.24 -20.33 57.09
C ALA F 224 21.24 -21.18 56.31
N GLY F 225 22.42 -20.63 56.06
CA GLY F 225 23.43 -21.27 55.20
C GLY F 225 22.81 -21.70 53.88
N ASP F 226 22.90 -22.99 53.57
CA ASP F 226 22.43 -23.59 52.29
C ASP F 226 20.91 -23.49 52.19
N ARG F 227 20.22 -23.19 53.29
CA ARG F 227 18.73 -23.08 53.27
C ARG F 227 18.29 -21.71 52.71
N LEU F 228 19.21 -20.75 52.58
CA LEU F 228 18.89 -19.45 51.94
C LEU F 228 18.90 -19.68 50.43
N GLY F 229 17.74 -19.56 49.78
CA GLY F 229 17.57 -19.94 48.37
C GLY F 229 17.29 -18.75 47.47
N TYR F 230 17.09 -17.55 48.02
CA TYR F 230 16.69 -16.37 47.23
C TYR F 230 16.88 -15.13 48.09
N VAL F 231 17.30 -14.03 47.46
CA VAL F 231 17.53 -12.73 48.14
C VAL F 231 16.85 -11.62 47.33
N HIS F 232 16.21 -10.71 48.04
CA HIS F 232 15.78 -9.38 47.53
C HIS F 232 16.65 -8.28 48.14
N ILE F 233 17.07 -7.34 47.29
CA ILE F 233 17.82 -6.14 47.71
C ILE F 233 16.87 -4.94 47.60
N GLY F 234 16.54 -4.35 48.74
CA GLY F 234 15.84 -3.06 48.82
C GLY F 234 16.48 -2.19 49.88
N GLU F 235 16.56 -0.88 49.63
CA GLU F 235 17.03 0.09 50.63
C GLU F 235 15.93 0.19 51.72
N SER F 236 16.28 0.77 52.85
CA SER F 236 15.37 0.93 54.03
C SER F 236 14.04 1.54 53.61
N HIS F 237 14.07 2.53 52.71
CA HIS F 237 12.86 3.26 52.27
C HIS F 237 12.42 2.78 50.88
N ARG F 238 13.09 1.74 50.35
CA ARG F 238 12.87 1.10 49.03
C ARG F 238 13.25 2.02 47.86
N GLY F 239 14.03 3.07 48.13
CA GLY F 239 14.55 4.01 47.11
C GLY F 239 15.90 3.58 46.55
N TYR F 240 16.70 4.54 46.07
CA TYR F 240 18.06 4.31 45.54
C TYR F 240 18.91 3.60 46.60
N LEU F 241 19.59 2.54 46.21
CA LEU F 241 20.49 1.80 47.13
C LEU F 241 21.60 2.77 47.58
N GLY F 242 21.86 2.80 48.88
CA GLY F 242 22.94 3.61 49.49
C GLY F 242 22.45 4.97 49.97
N THR F 243 21.18 5.31 49.79
CA THR F 243 20.59 6.62 50.19
C THR F 243 19.75 6.45 51.46
N GLY F 244 19.70 5.24 52.02
CA GLY F 244 18.91 4.93 53.22
C GLY F 244 19.79 4.48 54.36
N ASN F 245 19.33 3.50 55.13
CA ASN F 245 19.91 3.16 56.44
C ASN F 245 20.50 1.75 56.44
N VAL F 246 20.34 0.97 55.37
CA VAL F 246 20.71 -0.48 55.43
C VAL F 246 22.23 -0.60 55.43
N ASP F 247 22.76 -1.38 56.37
CA ASP F 247 24.19 -1.79 56.37
C ASP F 247 24.36 -2.94 55.37
N PHE F 248 24.50 -2.61 54.08
CA PHE F 248 24.66 -3.62 53.00
C PHE F 248 26.02 -4.30 53.15
N ALA F 249 27.04 -3.60 53.65
CA ALA F 249 28.38 -4.17 53.85
C ALA F 249 28.25 -5.39 54.76
N SER F 250 27.54 -5.24 55.88
CA SER F 250 27.28 -6.34 56.85
C SER F 250 26.57 -7.50 56.15
N PHE F 251 25.54 -7.19 55.37
CA PHE F 251 24.68 -8.21 54.70
C PHE F 251 25.52 -9.00 53.69
N PHE F 252 26.21 -8.30 52.78
CA PHE F 252 26.99 -8.95 51.71
C PHE F 252 28.16 -9.74 52.32
N ALA F 253 28.73 -9.29 53.43
CA ALA F 253 29.82 -10.02 54.10
C ALA F 253 29.27 -11.37 54.59
N ALA F 254 28.02 -11.40 55.06
CA ALA F 254 27.36 -12.64 55.54
C ALA F 254 27.09 -13.56 54.33
N LEU F 255 26.63 -13.02 53.20
CA LEU F 255 26.43 -13.83 51.97
C LEU F 255 27.74 -14.50 51.57
N LYS F 256 28.85 -13.77 51.65
CA LYS F 256 30.20 -14.28 51.29
C LYS F 256 30.55 -15.40 52.28
N GLN F 257 30.27 -15.21 53.56
CA GLN F 257 30.68 -16.19 54.60
C GLN F 257 29.99 -17.54 54.34
N ILE F 258 28.75 -17.53 53.84
CA ILE F 258 27.99 -18.80 53.57
C ILE F 258 28.16 -19.22 52.10
N ASP F 259 28.99 -18.50 51.34
CA ASP F 259 29.24 -18.77 49.90
C ASP F 259 27.90 -18.85 49.17
N TYR F 260 27.06 -17.82 49.33
CA TYR F 260 25.69 -17.81 48.78
C TYR F 260 25.78 -17.88 47.25
N ARG F 261 25.12 -18.87 46.65
CA ARG F 261 25.02 -19.03 45.18
C ARG F 261 23.56 -19.19 44.78
N GLY F 262 22.87 -18.06 44.71
CA GLY F 262 21.45 -18.03 44.33
C GLY F 262 21.05 -16.67 43.79
N PRO F 263 19.77 -16.52 43.36
CA PRO F 263 19.26 -15.26 42.83
C PRO F 263 19.34 -14.12 43.84
N ILE F 264 19.64 -12.92 43.33
CA ILE F 264 19.61 -11.62 44.05
C ILE F 264 18.83 -10.65 43.17
N THR F 265 17.58 -10.33 43.55
CA THR F 265 16.72 -9.40 42.79
C THR F 265 16.72 -8.02 43.44
N PHE F 266 16.95 -6.97 42.65
CA PHE F 266 16.70 -5.57 43.06
C PHE F 266 15.21 -5.27 42.85
N GLU F 267 14.57 -4.67 43.84
CA GLU F 267 13.16 -4.27 43.63
C GLU F 267 12.86 -2.93 44.31
N SER F 268 11.89 -2.24 43.74
CA SER F 268 11.24 -1.05 44.32
C SER F 268 9.87 -0.93 43.68
N PHE F 269 8.94 -0.24 44.33
CA PHE F 269 7.52 -0.16 43.92
C PHE F 269 7.11 1.31 43.86
N SER F 270 7.00 1.85 42.65
CA SER F 270 6.58 3.25 42.40
C SER F 270 5.06 3.29 42.23
N SER F 271 4.38 4.24 42.89
CA SER F 271 2.92 4.44 42.75
C SER F 271 2.60 4.87 41.32
N GLU F 272 3.59 5.34 40.56
CA GLU F 272 3.39 5.83 39.17
C GLU F 272 3.37 4.65 38.20
N ILE F 273 3.80 3.46 38.62
CA ILE F 273 4.03 2.29 37.73
C ILE F 273 3.13 1.12 38.13
N VAL F 274 3.09 0.77 39.41
CA VAL F 274 2.46 -0.51 39.84
C VAL F 274 0.95 -0.36 39.94
N ASP F 275 0.24 -1.48 39.91
CA ASP F 275 -1.23 -1.56 40.12
C ASP F 275 -1.55 -0.93 41.46
N PRO F 276 -2.56 -0.05 41.52
CA PRO F 276 -2.96 0.59 42.77
C PRO F 276 -3.22 -0.41 43.92
N LYS F 277 -3.73 -1.61 43.65
CA LYS F 277 -3.96 -2.64 44.70
C LYS F 277 -2.61 -2.92 45.39
N LEU F 278 -1.52 -3.04 44.63
CA LEU F 278 -0.21 -3.37 45.24
C LEU F 278 0.36 -2.12 45.92
N SER F 279 0.31 -0.98 45.23
CA SER F 279 0.74 0.34 45.74
C SER F 279 0.10 0.62 47.11
N ASN F 280 -1.21 0.40 47.23
CA ASN F 280 -1.92 0.68 48.49
C ASN F 280 -1.55 -0.38 49.54
N THR F 281 -1.44 -1.66 49.16
CA THR F 281 -1.04 -2.74 50.10
C THR F 281 0.34 -2.42 50.68
N LEU F 282 1.27 -1.93 49.85
CA LEU F 282 2.65 -1.65 50.30
C LEU F 282 2.78 -0.23 50.84
N CYS F 283 1.68 0.53 50.91
CA CYS F 283 1.68 1.89 51.52
C CYS F 283 2.75 2.75 50.84
N VAL F 284 2.74 2.78 49.50
CA VAL F 284 3.63 3.68 48.72
C VAL F 284 2.90 5.00 48.53
N TRP F 285 3.20 5.96 49.41
CA TRP F 285 2.54 7.29 49.49
C TRP F 285 3.43 8.36 48.83
N ARG F 286 4.67 8.01 48.49
CA ARG F 286 5.63 8.93 47.85
C ARG F 286 6.59 8.11 47.02
N ASN F 287 7.19 8.73 46.01
CA ASN F 287 8.15 8.06 45.10
C ASN F 287 9.51 8.70 45.27
N LEU F 288 10.50 7.89 45.64
CA LEU F 288 11.88 8.38 45.87
C LEU F 288 12.66 8.30 44.56
N TRP F 289 11.99 7.89 43.48
CA TRP F 289 12.63 7.79 42.14
C TRP F 289 11.55 7.90 41.06
N HIS F 290 11.96 8.20 39.82
CA HIS F 290 11.03 8.44 38.68
C HIS F 290 11.53 7.74 37.42
N ASP F 291 12.84 7.52 37.32
CA ASP F 291 13.51 6.96 36.13
C ASP F 291 13.91 5.51 36.45
N SER F 292 13.14 4.54 35.95
CA SER F 292 13.34 3.08 36.13
C SER F 292 14.78 2.69 35.76
N ASP F 293 15.25 3.13 34.59
CA ASP F 293 16.59 2.73 34.06
C ASP F 293 17.68 3.26 34.99
N ASP F 294 17.54 4.49 35.48
CA ASP F 294 18.56 5.12 36.35
C ASP F 294 18.61 4.34 37.66
N LEU F 295 17.43 4.12 38.25
CA LEU F 295 17.31 3.39 39.53
C LEU F 295 17.98 2.02 39.38
N ALA F 296 17.54 1.24 38.40
CA ALA F 296 17.93 -0.17 38.19
C ALA F 296 19.41 -0.26 37.80
N GLY F 297 19.90 0.63 36.96
CA GLY F 297 21.31 0.60 36.53
C GLY F 297 22.23 0.85 37.70
N LYS F 298 21.89 1.84 38.52
CA LYS F 298 22.68 2.22 39.73
C LYS F 298 22.59 1.08 40.75
N ALA F 299 21.44 0.40 40.85
CA ALA F 299 21.23 -0.73 41.78
C ALA F 299 22.14 -1.88 41.36
N LEU F 300 22.14 -2.23 40.08
CA LEU F 300 22.96 -3.36 39.59
C LEU F 300 24.44 -3.07 39.90
N GLU F 301 24.91 -1.86 39.58
CA GLU F 301 26.31 -1.43 39.82
C GLU F 301 26.63 -1.61 41.31
N PHE F 302 25.74 -1.13 42.18
CA PHE F 302 25.87 -1.13 43.66
C PHE F 302 26.01 -2.57 44.16
N ILE F 303 25.14 -3.45 43.67
CA ILE F 303 25.12 -4.89 44.05
C ILE F 303 26.43 -5.53 43.57
N LYS F 304 26.79 -5.39 42.28
CA LYS F 304 28.02 -6.02 41.71
C LYS F 304 29.24 -5.63 42.55
N GLN F 305 29.34 -4.37 42.97
CA GLN F 305 30.55 -3.83 43.66
C GLN F 305 30.61 -4.38 45.09
N ARG F 306 29.50 -4.88 45.63
CA ARG F 306 29.48 -5.47 46.99
C ARG F 306 29.66 -6.99 46.94
N LEU F 307 29.51 -7.59 45.75
CA LEU F 307 29.81 -9.02 45.50
C LEU F 307 31.30 -9.15 45.16
N MET G 22 7.54 58.49 34.24
CA MET G 22 7.94 57.89 35.54
C MET G 22 8.20 56.39 35.39
N ALA G 23 9.46 55.96 35.51
CA ALA G 23 9.80 54.56 35.87
C ALA G 23 9.68 54.47 37.39
N PHE G 24 9.38 53.29 37.91
CA PHE G 24 9.30 53.03 39.38
C PHE G 24 10.56 52.31 39.82
N PRO G 25 11.01 52.56 41.06
CA PRO G 25 12.30 52.05 41.53
C PRO G 25 12.46 50.55 41.32
N LYS G 26 13.64 50.15 40.87
CA LYS G 26 14.09 48.73 40.80
C LYS G 26 15.30 48.57 41.71
N ARG G 27 15.49 47.36 42.23
CA ARG G 27 16.73 47.01 42.97
C ARG G 27 17.26 45.66 42.47
N LEU G 28 18.57 45.46 42.56
CA LEU G 28 19.18 44.13 42.34
C LEU G 28 18.65 43.22 43.45
N GLU G 29 17.79 42.27 43.10
CA GLU G 29 17.21 41.31 44.06
C GLU G 29 17.00 39.98 43.34
N ILE G 30 17.10 38.88 44.08
CA ILE G 30 17.01 37.52 43.50
C ILE G 30 15.74 36.87 44.02
N GLY G 31 15.00 36.23 43.12
CA GLY G 31 13.72 35.58 43.47
C GLY G 31 13.61 34.19 42.91
N GLY G 32 12.57 33.49 43.35
CA GLY G 32 12.22 32.14 42.90
C GLY G 32 10.83 32.15 42.31
N HIS G 33 10.68 31.50 41.15
CA HIS G 33 9.38 31.35 40.47
C HIS G 33 8.51 30.38 41.26
N ALA G 34 7.21 30.67 41.37
CA ALA G 34 6.24 29.88 42.17
C ALA G 34 6.31 28.41 41.79
N LEU G 35 6.45 28.09 40.50
CA LEU G 35 6.29 26.71 39.95
C LEU G 35 7.46 25.83 40.42
N VAL G 36 8.48 26.41 41.04
CA VAL G 36 9.57 25.65 41.69
C VAL G 36 8.94 24.85 42.84
N TRP G 37 7.88 25.39 43.46
CA TRP G 37 7.27 24.80 44.69
C TRP G 37 5.84 24.32 44.46
N SER G 38 5.04 25.07 43.71
CA SER G 38 3.57 24.89 43.68
C SER G 38 3.01 25.14 42.28
N GLY G 39 2.09 24.26 41.85
CA GLY G 39 1.39 24.33 40.56
C GLY G 39 0.06 25.07 40.66
N ASP G 40 -0.35 25.47 41.87
CA ASP G 40 -1.55 26.30 42.07
C ASP G 40 -1.29 27.32 43.19
N TRP G 41 -2.30 28.14 43.52
CA TRP G 41 -2.21 29.17 44.59
C TRP G 41 -3.37 29.01 45.57
N SER G 42 -3.63 27.79 46.00
CA SER G 42 -4.46 27.45 47.20
C SER G 42 -3.72 28.00 48.43
N ALA G 43 -4.39 28.01 49.59
CA ALA G 43 -3.78 28.40 50.89
C ALA G 43 -2.47 27.62 51.09
N ALA G 44 -2.52 26.30 50.94
CA ALA G 44 -1.37 25.38 51.09
C ALA G 44 -0.31 25.70 50.03
N GLY G 45 -0.72 25.85 48.77
CA GLY G 45 0.18 26.14 47.64
C GLY G 45 0.93 27.44 47.85
N ALA G 46 0.22 28.50 48.22
CA ALA G 46 0.76 29.86 48.48
C ALA G 46 1.81 29.78 49.59
N ARG G 47 1.50 29.11 50.71
CA ARG G 47 2.43 28.99 51.86
C ARG G 47 3.65 28.18 51.43
N LYS G 48 3.43 27.03 50.77
CA LYS G 48 4.53 26.12 50.35
C LYS G 48 5.57 26.95 49.56
N ALA G 49 5.08 27.75 48.61
CA ALA G 49 5.92 28.55 47.69
C ALA G 49 6.63 29.68 48.44
N ILE G 50 5.89 30.44 49.25
CA ILE G 50 6.45 31.62 49.97
C ILE G 50 7.43 31.10 51.04
N ALA G 51 7.03 30.07 51.78
CA ALA G 51 7.87 29.40 52.79
C ALA G 51 9.13 28.88 52.11
N GLY G 52 8.96 28.27 50.93
CA GLY G 52 10.07 27.70 50.13
C GLY G 52 11.07 28.77 49.75
N ALA G 53 10.57 29.87 49.17
CA ALA G 53 11.42 30.99 48.70
C ALA G 53 12.16 31.59 49.90
N ALA G 54 11.44 31.85 51.00
CA ALA G 54 12.01 32.38 52.27
C ALA G 54 13.09 31.44 52.79
N ARG G 55 12.79 30.14 52.86
CA ARG G 55 13.72 29.11 53.41
C ARG G 55 15.01 29.10 52.57
N ALA G 56 14.88 29.23 51.25
CA ALA G 56 16.03 29.19 50.31
C ALA G 56 16.88 30.46 50.49
N GLY G 57 16.26 31.56 50.93
CA GLY G 57 16.93 32.86 51.14
C GLY G 57 16.74 33.82 49.99
N PHE G 58 15.76 33.59 49.13
CA PHE G 58 15.39 34.52 48.03
C PHE G 58 14.85 35.82 48.63
N ASP G 59 14.97 36.93 47.89
CA ASP G 59 14.47 38.27 48.30
C ASP G 59 12.97 38.38 47.97
N TYR G 60 12.49 37.66 46.96
CA TYR G 60 11.07 37.72 46.54
C TYR G 60 10.62 36.38 45.93
N ILE G 61 9.30 36.20 45.92
CA ILE G 61 8.63 35.12 45.15
C ILE G 61 8.05 35.77 43.89
N GLU G 62 8.15 35.11 42.75
CA GLU G 62 7.43 35.53 41.53
C GLU G 62 6.16 34.67 41.41
N ILE G 63 5.00 35.30 41.59
CA ILE G 63 3.67 34.64 41.51
C ILE G 63 3.26 34.58 40.04
N ALA G 64 2.86 33.40 39.56
CA ALA G 64 2.41 33.19 38.16
C ALA G 64 0.90 33.46 38.12
N LEU G 65 0.49 34.62 37.58
CA LEU G 65 -0.89 35.15 37.65
C LEU G 65 -1.62 34.87 36.33
N LEU G 66 -1.54 33.64 35.80
CA LEU G 66 -2.22 33.28 34.53
C LEU G 66 -3.73 33.41 34.73
N ASP G 67 -4.18 33.21 35.97
CA ASP G 67 -5.59 33.44 36.34
C ASP G 67 -5.63 34.30 37.60
N PRO G 68 -5.60 35.64 37.46
CA PRO G 68 -5.49 36.54 38.62
C PRO G 68 -6.72 36.56 39.54
N TRP G 69 -7.84 35.96 39.12
CA TRP G 69 -9.08 35.88 39.94
C TRP G 69 -8.96 34.76 40.97
N GLN G 70 -7.98 33.86 40.83
CA GLN G 70 -7.79 32.70 41.75
C GLN G 70 -7.15 33.18 43.05
N ILE G 71 -6.38 34.26 43.00
CA ILE G 71 -5.54 34.74 44.13
C ILE G 71 -6.43 35.24 45.26
N ASP G 72 -6.31 34.65 46.45
CA ASP G 72 -6.78 35.25 47.72
C ASP G 72 -5.74 36.29 48.11
N VAL G 73 -6.01 37.57 47.81
CA VAL G 73 -5.04 38.68 47.95
C VAL G 73 -4.74 38.90 49.44
N ALA G 74 -5.77 38.92 50.30
CA ALA G 74 -5.62 39.13 51.76
C ALA G 74 -4.73 38.02 52.35
N LEU G 75 -5.01 36.77 52.00
CA LEU G 75 -4.23 35.59 52.46
C LEU G 75 -2.77 35.74 52.04
N THR G 76 -2.54 36.06 50.77
CA THR G 76 -1.17 36.17 50.19
C THR G 76 -0.41 37.31 50.87
N LYS G 77 -1.06 38.47 51.04
CA LYS G 77 -0.46 39.64 51.73
C LYS G 77 0.00 39.21 53.12
N ASP G 78 -0.84 38.45 53.83
CA ASP G 78 -0.57 37.96 55.21
C ASP G 78 0.68 37.07 55.18
N LEU G 79 0.76 36.15 54.21
CA LEU G 79 1.88 35.19 54.08
C LEU G 79 3.18 35.94 53.76
N LEU G 80 3.13 36.92 52.87
CA LEU G 80 4.36 37.68 52.47
C LEU G 80 4.92 38.42 53.70
N GLN G 81 4.06 38.96 54.55
CA GLN G 81 4.45 39.67 55.80
C GLN G 81 5.03 38.67 56.80
N GLU G 82 4.35 37.53 56.98
CA GLU G 82 4.78 36.38 57.83
C GLU G 82 6.25 36.02 57.54
N TYR G 83 6.63 35.96 56.26
CA TYR G 83 7.95 35.42 55.83
C TYR G 83 8.89 36.56 55.42
N ASN G 84 8.44 37.81 55.60
CA ASN G 84 9.24 39.02 55.28
C ASN G 84 9.74 38.92 53.83
N LEU G 85 8.85 38.56 52.91
CA LEU G 85 9.18 38.28 51.49
C LEU G 85 8.46 39.27 50.58
N ARG G 86 9.17 39.83 49.60
CA ARG G 86 8.54 40.69 48.55
C ARG G 86 7.94 39.77 47.49
N ALA G 87 7.06 40.30 46.65
CA ALA G 87 6.43 39.55 45.54
C ALA G 87 6.44 40.40 44.27
N HIS G 88 6.84 39.78 43.16
CA HIS G 88 6.57 40.27 41.79
C HIS G 88 5.62 39.26 41.14
N ALA G 89 5.13 39.55 39.94
CA ALA G 89 4.18 38.66 39.25
C ALA G 89 4.54 38.55 37.76
N SER G 90 4.28 37.38 37.20
CA SER G 90 4.45 37.10 35.76
C SER G 90 3.21 36.34 35.29
N LEU G 91 2.93 36.39 34.00
CA LEU G 91 1.86 35.57 33.39
C LEU G 91 2.13 35.46 31.89
N GLY G 92 1.42 34.52 31.26
CA GLY G 92 1.19 34.51 29.81
C GLY G 92 -0.29 34.62 29.57
N LEU G 93 -0.70 35.31 28.51
CA LEU G 93 -2.11 35.32 28.09
C LEU G 93 -2.39 33.99 27.39
N SER G 94 -3.65 33.74 27.03
CA SER G 94 -4.07 32.53 26.28
C SER G 94 -4.88 32.97 25.06
N ALA G 95 -5.32 32.01 24.24
CA ALA G 95 -6.07 32.27 22.99
C ALA G 95 -7.24 33.22 23.30
N ALA G 96 -7.92 32.99 24.42
CA ALA G 96 -9.16 33.71 24.81
C ALA G 96 -8.86 35.15 25.24
N THR G 97 -7.58 35.50 25.50
CA THR G 97 -7.18 36.81 26.08
C THR G 97 -6.02 37.42 25.27
N ASP G 98 -5.83 36.98 24.03
CA ASP G 98 -4.67 37.33 23.17
C ASP G 98 -4.81 38.77 22.67
N VAL G 99 -3.97 39.69 23.16
CA VAL G 99 -4.05 41.14 22.81
C VAL G 99 -3.46 41.38 21.41
N THR G 100 -2.93 40.36 20.72
CA THR G 100 -2.51 40.51 19.30
C THR G 100 -3.71 40.27 18.36
N SER G 101 -4.82 39.72 18.88
CA SER G 101 -5.95 39.22 18.07
C SER G 101 -6.54 40.35 17.21
N THR G 102 -6.99 40.00 16.00
CA THR G 102 -7.75 40.92 15.11
C THR G 102 -9.21 40.98 15.60
N ASP G 103 -9.58 40.13 16.56
CA ASP G 103 -10.92 40.13 17.19
C ASP G 103 -10.90 41.04 18.42
N PRO G 104 -11.57 42.22 18.36
CA PRO G 104 -11.46 43.22 19.43
C PRO G 104 -12.02 42.71 20.76
N ALA G 105 -12.94 41.75 20.73
CA ALA G 105 -13.58 41.15 21.92
C ALA G 105 -12.50 40.40 22.71
N ILE G 106 -11.67 39.67 21.97
CA ILE G 106 -10.56 38.87 22.58
C ILE G 106 -9.52 39.82 23.17
N VAL G 107 -9.18 40.89 22.45
CA VAL G 107 -8.21 41.92 22.94
C VAL G 107 -8.75 42.50 24.26
N ALA G 108 -10.07 42.80 24.31
CA ALA G 108 -10.75 43.34 25.50
C ALA G 108 -10.61 42.39 26.70
N LYS G 109 -10.81 41.08 26.49
CA LYS G 109 -10.60 40.05 27.56
C LYS G 109 -9.14 40.11 28.03
N GLY G 110 -8.19 40.34 27.11
CA GLY G 110 -6.76 40.51 27.45
C GLY G 110 -6.55 41.74 28.32
N ASP G 111 -7.10 42.89 27.92
CA ASP G 111 -6.98 44.14 28.71
C ASP G 111 -7.51 43.87 30.12
N GLU G 112 -8.63 43.15 30.22
CA GLU G 112 -9.34 42.85 31.50
C GLU G 112 -8.44 42.00 32.41
N LEU G 113 -7.92 40.89 31.89
CA LEU G 113 -7.01 40.00 32.67
C LEU G 113 -5.80 40.81 33.12
N LEU G 114 -5.17 41.56 32.21
CA LEU G 114 -3.96 42.37 32.53
C LEU G 114 -4.30 43.40 33.63
N ARG G 115 -5.49 44.00 33.57
CA ARG G 115 -5.88 45.01 34.61
C ARG G 115 -6.01 44.28 35.96
N LYS G 116 -6.61 43.10 35.97
CA LYS G 116 -6.84 42.32 37.21
C LYS G 116 -5.48 41.90 37.79
N ALA G 117 -4.56 41.41 36.96
CA ALA G 117 -3.20 41.03 37.40
C ALA G 117 -2.53 42.25 38.04
N THR G 118 -2.62 43.41 37.39
CA THR G 118 -2.07 44.69 37.91
C THR G 118 -2.72 44.99 39.28
N ASP G 119 -4.04 44.85 39.39
CA ASP G 119 -4.77 45.12 40.65
C ASP G 119 -4.23 44.23 41.77
N VAL G 120 -3.99 42.96 41.49
CA VAL G 120 -3.51 41.98 42.51
C VAL G 120 -2.12 42.40 42.96
N LEU G 121 -1.23 42.64 42.00
CA LEU G 121 0.17 43.04 42.28
C LEU G 121 0.17 44.32 43.13
N TYR G 122 -0.67 45.30 42.79
CA TYR G 122 -0.78 46.60 43.51
C TYR G 122 -1.18 46.35 44.97
N ALA G 123 -2.21 45.52 45.17
CA ALA G 123 -2.77 45.20 46.50
C ALA G 123 -1.73 44.46 47.35
N LEU G 124 -0.76 43.79 46.73
CA LEU G 124 0.30 43.00 47.41
C LEU G 124 1.55 43.88 47.61
N GLY G 125 1.51 45.14 47.17
CA GLY G 125 2.65 46.08 47.32
C GLY G 125 3.77 45.78 46.32
N GLY G 126 3.46 45.03 45.26
CA GLY G 126 4.43 44.69 44.20
C GLY G 126 4.72 45.85 43.26
N SER G 127 5.77 45.74 42.45
CA SER G 127 6.20 46.85 41.55
C SER G 127 6.52 46.33 40.15
N GLU G 128 6.41 45.03 39.90
CA GLU G 128 6.83 44.42 38.61
C GLU G 128 5.80 43.40 38.10
N LEU G 129 5.21 43.68 36.94
CA LEU G 129 4.40 42.70 36.17
C LEU G 129 5.19 42.34 34.92
N CYS G 130 5.58 41.08 34.78
CA CYS G 130 6.50 40.64 33.71
C CYS G 130 5.98 39.37 33.03
N GLY G 131 6.76 38.85 32.08
CA GLY G 131 6.42 37.62 31.36
C GLY G 131 5.75 37.94 30.03
N VAL G 132 4.97 36.98 29.51
CA VAL G 132 4.42 37.02 28.13
C VAL G 132 3.06 37.71 28.23
N ILE G 133 3.11 39.00 28.53
CA ILE G 133 1.91 39.84 28.82
C ILE G 133 1.40 40.46 27.51
N TYR G 134 2.10 40.25 26.39
CA TYR G 134 1.88 41.02 25.13
C TYR G 134 1.27 40.10 24.07
N CYS G 135 1.00 38.84 24.40
CA CYS G 135 0.42 37.87 23.44
C CYS G 135 0.01 36.59 24.17
N ALA G 136 -0.67 35.69 23.46
CA ALA G 136 -0.97 34.33 23.96
C ALA G 136 0.35 33.55 24.04
N LEU G 137 0.68 33.01 25.20
CA LEU G 137 1.87 32.16 25.37
C LEU G 137 1.63 30.83 24.65
N GLY G 138 2.49 30.48 23.69
CA GLY G 138 2.42 29.16 23.05
C GLY G 138 2.61 29.23 21.55
N LYS G 139 2.15 28.20 20.86
CA LYS G 139 2.44 28.02 19.42
C LYS G 139 1.45 28.84 18.59
N TYR G 140 1.96 29.70 17.73
CA TYR G 140 1.18 30.40 16.69
C TYR G 140 1.24 29.59 15.40
N PRO G 141 0.13 29.58 14.62
CA PRO G 141 0.05 28.82 13.37
C PRO G 141 0.81 29.44 12.19
N GLY G 142 1.26 30.69 12.34
CA GLY G 142 1.97 31.44 11.28
C GLY G 142 2.59 32.72 11.83
N PRO G 143 3.33 33.47 11.00
CA PRO G 143 3.98 34.69 11.44
C PRO G 143 2.97 35.78 11.81
N ALA G 144 3.36 36.67 12.71
CA ALA G 144 2.54 37.84 13.14
C ALA G 144 2.44 38.84 11.99
N SER G 145 1.24 39.38 11.78
CA SER G 145 1.00 40.52 10.86
C SER G 145 1.44 41.82 11.54
N ARG G 146 1.57 42.89 10.76
CA ARG G 146 1.77 44.27 11.27
C ARG G 146 0.64 44.61 12.24
N GLU G 147 -0.58 44.17 11.92
CA GLU G 147 -1.80 44.40 12.75
C GLU G 147 -1.62 43.69 14.10
N ASN G 148 -1.24 42.41 14.08
CA ASN G 148 -0.98 41.63 15.32
C ASN G 148 -0.04 42.45 16.21
N ARG G 149 1.06 42.95 15.65
CA ARG G 149 2.09 43.67 16.45
C ARG G 149 1.52 45.01 16.95
N ALA G 150 0.82 45.76 16.10
CA ALA G 150 0.27 47.09 16.45
C ALA G 150 -0.78 46.92 17.56
N ASN G 151 -1.60 45.87 17.47
CA ASN G 151 -2.62 45.54 18.51
C ASN G 151 -1.89 45.33 19.85
N SER G 152 -0.78 44.59 19.81
CA SER G 152 -0.01 44.24 21.02
C SER G 152 0.62 45.51 21.61
N VAL G 153 1.22 46.34 20.76
CA VAL G 153 1.87 47.60 21.19
C VAL G 153 0.82 48.49 21.87
N ALA G 154 -0.36 48.63 21.27
CA ALA G 154 -1.46 49.45 21.82
C ALA G 154 -1.87 48.88 23.18
N ALA G 155 -2.04 47.57 23.29
CA ALA G 155 -2.43 46.88 24.55
C ALA G 155 -1.39 47.16 25.63
N MET G 156 -0.10 47.14 25.28
CA MET G 156 0.98 47.37 26.26
C MET G 156 1.02 48.85 26.65
N GLN G 157 0.62 49.77 25.78
CA GLN G 157 0.52 51.21 26.13
C GLN G 157 -0.60 51.38 27.16
N ARG G 158 -1.77 50.78 26.91
CA ARG G 158 -2.92 50.85 27.83
C ARG G 158 -2.54 50.24 29.17
N LEU G 159 -1.88 49.06 29.16
CA LEU G 159 -1.44 48.38 30.40
C LEU G 159 -0.42 49.27 31.14
N ALA G 160 0.62 49.73 30.46
CA ALA G 160 1.68 50.58 31.05
C ALA G 160 1.03 51.78 31.77
N ASP G 161 0.04 52.41 31.13
CA ASP G 161 -0.62 53.62 31.68
C ASP G 161 -1.42 53.24 32.92
N TYR G 162 -2.14 52.10 32.89
CA TYR G 162 -2.91 51.56 34.02
C TYR G 162 -1.97 51.25 35.19
N ALA G 163 -0.85 50.59 34.89
CA ALA G 163 0.15 50.16 35.89
C ALA G 163 0.85 51.39 36.49
N ALA G 164 1.06 52.45 35.70
CA ALA G 164 1.80 53.66 36.12
C ALA G 164 1.09 54.32 37.31
N ASP G 165 -0.24 54.28 37.32
CA ASP G 165 -1.08 54.87 38.39
C ASP G 165 -0.94 54.05 39.70
N LYS G 166 -0.36 52.86 39.62
CA LYS G 166 -0.27 51.93 40.78
C LYS G 166 1.20 51.63 41.11
N GLY G 167 2.15 52.42 40.59
CA GLY G 167 3.59 52.29 40.92
C GLY G 167 4.17 50.99 40.38
N ILE G 168 3.68 50.53 39.24
CA ILE G 168 4.05 49.20 38.67
C ILE G 168 4.74 49.39 37.31
N ASN G 169 5.94 48.83 37.20
CA ASN G 169 6.68 48.65 35.92
C ASN G 169 6.16 47.38 35.25
N ILE G 170 6.06 47.39 33.92
CA ILE G 170 5.80 46.16 33.12
C ILE G 170 7.08 45.82 32.35
N ASP G 171 7.36 44.52 32.27
CA ASP G 171 8.59 43.99 31.66
C ASP G 171 8.18 42.93 30.63
N LEU G 172 8.47 43.20 29.36
CA LEU G 172 8.00 42.36 28.22
C LEU G 172 9.01 41.24 28.03
N GLU G 173 8.63 39.99 28.34
CA GLU G 173 9.58 38.85 28.30
C GLU G 173 9.72 38.34 26.87
N VAL G 174 10.93 38.47 26.32
CA VAL G 174 11.30 37.85 25.03
C VAL G 174 11.32 36.34 25.25
N VAL G 175 10.51 35.58 24.50
CA VAL G 175 10.52 34.10 24.60
C VAL G 175 10.78 33.52 23.21
N ASN G 176 10.99 32.21 23.14
CA ASN G 176 11.44 31.54 21.89
C ASN G 176 10.28 31.38 20.91
N ARG G 177 10.64 31.05 19.67
CA ARG G 177 9.74 30.92 18.50
C ARG G 177 8.51 30.05 18.81
N TYR G 178 8.64 29.03 19.64
CA TYR G 178 7.55 28.06 19.91
C TYR G 178 6.56 28.64 20.93
N GLU G 179 6.91 29.76 21.56
CA GLU G 179 6.09 30.36 22.64
C GLU G 179 5.54 31.75 22.24
N THR G 180 6.06 32.37 21.19
CA THR G 180 5.47 33.62 20.63
C THR G 180 5.98 33.81 19.20
N ASN G 181 5.22 34.56 18.40
CA ASN G 181 5.66 35.01 17.06
C ASN G 181 5.92 36.52 17.07
N ILE G 182 5.84 37.20 18.21
CA ILE G 182 5.94 38.69 18.25
C ILE G 182 7.39 39.14 18.39
N MET G 183 8.13 38.58 19.35
CA MET G 183 9.54 39.00 19.60
C MET G 183 10.29 37.77 20.14
N ASN G 184 11.41 37.42 19.50
CA ASN G 184 12.19 36.20 19.85
C ASN G 184 13.61 36.58 20.26
N THR G 185 14.07 37.80 20.00
CA THR G 185 15.39 38.28 20.49
C THR G 185 15.24 39.57 21.30
N GLY G 186 16.21 39.85 22.18
CA GLY G 186 16.34 41.15 22.88
C GLY G 186 16.27 42.33 21.92
N LEU G 187 16.95 42.25 20.77
CA LEU G 187 17.01 43.37 19.79
C LEU G 187 15.59 43.63 19.23
N GLU G 188 14.82 42.58 18.94
CA GLU G 188 13.41 42.70 18.50
C GLU G 188 12.58 43.28 19.65
N GLY G 189 12.80 42.79 20.88
CA GLY G 189 12.18 43.33 22.09
C GLY G 189 12.36 44.84 22.20
N LEU G 190 13.59 45.33 22.00
CA LEU G 190 13.91 46.78 22.15
C LEU G 190 13.16 47.59 21.08
N ALA G 191 13.10 47.11 19.84
CA ALA G 191 12.35 47.81 18.76
C ALA G 191 10.88 47.90 19.17
N PHE G 192 10.31 46.82 19.71
CA PHE G 192 8.89 46.75 20.14
C PHE G 192 8.69 47.74 21.30
N LEU G 193 9.60 47.72 22.27
CA LEU G 193 9.56 48.61 23.45
C LEU G 193 9.55 50.08 23.00
N ASP G 194 10.34 50.43 21.98
CA ASP G 194 10.43 51.82 21.48
C ASP G 194 9.07 52.22 20.88
N GLU G 195 8.36 51.29 20.24
CA GLU G 195 6.99 51.54 19.69
C GLU G 195 6.01 51.76 20.84
N VAL G 196 6.13 51.01 21.93
CA VAL G 196 5.28 51.21 23.14
C VAL G 196 5.51 52.62 23.69
N ASN G 197 6.78 53.02 23.82
CA ASN G 197 7.18 54.40 24.21
C ASN G 197 6.50 54.78 25.54
N ARG G 198 6.73 53.98 26.59
CA ARG G 198 6.24 54.25 27.97
C ARG G 198 7.42 54.12 28.92
N PRO G 199 7.60 55.06 29.86
CA PRO G 199 8.79 55.06 30.72
C PRO G 199 8.80 53.93 31.76
N ASN G 200 7.64 53.31 32.03
CA ASN G 200 7.56 52.21 33.03
C ASN G 200 7.49 50.85 32.30
N ALA G 201 7.84 50.81 31.02
CA ALA G 201 7.91 49.54 30.26
C ALA G 201 9.38 49.21 29.99
N PHE G 202 9.76 47.96 30.23
CA PHE G 202 11.15 47.47 30.15
C PHE G 202 11.21 46.18 29.35
N LEU G 203 12.43 45.85 28.91
CA LEU G 203 12.76 44.52 28.31
C LEU G 203 12.93 43.51 29.44
N HIS G 204 12.50 42.28 29.22
CA HIS G 204 12.68 41.13 30.13
C HIS G 204 13.36 40.01 29.35
N LEU G 205 14.56 39.61 29.78
CA LEU G 205 15.35 38.54 29.12
C LEU G 205 15.37 37.31 30.01
N ASP G 206 15.38 36.14 29.37
CA ASP G 206 15.32 34.82 30.03
C ASP G 206 16.38 33.92 29.38
N THR G 207 17.38 33.48 30.14
CA THR G 207 18.56 32.78 29.57
C THR G 207 18.13 31.50 28.85
N TYR G 208 17.05 30.85 29.27
CA TYR G 208 16.52 29.64 28.60
C TYR G 208 16.11 29.99 27.16
N HIS G 209 15.36 31.07 27.01
CA HIS G 209 14.89 31.56 25.70
C HIS G 209 16.08 32.09 24.90
N MET G 210 17.01 32.80 25.54
CA MET G 210 18.20 33.37 24.86
C MET G 210 19.05 32.23 24.29
N ASN G 211 19.14 31.12 25.03
CA ASN G 211 19.96 29.94 24.63
C ASN G 211 19.53 29.45 23.25
N ILE G 212 18.24 29.59 22.91
CA ILE G 212 17.70 29.17 21.58
C ILE G 212 17.93 30.28 20.56
N GLU G 213 17.60 31.54 20.88
CA GLU G 213 17.38 32.57 19.82
C GLU G 213 18.55 33.54 19.67
N GLU G 214 19.39 33.76 20.70
CA GLU G 214 20.37 34.88 20.70
C GLU G 214 21.70 34.48 20.07
N ASN G 215 22.38 35.46 19.46
CA ASN G 215 23.77 35.36 18.95
C ASN G 215 24.71 35.54 20.15
N GLY G 216 24.84 34.52 20.99
CA GLY G 216 25.61 34.59 22.25
C GLY G 216 24.77 35.21 23.36
N MET G 217 25.30 35.26 24.59
CA MET G 217 24.50 35.59 25.79
C MET G 217 24.78 37.02 26.28
N ALA G 218 25.50 37.85 25.51
CA ALA G 218 25.95 39.20 25.93
C ALA G 218 25.31 40.30 25.07
N LYS G 219 25.18 40.07 23.77
CA LYS G 219 24.79 41.09 22.76
C LYS G 219 23.55 41.85 23.22
N SER G 220 22.46 41.13 23.54
CA SER G 220 21.12 41.71 23.86
C SER G 220 21.20 42.48 25.18
N VAL G 221 21.97 41.97 26.15
CA VAL G 221 22.14 42.65 27.47
C VAL G 221 22.86 43.99 27.27
N LEU G 222 23.99 43.99 26.55
CA LEU G 222 24.77 45.23 26.26
C LEU G 222 23.89 46.23 25.50
N ALA G 223 23.13 45.77 24.49
CA ALA G 223 22.24 46.64 23.67
C ALA G 223 21.15 47.26 24.55
N ALA G 224 20.59 46.49 25.49
CA ALA G 224 19.44 46.90 26.33
C ALA G 224 19.88 47.97 27.35
N GLY G 225 21.04 47.79 27.97
CA GLY G 225 21.49 48.66 29.08
C GLY G 225 20.37 48.91 30.09
N ASP G 226 20.04 50.19 30.31
CA ASP G 226 19.06 50.66 31.34
C ASP G 226 17.65 50.16 31.00
N ARG G 227 17.43 49.71 29.76
CA ARG G 227 16.07 49.26 29.31
C ARG G 227 15.82 47.81 29.72
N LEU G 228 16.85 47.09 30.16
CA LEU G 228 16.64 45.75 30.78
C LEU G 228 16.13 45.95 32.20
N GLY G 229 14.92 45.47 32.48
CA GLY G 229 14.20 45.73 33.73
C GLY G 229 13.91 44.47 34.53
N TYR G 230 14.12 43.30 33.94
CA TYR G 230 13.78 42.01 34.61
C TYR G 230 14.56 40.88 33.93
N VAL G 231 15.06 39.93 34.71
CA VAL G 231 15.83 38.77 34.21
C VAL G 231 15.23 37.48 34.76
N HIS G 232 15.06 36.46 33.91
CA HIS G 232 14.84 35.05 34.30
C HIS G 232 16.12 34.26 34.07
N ILE G 233 16.50 33.47 35.08
CA ILE G 233 17.65 32.52 34.98
C ILE G 233 17.08 31.11 34.86
N GLY G 234 17.25 30.51 33.68
CA GLY G 234 16.84 29.14 33.36
C GLY G 234 17.96 28.42 32.63
N GLU G 235 18.21 27.17 32.99
CA GLU G 235 19.19 26.32 32.27
C GLU G 235 18.57 25.94 30.93
N SER G 236 19.38 25.48 29.99
CA SER G 236 18.97 25.15 28.59
C SER G 236 17.76 24.21 28.59
N HIS G 237 17.72 23.25 29.52
CA HIS G 237 16.63 22.24 29.64
C HIS G 237 15.61 22.63 30.72
N ARG G 238 15.84 23.77 31.40
CA ARG G 238 14.97 24.34 32.48
C ARG G 238 15.14 23.54 33.78
N GLY G 239 16.19 22.73 33.90
CA GLY G 239 16.49 21.97 35.13
C GLY G 239 17.53 22.65 36.01
N TYR G 240 18.37 21.88 36.70
CA TYR G 240 19.38 22.42 37.64
C TYR G 240 20.34 23.33 36.89
N LEU G 241 20.63 24.51 37.44
CA LEU G 241 21.63 25.44 36.84
C LEU G 241 23.00 24.74 36.81
N GLY G 242 23.70 24.84 35.68
CA GLY G 242 25.05 24.30 35.52
C GLY G 242 25.08 22.86 35.06
N THR G 243 23.91 22.27 34.72
CA THR G 243 23.82 20.89 34.19
C THR G 243 23.37 20.89 32.72
N GLY G 244 23.38 22.07 32.09
CA GLY G 244 23.02 22.18 30.67
C GLY G 244 24.07 22.93 29.87
N ASN G 245 23.61 23.73 28.90
CA ASN G 245 24.43 24.28 27.80
C ASN G 245 24.59 25.80 27.94
N VAL G 246 23.84 26.47 28.83
CA VAL G 246 23.86 27.96 28.86
C VAL G 246 25.22 28.45 29.34
N ASP G 247 25.82 29.37 28.58
CA ASP G 247 27.02 30.15 28.96
C ASP G 247 26.59 31.25 29.95
N PHE G 248 26.50 30.93 31.24
CA PHE G 248 26.10 31.89 32.29
C PHE G 248 27.23 32.90 32.52
N ALA G 249 28.48 32.51 32.30
CA ALA G 249 29.66 33.38 32.51
C ALA G 249 29.49 34.65 31.64
N SER G 250 29.22 34.48 30.35
CA SER G 250 29.07 35.60 29.40
C SER G 250 27.87 36.47 29.82
N PHE G 251 26.79 35.82 30.27
CA PHE G 251 25.52 36.51 30.63
C PHE G 251 25.75 37.42 31.83
N PHE G 252 26.29 36.88 32.92
CA PHE G 252 26.49 37.63 34.19
C PHE G 252 27.58 38.69 34.00
N ALA G 253 28.57 38.43 33.14
CA ALA G 253 29.59 39.43 32.76
C ALA G 253 28.88 40.62 32.09
N ALA G 254 27.92 40.36 31.21
CA ALA G 254 27.15 41.41 30.51
C ALA G 254 26.35 42.22 31.54
N LEU G 255 25.71 41.56 32.50
CA LEU G 255 24.90 42.24 33.54
C LEU G 255 25.79 43.20 34.32
N LYS G 256 26.99 42.74 34.70
CA LYS G 256 27.98 43.53 35.46
C LYS G 256 28.37 44.75 34.63
N GLN G 257 28.63 44.52 33.34
CA GLN G 257 29.04 45.56 32.35
C GLN G 257 28.04 46.73 32.37
N ILE G 258 26.74 46.42 32.33
CA ILE G 258 25.66 47.45 32.25
C ILE G 258 25.20 47.82 33.66
N ASP G 259 25.89 47.31 34.69
CA ASP G 259 25.60 47.60 36.11
C ASP G 259 24.12 47.34 36.37
N TYR G 260 23.63 46.16 35.97
CA TYR G 260 22.20 45.78 36.07
C TYR G 260 21.77 45.80 37.53
N ARG G 261 20.71 46.55 37.84
CA ARG G 261 20.12 46.64 39.20
C ARG G 261 18.63 46.38 39.10
N GLY G 262 18.25 45.11 39.01
CA GLY G 262 16.84 44.72 38.86
C GLY G 262 16.60 43.29 39.31
N PRO G 263 15.33 42.83 39.26
CA PRO G 263 14.99 41.46 39.64
C PRO G 263 15.64 40.42 38.74
N ILE G 264 16.06 39.33 39.38
CA ILE G 264 16.63 38.12 38.75
C ILE G 264 15.91 36.93 39.38
N THR G 265 15.02 36.28 38.61
CA THR G 265 14.22 35.14 39.10
C THR G 265 14.78 33.83 38.57
N PHE G 266 15.03 32.88 39.47
CA PHE G 266 15.29 31.48 39.08
C PHE G 266 13.96 30.83 38.69
N GLU G 267 13.96 30.23 37.52
CA GLU G 267 12.77 29.62 36.90
C GLU G 267 13.13 28.22 36.43
N SER G 268 12.30 27.25 36.78
CA SER G 268 12.55 25.82 36.50
C SER G 268 11.21 25.11 36.43
N PHE G 269 11.12 24.15 35.52
CA PHE G 269 9.90 23.35 35.28
C PHE G 269 10.34 21.88 35.25
N SER G 270 9.72 21.11 36.13
CA SER G 270 9.73 19.63 36.19
C SER G 270 8.27 19.15 36.15
N SER G 271 8.03 18.00 35.52
CA SER G 271 6.70 17.32 35.50
C SER G 271 6.31 17.00 36.95
N GLU G 272 7.30 17.06 37.84
CA GLU G 272 7.15 16.82 39.30
C GLU G 272 6.07 17.78 39.84
N ILE G 273 6.14 19.06 39.44
CA ILE G 273 5.15 20.10 39.83
C ILE G 273 4.57 20.69 38.54
N VAL G 274 3.25 20.63 38.45
CA VAL G 274 2.50 20.82 37.18
C VAL G 274 1.39 21.81 37.45
N ASP G 275 1.38 22.89 36.68
CA ASP G 275 0.20 23.77 36.52
C ASP G 275 -0.41 23.38 35.17
N PRO G 276 -1.59 22.73 35.14
CA PRO G 276 -2.14 22.22 33.88
C PRO G 276 -2.20 23.32 32.80
N LYS G 277 -2.34 24.58 33.22
CA LYS G 277 -2.50 25.78 32.33
C LYS G 277 -1.16 26.20 31.70
N LEU G 278 -0.04 25.79 32.30
CA LEU G 278 1.29 26.30 31.90
C LEU G 278 2.18 25.15 31.43
N SER G 279 2.13 24.00 32.10
CA SER G 279 3.09 22.87 31.94
C SER G 279 2.96 22.23 30.55
N ASN G 280 1.73 22.05 30.03
CA ASN G 280 1.50 21.45 28.69
C ASN G 280 1.89 22.47 27.61
N THR G 281 1.55 23.74 27.80
CA THR G 281 1.97 24.84 26.87
C THR G 281 3.50 24.86 26.77
N LEU G 282 4.21 24.64 27.90
CA LEU G 282 5.69 24.73 27.94
C LEU G 282 6.31 23.37 27.58
N CYS G 283 5.48 22.38 27.27
CA CYS G 283 5.91 21.03 26.79
C CYS G 283 6.89 20.42 27.78
N VAL G 284 6.54 20.43 29.07
CA VAL G 284 7.40 19.89 30.15
C VAL G 284 7.09 18.40 30.29
N TRP G 285 7.74 17.59 29.45
CA TRP G 285 7.48 16.13 29.32
C TRP G 285 8.34 15.36 30.31
N ARG G 286 9.38 15.99 30.88
CA ARG G 286 10.44 15.32 31.65
C ARG G 286 10.48 15.84 33.09
N ASN G 287 10.76 14.92 34.00
CA ASN G 287 11.08 15.19 35.43
C ASN G 287 12.59 15.43 35.52
N LEU G 288 13.02 16.69 35.56
CA LEU G 288 14.45 17.11 35.63
C LEU G 288 14.86 17.25 37.11
N TRP G 289 13.89 17.19 38.01
CA TRP G 289 14.10 17.37 39.48
C TRP G 289 12.81 17.03 40.24
N HIS G 290 12.94 16.74 41.53
CA HIS G 290 11.82 16.37 42.43
C HIS G 290 11.95 17.14 43.76
N ASP G 291 13.16 17.58 44.12
CA ASP G 291 13.45 18.27 45.41
C ASP G 291 13.49 19.79 45.17
N SER G 292 12.35 20.46 45.34
CA SER G 292 12.21 21.94 45.17
C SER G 292 13.27 22.68 45.98
N ASP G 293 13.45 22.28 47.25
CA ASP G 293 14.35 22.99 48.21
C ASP G 293 15.80 22.85 47.74
N ASP G 294 16.20 21.65 47.31
CA ASP G 294 17.57 21.40 46.79
C ASP G 294 17.78 22.24 45.53
N LEU G 295 16.85 22.15 44.59
CA LEU G 295 16.92 22.89 43.30
C LEU G 295 17.06 24.38 43.57
N ALA G 296 16.16 24.94 44.37
CA ALA G 296 16.10 26.39 44.69
C ALA G 296 17.39 26.84 45.41
N GLY G 297 17.83 26.09 46.41
CA GLY G 297 19.04 26.43 47.20
C GLY G 297 20.29 26.47 46.32
N LYS G 298 20.46 25.44 45.50
CA LYS G 298 21.60 25.32 44.56
C LYS G 298 21.52 26.48 43.55
N ALA G 299 20.31 26.82 43.10
CA ALA G 299 20.10 27.91 42.12
C ALA G 299 20.52 29.25 42.72
N LEU G 300 20.13 29.52 43.97
CA LEU G 300 20.44 30.82 44.62
C LEU G 300 21.95 30.95 44.76
N GLU G 301 22.62 29.91 45.26
CA GLU G 301 24.09 29.90 45.45
C GLU G 301 24.75 30.16 44.09
N PHE G 302 24.26 29.51 43.04
CA PHE G 302 24.80 29.61 41.66
C PHE G 302 24.74 31.07 41.20
N ILE G 303 23.58 31.71 41.38
CA ILE G 303 23.31 33.10 40.90
C ILE G 303 24.12 34.11 41.73
N LYS G 304 24.09 34.01 43.07
CA LYS G 304 24.83 34.96 43.95
C LYS G 304 26.33 34.91 43.60
N GLN G 305 26.87 33.71 43.36
CA GLN G 305 28.31 33.54 43.04
C GLN G 305 28.65 34.40 41.82
N ARG G 306 27.79 34.41 40.81
CA ARG G 306 28.11 35.05 39.51
C ARG G 306 27.88 36.57 39.59
N LEU G 307 27.04 37.02 40.53
CA LEU G 307 26.78 38.48 40.72
C LEU G 307 27.99 39.13 41.43
N SER H 21 18.83 -9.90 8.15
CA SER H 21 18.95 -9.21 9.47
C SER H 21 20.34 -8.57 9.60
N MET H 22 20.49 -7.33 9.12
CA MET H 22 21.79 -6.60 9.06
C MET H 22 21.56 -5.12 8.83
N ALA H 23 22.54 -4.28 9.17
CA ALA H 23 22.58 -2.84 8.82
C ALA H 23 23.16 -2.70 7.41
N PHE H 24 22.84 -1.60 6.73
CA PHE H 24 23.36 -1.33 5.35
C PHE H 24 24.47 -0.30 5.43
N PRO H 25 25.42 -0.33 4.47
CA PRO H 25 26.63 0.48 4.57
C PRO H 25 26.32 1.96 4.83
N LYS H 26 27.11 2.54 5.72
CA LYS H 26 27.18 4.00 5.99
C LYS H 26 28.61 4.47 5.70
N ARG H 27 28.75 5.74 5.40
CA ARG H 27 30.08 6.38 5.22
C ARG H 27 30.01 7.80 5.76
N LEU H 28 31.16 8.32 6.18
CA LEU H 28 31.26 9.75 6.56
C LEU H 28 31.04 10.56 5.29
N GLU H 29 29.95 11.32 5.25
CA GLU H 29 29.65 12.21 4.09
C GLU H 29 28.86 13.39 4.62
N ILE H 30 28.96 14.52 3.93
CA ILE H 30 28.38 15.80 4.40
C ILE H 30 27.33 16.23 3.39
N GLY H 31 26.12 16.51 3.88
CA GLY H 31 24.97 16.87 3.03
C GLY H 31 24.40 18.24 3.39
N GLY H 32 23.60 18.79 2.48
CA GLY H 32 22.79 19.99 2.73
C GLY H 32 21.31 19.65 2.67
N HIS H 33 20.53 20.16 3.61
CA HIS H 33 19.06 20.01 3.65
C HIS H 33 18.44 20.88 2.54
N ALA H 34 17.40 20.37 1.88
CA ALA H 34 16.75 21.03 0.72
C ALA H 34 16.31 22.46 1.09
N LEU H 35 15.85 22.70 2.31
CA LEU H 35 15.21 23.99 2.70
C LEU H 35 16.25 25.08 2.81
N VAL H 36 17.53 24.74 2.65
CA VAL H 36 18.60 25.76 2.52
C VAL H 36 18.39 26.52 1.19
N TRP H 37 17.76 25.87 0.19
CA TRP H 37 17.66 26.41 -1.20
C TRP H 37 16.20 26.53 -1.68
N SER H 38 15.35 25.55 -1.39
CA SER H 38 14.01 25.38 -2.03
C SER H 38 12.94 25.00 -1.02
N GLY H 39 11.78 25.67 -1.10
CA GLY H 39 10.57 25.39 -0.31
C GLY H 39 9.70 24.32 -0.95
N ASP H 40 9.99 23.93 -2.20
CA ASP H 40 9.19 22.91 -2.92
C ASP H 40 10.11 21.98 -3.72
N TRP H 41 9.53 20.97 -4.35
CA TRP H 41 10.25 19.99 -5.19
C TRP H 41 9.66 19.97 -6.61
N SER H 42 9.28 21.14 -7.11
CA SER H 42 9.00 21.38 -8.56
C SER H 42 10.27 21.08 -9.36
N ALA H 43 10.18 20.99 -10.68
CA ALA H 43 11.37 20.81 -11.55
C ALA H 43 12.40 21.90 -11.21
N ALA H 44 11.95 23.16 -11.08
CA ALA H 44 12.82 24.32 -10.80
C ALA H 44 13.37 24.23 -9.37
N GLY H 45 12.53 23.86 -8.40
CA GLY H 45 12.92 23.78 -6.98
C GLY H 45 13.91 22.66 -6.72
N ALA H 46 13.66 21.48 -7.26
CA ALA H 46 14.57 20.31 -7.18
C ALA H 46 15.91 20.69 -7.80
N ARG H 47 15.91 21.35 -8.97
CA ARG H 47 17.17 21.75 -9.64
C ARG H 47 17.92 22.77 -8.77
N LYS H 48 17.24 23.77 -8.23
CA LYS H 48 17.89 24.83 -7.43
C LYS H 48 18.60 24.18 -6.24
N ALA H 49 17.92 23.28 -5.53
CA ALA H 49 18.44 22.61 -4.33
C ALA H 49 19.62 21.71 -4.72
N ILE H 50 19.44 20.85 -5.71
CA ILE H 50 20.50 19.88 -6.15
C ILE H 50 21.71 20.66 -6.66
N ALA H 51 21.50 21.67 -7.53
CA ALA H 51 22.60 22.52 -8.04
C ALA H 51 23.28 23.22 -6.87
N GLY H 52 22.51 23.72 -5.91
CA GLY H 52 23.01 24.45 -4.73
C GLY H 52 23.93 23.57 -3.91
N ALA H 53 23.48 22.34 -3.61
CA ALA H 53 24.26 21.38 -2.81
C ALA H 53 25.53 21.01 -3.58
N ALA H 54 25.42 20.76 -4.88
CA ALA H 54 26.58 20.39 -5.74
C ALA H 54 27.59 21.55 -5.73
N ARG H 55 27.09 22.78 -5.89
CA ARG H 55 27.92 24.01 -6.00
C ARG H 55 28.77 24.17 -4.73
N ALA H 56 28.12 24.06 -3.56
CA ALA H 56 28.76 24.18 -2.23
C ALA H 56 29.82 23.09 -2.07
N GLY H 57 29.62 21.93 -2.71
CA GLY H 57 30.57 20.78 -2.64
C GLY H 57 30.11 19.73 -1.64
N PHE H 58 28.83 19.69 -1.28
CA PHE H 58 28.25 18.62 -0.44
C PHE H 58 28.30 17.29 -1.19
N ASP H 59 28.31 16.18 -0.44
CA ASP H 59 28.30 14.81 -1.02
C ASP H 59 26.87 14.44 -1.42
N TYR H 60 25.87 14.97 -0.73
CA TYR H 60 24.46 14.57 -0.94
C TYR H 60 23.56 15.76 -0.61
N ILE H 61 22.34 15.69 -1.14
CA ILE H 61 21.20 16.54 -0.71
C ILE H 61 20.29 15.68 0.15
N GLU H 62 19.76 16.26 1.22
CA GLU H 62 18.71 15.61 2.02
C GLU H 62 17.36 16.18 1.57
N ILE H 63 16.56 15.34 0.94
CA ILE H 63 15.22 15.69 0.41
C ILE H 63 14.17 15.58 1.51
N ALA H 64 13.35 16.62 1.68
CA ALA H 64 12.29 16.67 2.70
C ALA H 64 11.02 16.01 2.15
N LEU H 65 10.76 14.76 2.53
CA LEU H 65 9.69 13.88 1.96
C LEU H 65 8.42 13.93 2.81
N LEU H 66 7.99 15.10 3.28
CA LEU H 66 6.75 15.19 4.12
C LEU H 66 5.54 14.71 3.30
N ASP H 67 5.56 14.90 1.99
CA ASP H 67 4.52 14.39 1.05
C ASP H 67 5.22 13.58 -0.04
N PRO H 68 5.50 12.27 0.21
CA PRO H 68 6.29 11.49 -0.74
C PRO H 68 5.59 11.21 -2.08
N TRP H 69 4.28 11.44 -2.17
CA TRP H 69 3.52 11.30 -3.45
C TRP H 69 3.82 12.49 -4.37
N GLN H 70 4.25 13.62 -3.80
CA GLN H 70 4.56 14.84 -4.58
C GLN H 70 5.76 14.59 -5.49
N ILE H 71 6.73 13.78 -5.04
CA ILE H 71 8.08 13.66 -5.67
C ILE H 71 7.96 12.98 -7.04
N ASP H 72 8.40 13.67 -8.09
CA ASP H 72 8.66 13.09 -9.43
C ASP H 72 10.01 12.38 -9.39
N VAL H 73 9.99 11.06 -9.25
CA VAL H 73 11.20 10.20 -9.06
C VAL H 73 12.10 10.31 -10.29
N ALA H 74 11.54 10.11 -11.49
CA ALA H 74 12.30 10.13 -12.77
C ALA H 74 13.04 11.47 -12.91
N LEU H 75 12.34 12.58 -12.67
CA LEU H 75 12.90 13.95 -12.74
C LEU H 75 14.07 14.06 -11.76
N THR H 76 13.85 13.63 -10.51
CA THR H 76 14.84 13.74 -9.41
C THR H 76 16.07 12.92 -9.77
N LYS H 77 15.88 11.66 -10.21
CA LYS H 77 16.96 10.75 -10.67
C LYS H 77 17.79 11.47 -11.74
N ASP H 78 17.13 12.10 -12.72
CA ASP H 78 17.78 12.83 -13.83
C ASP H 78 18.65 13.95 -13.27
N LEU H 79 18.13 14.75 -12.33
CA LEU H 79 18.86 15.90 -11.74
C LEU H 79 20.06 15.40 -10.92
N LEU H 80 19.88 14.35 -10.11
CA LEU H 80 20.98 13.81 -9.27
C LEU H 80 22.12 13.32 -10.18
N GLN H 81 21.78 12.67 -11.29
CA GLN H 81 22.80 12.21 -12.29
C GLN H 81 23.47 13.42 -12.94
N GLU H 82 22.69 14.43 -13.33
CA GLU H 82 23.21 15.64 -14.02
C GLU H 82 24.27 16.31 -13.15
N TYR H 83 24.07 16.36 -11.83
CA TYR H 83 24.95 17.10 -10.90
C TYR H 83 25.85 16.13 -10.13
N ASN H 84 25.79 14.83 -10.45
CA ASN H 84 26.61 13.76 -9.81
C ASN H 84 26.48 13.90 -8.29
N LEU H 85 25.25 13.88 -7.77
CA LEU H 85 24.97 14.10 -6.33
C LEU H 85 24.18 12.90 -5.79
N ARG H 86 24.49 12.49 -4.57
CA ARG H 86 23.75 11.44 -3.82
C ARG H 86 22.56 12.11 -3.10
N ALA H 87 21.57 11.32 -2.72
CA ALA H 87 20.39 11.80 -1.96
C ALA H 87 20.11 10.88 -0.79
N HIS H 88 19.76 11.49 0.34
CA HIS H 88 19.08 10.83 1.49
C HIS H 88 17.76 11.59 1.69
N ALA H 89 16.87 11.08 2.54
CA ALA H 89 15.56 11.73 2.76
C ALA H 89 15.27 11.82 4.25
N SER H 90 14.57 12.89 4.63
CA SER H 90 13.98 13.06 5.98
C SER H 90 12.52 13.45 5.83
N LEU H 91 11.76 13.21 6.88
CA LEU H 91 10.37 13.69 6.95
C LEU H 91 9.92 13.76 8.40
N GLY H 92 8.84 14.49 8.62
CA GLY H 92 8.02 14.41 9.84
C GLY H 92 6.63 13.96 9.45
N LEU H 93 5.99 13.14 10.27
CA LEU H 93 4.55 12.82 10.10
C LEU H 93 3.74 14.03 10.55
N SER H 94 2.42 13.96 10.36
CA SER H 94 1.47 15.01 10.81
C SER H 94 0.38 14.34 11.64
N ALA H 95 -0.55 15.11 12.17
CA ALA H 95 -1.69 14.60 12.97
C ALA H 95 -2.36 13.44 12.22
N ALA H 96 -2.57 13.58 10.91
CA ALA H 96 -3.35 12.60 10.12
C ALA H 96 -2.57 11.29 9.93
N THR H 97 -1.27 11.29 10.21
CA THR H 97 -0.37 10.15 9.90
C THR H 97 0.44 9.78 11.15
N ASP H 98 -0.02 10.18 12.33
CA ASP H 98 0.72 10.04 13.62
C ASP H 98 0.68 8.58 14.05
N VAL H 99 1.82 7.86 13.91
CA VAL H 99 1.91 6.41 14.23
C VAL H 99 1.85 6.21 15.76
N THR H 100 1.82 7.28 16.56
CA THR H 100 1.63 7.15 18.04
C THR H 100 0.15 7.10 18.38
N SER H 101 -0.73 7.40 17.43
CA SER H 101 -2.18 7.61 17.68
C SER H 101 -2.81 6.38 18.34
N THR H 102 -3.74 6.62 19.26
CA THR H 102 -4.66 5.59 19.80
C THR H 102 -5.68 5.19 18.73
N ASP H 103 -5.74 5.93 17.62
CA ASP H 103 -6.65 5.63 16.48
C ASP H 103 -5.90 4.76 15.48
N PRO H 104 -6.24 3.44 15.37
CA PRO H 104 -5.55 2.53 14.45
C PRO H 104 -5.60 2.98 12.97
N ALA H 105 -6.59 3.78 12.61
CA ALA H 105 -6.76 4.24 11.21
C ALA H 105 -5.69 5.29 10.91
N ILE H 106 -5.42 6.14 11.91
CA ILE H 106 -4.35 7.18 11.82
C ILE H 106 -3.00 6.47 11.76
N VAL H 107 -2.79 5.46 12.61
CA VAL H 107 -1.51 4.67 12.60
C VAL H 107 -1.32 4.08 11.19
N ALA H 108 -2.35 3.48 10.62
CA ALA H 108 -2.33 2.85 9.28
C ALA H 108 -1.93 3.89 8.22
N LYS H 109 -2.48 5.11 8.28
CA LYS H 109 -2.14 6.21 7.33
C LYS H 109 -0.66 6.57 7.49
N GLY H 110 -0.15 6.57 8.73
CA GLY H 110 1.28 6.76 9.02
C GLY H 110 2.13 5.68 8.39
N ASP H 111 1.76 4.42 8.60
CA ASP H 111 2.47 3.24 8.02
C ASP H 111 2.56 3.44 6.50
N GLU H 112 1.46 3.88 5.88
CA GLU H 112 1.35 4.02 4.41
C GLU H 112 2.31 5.11 3.91
N LEU H 113 2.34 6.27 4.57
CA LEU H 113 3.25 7.38 4.17
C LEU H 113 4.70 6.90 4.31
N LEU H 114 5.02 6.20 5.39
CA LEU H 114 6.42 5.76 5.64
C LEU H 114 6.85 4.77 4.55
N ARG H 115 5.95 3.85 4.18
CA ARG H 115 6.22 2.88 3.09
C ARG H 115 6.42 3.66 1.79
N LYS H 116 5.56 4.64 1.49
CA LYS H 116 5.71 5.42 0.24
C LYS H 116 7.06 6.15 0.23
N ALA H 117 7.44 6.76 1.35
CA ALA H 117 8.74 7.48 1.50
C ALA H 117 9.89 6.51 1.24
N THR H 118 9.82 5.31 1.82
CA THR H 118 10.83 4.24 1.64
C THR H 118 10.92 3.88 0.16
N ASP H 119 9.77 3.78 -0.51
CA ASP H 119 9.68 3.39 -1.94
C ASP H 119 10.37 4.45 -2.80
N VAL H 120 10.11 5.73 -2.52
CA VAL H 120 10.74 6.88 -3.25
C VAL H 120 12.25 6.83 -3.02
N LEU H 121 12.68 6.74 -1.76
CA LEU H 121 14.12 6.74 -1.43
C LEU H 121 14.79 5.59 -2.19
N TYR H 122 14.18 4.41 -2.20
CA TYR H 122 14.72 3.19 -2.87
C TYR H 122 14.88 3.48 -4.37
N ALA H 123 13.82 4.02 -4.99
CA ALA H 123 13.79 4.36 -6.44
C ALA H 123 14.91 5.36 -6.76
N LEU H 124 15.30 6.22 -5.82
CA LEU H 124 16.37 7.25 -6.02
C LEU H 124 17.76 6.65 -5.71
N GLY H 125 17.83 5.39 -5.29
CA GLY H 125 19.09 4.71 -4.97
C GLY H 125 19.66 5.10 -3.61
N GLY H 126 18.84 5.70 -2.74
CA GLY H 126 19.27 6.19 -1.40
C GLY H 126 19.23 5.08 -0.36
N SER H 127 19.82 5.32 0.81
CA SER H 127 20.05 4.27 1.82
C SER H 127 19.64 4.74 3.22
N GLU H 128 19.21 5.99 3.37
CA GLU H 128 18.90 6.55 4.71
C GLU H 128 17.56 7.27 4.67
N LEU H 129 16.61 6.81 5.49
CA LEU H 129 15.36 7.54 5.80
C LEU H 129 15.44 7.97 7.27
N CYS H 130 15.50 9.27 7.51
CA CYS H 130 15.77 9.83 8.85
C CYS H 130 14.73 10.91 9.18
N GLY H 131 14.87 11.53 10.35
CA GLY H 131 13.99 12.61 10.81
C GLY H 131 12.94 12.11 11.77
N VAL H 132 11.83 12.84 11.86
CA VAL H 132 10.78 12.55 12.88
C VAL H 132 9.78 11.58 12.24
N ILE H 133 10.21 10.33 12.09
CA ILE H 133 9.45 9.27 11.35
C ILE H 133 8.58 8.46 12.32
N TYR H 134 8.69 8.74 13.63
CA TYR H 134 8.12 7.89 14.72
C TYR H 134 6.92 8.60 15.37
N CYS H 135 6.58 9.80 14.93
CA CYS H 135 5.45 10.57 15.50
C CYS H 135 5.11 11.75 14.59
N ALA H 136 4.02 12.45 14.91
CA ALA H 136 3.69 13.74 14.27
C ALA H 136 4.73 14.77 14.71
N LEU H 137 5.34 15.49 13.77
CA LEU H 137 6.26 16.60 14.08
C LEU H 137 5.43 17.80 14.54
N GLY H 138 5.69 18.28 15.76
CA GLY H 138 5.09 19.51 16.28
C GLY H 138 4.65 19.40 17.72
N LYS H 139 3.76 20.32 18.09
CA LYS H 139 3.29 20.54 19.48
CA LYS H 139 3.30 20.53 19.48
C LYS H 139 2.28 19.45 19.85
N TYR H 140 2.59 18.65 20.87
CA TYR H 140 1.61 17.72 21.48
C TYR H 140 0.90 18.42 22.62
N PRO H 141 -0.39 18.13 22.84
CA PRO H 141 -1.17 18.82 23.87
C PRO H 141 -0.90 18.31 25.31
N GLY H 142 -0.16 17.20 25.43
CA GLY H 142 0.19 16.61 26.74
C GLY H 142 1.25 15.52 26.60
N PRO H 143 1.72 14.95 27.71
CA PRO H 143 2.74 13.91 27.67
C PRO H 143 2.26 12.65 26.94
N ALA H 144 3.20 11.89 26.37
CA ALA H 144 2.92 10.64 25.64
C ALA H 144 2.44 9.58 26.63
N SER H 145 1.38 8.86 26.26
CA SER H 145 0.84 7.71 27.01
C SER H 145 1.75 6.50 26.79
N ARG H 146 1.55 5.45 27.58
CA ARG H 146 2.29 4.18 27.40
C ARG H 146 1.95 3.65 26.01
N GLU H 147 0.69 3.86 25.60
CA GLU H 147 0.15 3.32 24.33
C GLU H 147 0.77 4.09 23.17
N ASN H 148 0.86 5.42 23.30
CA ASN H 148 1.54 6.30 22.31
C ASN H 148 2.96 5.72 22.07
N ARG H 149 3.71 5.46 23.14
CA ARG H 149 5.12 5.00 23.00
C ARG H 149 5.16 3.60 22.37
N ALA H 150 4.31 2.69 22.84
CA ALA H 150 4.25 1.30 22.35
C ALA H 150 3.92 1.32 20.85
N ASN H 151 2.96 2.18 20.45
CA ASN H 151 2.51 2.27 19.04
C ASN H 151 3.67 2.77 18.17
N SER H 152 4.41 3.77 18.66
CA SER H 152 5.59 4.35 17.99
C SER H 152 6.64 3.25 17.78
N VAL H 153 6.93 2.48 18.81
CA VAL H 153 8.00 1.44 18.75
C VAL H 153 7.58 0.40 17.71
N ALA H 154 6.33 -0.05 17.74
CA ALA H 154 5.84 -1.13 16.86
C ALA H 154 5.86 -0.62 15.41
N ALA H 155 5.47 0.64 15.19
CA ALA H 155 5.50 1.30 13.85
C ALA H 155 6.93 1.30 13.31
N MET H 156 7.93 1.54 14.17
CA MET H 156 9.33 1.65 13.69
C MET H 156 9.88 0.24 13.43
N GLN H 157 9.37 -0.78 14.11
CA GLN H 157 9.68 -2.21 13.80
C GLN H 157 9.16 -2.52 12.40
N ARG H 158 7.89 -2.19 12.11
CA ARG H 158 7.25 -2.47 10.80
C ARG H 158 8.02 -1.71 9.71
N LEU H 159 8.38 -0.45 9.97
CA LEU H 159 9.10 0.36 8.97
C LEU H 159 10.49 -0.23 8.73
N ALA H 160 11.22 -0.53 9.80
CA ALA H 160 12.60 -1.08 9.68
C ALA H 160 12.56 -2.34 8.83
N ASP H 161 11.59 -3.22 9.06
CA ASP H 161 11.46 -4.52 8.35
C ASP H 161 11.16 -4.25 6.87
N TYR H 162 10.33 -3.25 6.58
CA TYR H 162 9.98 -2.87 5.19
C TYR H 162 11.23 -2.31 4.49
N ALA H 163 11.98 -1.45 5.17
CA ALA H 163 13.19 -0.77 4.65
C ALA H 163 14.31 -1.78 4.40
N ALA H 164 14.34 -2.86 5.18
CA ALA H 164 15.44 -3.86 5.15
C ALA H 164 15.46 -4.54 3.77
N ASP H 165 14.29 -4.81 3.20
CA ASP H 165 14.13 -5.46 1.87
C ASP H 165 14.69 -4.54 0.78
N LYS H 166 14.90 -3.27 1.07
CA LYS H 166 15.24 -2.22 0.05
C LYS H 166 16.60 -1.57 0.37
N GLY H 167 17.40 -2.20 1.25
CA GLY H 167 18.76 -1.75 1.57
C GLY H 167 18.79 -0.41 2.31
N ILE H 168 17.73 -0.06 3.03
CA ILE H 168 17.59 1.27 3.68
C ILE H 168 17.67 1.12 5.20
N ASN H 169 18.51 1.94 5.81
CA ASN H 169 18.56 2.17 7.27
C ASN H 169 17.56 3.26 7.63
N ILE H 170 16.89 3.15 8.77
CA ILE H 170 16.07 4.26 9.32
C ILE H 170 16.80 4.85 10.54
N ASP H 171 16.77 6.17 10.66
CA ASP H 171 17.48 6.91 11.72
C ASP H 171 16.44 7.80 12.43
N LEU H 172 16.16 7.50 13.69
CA LEU H 172 15.10 8.17 14.48
C LEU H 172 15.66 9.46 15.05
N GLU H 173 15.20 10.60 14.55
CA GLU H 173 15.73 11.91 14.98
C GLU H 173 15.10 12.32 16.31
N VAL H 174 15.94 12.42 17.33
CA VAL H 174 15.56 13.05 18.62
C VAL H 174 15.36 14.55 18.38
N VAL H 175 14.19 15.08 18.72
CA VAL H 175 13.90 16.53 18.55
C VAL H 175 13.38 17.09 19.89
N ASN H 176 13.31 18.41 19.98
CA ASN H 176 13.04 19.13 21.25
C ASN H 176 11.56 18.95 21.64
N ARG H 177 11.26 19.33 22.88
CA ARG H 177 9.96 19.17 23.55
C ARG H 177 8.82 19.76 22.69
N TYR H 178 9.08 20.82 21.93
CA TYR H 178 8.01 21.53 21.19
C TYR H 178 7.71 20.81 19.88
N GLU H 179 8.50 19.79 19.53
CA GLU H 179 8.41 19.07 18.23
C GLU H 179 8.10 17.58 18.42
N THR H 180 8.25 17.03 19.64
CA THR H 180 7.77 15.67 19.98
C THR H 180 7.63 15.53 21.50
N ASN H 181 6.78 14.61 21.93
CA ASN H 181 6.68 14.17 23.35
C ASN H 181 7.24 12.75 23.50
N ILE H 182 7.78 12.15 22.45
CA ILE H 182 8.21 10.71 22.51
C ILE H 182 9.67 10.59 22.99
N MET H 183 10.60 11.33 22.39
CA MET H 183 12.03 11.28 22.77
C MET H 183 12.64 12.68 22.57
N ASN H 184 13.29 13.21 23.60
CA ASN H 184 13.85 14.59 23.57
C ASN H 184 15.36 14.56 23.83
N THR H 185 15.91 13.42 24.27
CA THR H 185 17.38 13.24 24.45
C THR H 185 17.84 11.97 23.74
N GLY H 186 19.14 11.92 23.38
CA GLY H 186 19.76 10.73 22.80
C GLY H 186 19.55 9.53 23.71
N LEU H 187 19.70 9.72 25.02
CA LEU H 187 19.58 8.59 25.96
C LEU H 187 18.15 8.01 25.87
N GLU H 188 17.12 8.87 25.74
CA GLU H 188 15.73 8.39 25.58
C GLU H 188 15.62 7.67 24.24
N GLY H 189 16.23 8.22 23.19
CA GLY H 189 16.25 7.60 21.85
C GLY H 189 16.82 6.20 21.90
N LEU H 190 17.94 6.03 22.59
CA LEU H 190 18.63 4.71 22.68
C LEU H 190 17.73 3.70 23.40
N ALA H 191 17.01 4.10 24.45
CA ALA H 191 16.12 3.20 25.21
C ALA H 191 14.95 2.80 24.30
N PHE H 192 14.45 3.74 23.50
CA PHE H 192 13.41 3.50 22.46
C PHE H 192 13.93 2.47 21.45
N LEU H 193 15.15 2.68 20.93
CA LEU H 193 15.76 1.77 19.93
C LEU H 193 15.96 0.37 20.53
N ASP H 194 16.21 0.25 21.83
CA ASP H 194 16.33 -1.07 22.51
C ASP H 194 15.01 -1.83 22.36
N GLU H 195 13.88 -1.13 22.50
CA GLU H 195 12.54 -1.76 22.39
C GLU H 195 12.26 -2.09 20.91
N VAL H 196 12.64 -1.21 19.98
CA VAL H 196 12.48 -1.47 18.51
C VAL H 196 13.27 -2.74 18.17
N ASN H 197 14.53 -2.79 18.59
CA ASN H 197 15.43 -3.97 18.43
C ASN H 197 15.51 -4.38 16.95
N ARG H 198 15.94 -3.49 16.07
CA ARG H 198 16.13 -3.79 14.63
C ARG H 198 17.54 -3.41 14.20
N PRO H 199 18.22 -4.24 13.40
CA PRO H 199 19.62 -3.98 13.06
C PRO H 199 19.82 -2.75 12.17
N ASN H 200 18.79 -2.37 11.41
CA ASN H 200 18.90 -1.24 10.44
C ASN H 200 18.19 -0.02 11.00
N ALA H 201 17.94 0.03 12.31
CA ALA H 201 17.35 1.19 13.02
C ALA H 201 18.42 1.84 13.88
N PHE H 202 18.59 3.16 13.73
CA PHE H 202 19.67 3.94 14.36
C PHE H 202 19.11 5.18 15.04
N LEU H 203 19.93 5.76 15.91
CA LEU H 203 19.71 7.09 16.53
C LEU H 203 20.14 8.17 15.53
N HIS H 204 19.38 9.25 15.49
CA HIS H 204 19.68 10.47 14.70
C HIS H 204 19.72 11.64 15.66
N LEU H 205 20.85 12.30 15.78
CA LEU H 205 21.01 13.47 16.66
C LEU H 205 21.13 14.72 15.82
N ASP H 206 20.60 15.82 16.35
CA ASP H 206 20.60 17.16 15.73
C ASP H 206 21.09 18.17 16.77
N THR H 207 22.18 18.87 16.47
CA THR H 207 22.82 19.80 17.44
C THR H 207 21.82 20.88 17.88
N TYR H 208 20.91 21.31 17.01
CA TYR H 208 19.92 22.36 17.37
C TYR H 208 19.04 21.85 18.51
N HIS H 209 18.54 20.62 18.37
CA HIS H 209 17.64 19.98 19.37
C HIS H 209 18.45 19.65 20.63
N MET H 210 19.68 19.21 20.44
CA MET H 210 20.59 18.88 21.56
C MET H 210 20.83 20.12 22.42
N ASN H 211 21.02 21.27 21.78
CA ASN H 211 21.31 22.57 22.42
C ASN H 211 20.24 22.87 23.47
N ILE H 212 19.00 22.44 23.21
CA ILE H 212 17.88 22.68 24.18
C ILE H 212 17.89 21.60 25.26
N GLU H 213 17.93 20.31 24.87
CA GLU H 213 17.51 19.19 25.75
C GLU H 213 18.68 18.46 26.45
N GLU H 214 19.90 18.46 25.90
CA GLU H 214 20.98 17.55 26.36
C GLU H 214 21.78 18.17 27.50
N ASN H 215 22.31 17.32 28.38
CA ASN H 215 23.30 17.68 29.42
C ASN H 215 24.68 17.71 28.76
N GLY H 216 24.97 18.78 28.03
CA GLY H 216 26.21 18.89 27.24
C GLY H 216 26.08 18.19 25.91
N MET H 217 27.05 18.38 25.03
CA MET H 217 26.95 17.94 23.62
C MET H 217 27.69 16.61 23.37
N ALA H 218 28.17 15.91 24.42
CA ALA H 218 29.00 14.68 24.29
C ALA H 218 28.27 13.42 24.80
N LYS H 219 27.50 13.52 25.88
CA LYS H 219 26.95 12.36 26.63
C LYS H 219 26.22 11.40 25.67
N SER H 220 25.26 11.90 24.90
CA SER H 220 24.41 11.05 24.04
C SER H 220 25.24 10.42 22.92
N VAL H 221 26.19 11.16 22.34
CA VAL H 221 27.07 10.63 21.26
C VAL H 221 27.89 9.46 21.83
N LEU H 222 28.53 9.64 22.98
CA LEU H 222 29.40 8.60 23.57
C LEU H 222 28.56 7.36 23.91
N ALA H 223 27.33 7.57 24.42
CA ALA H 223 26.40 6.49 24.80
C ALA H 223 25.94 5.74 23.56
N ALA H 224 25.70 6.45 22.46
CA ALA H 224 25.17 5.86 21.20
C ALA H 224 26.24 4.98 20.56
N GLY H 225 27.47 5.46 20.46
CA GLY H 225 28.53 4.77 19.70
C GLY H 225 28.02 4.32 18.33
N ASP H 226 28.11 3.04 18.01
CA ASP H 226 27.81 2.48 16.67
C ASP H 226 26.32 2.65 16.35
N ARG H 227 25.50 2.96 17.36
CA ARG H 227 24.04 3.09 17.13
C ARG H 227 23.71 4.50 16.65
N LEU H 228 24.66 5.45 16.69
CA LEU H 228 24.47 6.77 16.05
C LEU H 228 24.61 6.61 14.54
N GLY H 229 23.51 6.78 13.80
CA GLY H 229 23.46 6.45 12.36
C GLY H 229 23.36 7.67 11.47
N TYR H 230 23.12 8.86 12.03
CA TYR H 230 22.82 10.06 11.22
C TYR H 230 22.94 11.28 12.12
N VAL H 231 23.44 12.39 11.58
CA VAL H 231 23.65 13.65 12.34
C VAL H 231 23.12 14.83 11.52
N HIS H 232 22.42 15.74 12.19
CA HIS H 232 22.16 17.11 11.65
C HIS H 232 23.01 18.14 12.40
N ILE H 233 23.63 19.05 11.65
CA ILE H 233 24.36 20.22 12.18
C ILE H 233 23.47 21.45 11.99
N GLY H 234 22.94 21.97 13.10
CA GLY H 234 22.18 23.22 13.14
C GLY H 234 22.67 24.09 14.28
N GLU H 235 22.81 25.38 14.04
CA GLU H 235 23.14 26.36 15.10
C GLU H 235 21.94 26.45 16.04
N SER H 236 22.14 27.04 17.22
CA SER H 236 21.09 27.19 18.25
C SER H 236 19.84 27.84 17.67
N HIS H 237 19.99 28.84 16.81
CA HIS H 237 18.88 29.64 16.21
C HIS H 237 18.57 29.14 14.80
N ARG H 238 19.28 28.09 14.35
CA ARG H 238 19.14 27.41 13.03
C ARG H 238 19.61 28.33 11.89
N GLY H 239 20.49 29.28 12.18
CA GLY H 239 21.08 30.21 11.18
C GLY H 239 22.51 29.82 10.86
N TYR H 240 23.35 30.81 10.56
CA TYR H 240 24.78 30.61 10.21
C TYR H 240 25.48 29.83 11.32
N LEU H 241 26.23 28.78 10.97
CA LEU H 241 27.02 28.00 11.96
C LEU H 241 28.06 28.94 12.59
N GLY H 242 28.18 28.93 13.92
CA GLY H 242 29.22 29.65 14.67
C GLY H 242 28.79 31.05 15.10
N THR H 243 27.54 31.42 14.87
CA THR H 243 27.00 32.75 15.25
C THR H 243 25.99 32.59 16.40
N GLY H 244 25.92 31.37 16.94
CA GLY H 244 24.95 31.01 18.00
C GLY H 244 25.62 30.48 19.24
N ASN H 245 24.95 29.56 19.93
CA ASN H 245 25.34 29.12 21.29
C ASN H 245 25.81 27.66 21.30
N VAL H 246 25.76 26.95 20.18
CA VAL H 246 26.08 25.48 20.17
C VAL H 246 27.58 25.27 20.41
N ASP H 247 27.93 24.42 21.37
CA ASP H 247 29.33 23.96 21.57
C ASP H 247 29.63 22.88 20.53
N PHE H 248 29.98 23.30 19.31
CA PHE H 248 30.32 22.36 18.22
C PHE H 248 31.63 21.65 18.54
N ALA H 249 32.56 22.30 19.24
CA ALA H 249 33.88 21.71 19.58
C ALA H 249 33.64 20.40 20.33
N SER H 250 32.82 20.44 21.40
CA SER H 250 32.53 19.27 22.24
C SER H 250 31.79 18.20 21.42
N PHE H 251 30.86 18.60 20.57
CA PHE H 251 30.06 17.63 19.78
C PHE H 251 30.98 16.86 18.83
N PHE H 252 31.83 17.57 18.08
CA PHE H 252 32.72 16.97 17.07
C PHE H 252 33.80 16.12 17.77
N ALA H 253 34.25 16.55 18.94
CA ALA H 253 35.23 15.79 19.75
C ALA H 253 34.61 14.42 20.09
N ALA H 254 33.33 14.40 20.47
CA ALA H 254 32.59 13.16 20.78
C ALA H 254 32.44 12.30 19.53
N LEU H 255 32.11 12.90 18.36
CA LEU H 255 32.01 12.10 17.11
C LEU H 255 33.37 11.42 16.86
N LYS H 256 34.46 12.13 17.12
CA LYS H 256 35.82 11.59 16.90
C LYS H 256 36.06 10.42 17.86
N GLN H 257 35.65 10.54 19.13
CA GLN H 257 35.84 9.49 20.16
C GLN H 257 35.18 8.20 19.69
N ILE H 258 34.01 8.27 19.03
CA ILE H 258 33.23 7.07 18.63
C ILE H 258 33.55 6.69 17.17
N ASP H 259 34.51 7.39 16.55
CA ASP H 259 34.89 7.17 15.13
C ASP H 259 33.64 7.20 14.25
N TYR H 260 32.82 8.23 14.40
CA TYR H 260 31.54 8.33 13.66
C TYR H 260 31.83 8.33 12.15
N ARG H 261 31.18 7.42 11.42
CA ARG H 261 31.26 7.38 9.94
C ARG H 261 29.86 7.23 9.36
N GLY H 262 29.12 8.32 9.35
CA GLY H 262 27.75 8.37 8.83
C GLY H 262 27.48 9.74 8.25
N PRO H 263 26.27 9.92 7.68
CA PRO H 263 25.85 11.21 7.14
C PRO H 263 25.86 12.32 8.20
N ILE H 264 26.24 13.51 7.76
CA ILE H 264 26.21 14.78 8.53
C ILE H 264 25.55 15.83 7.65
N THR H 265 24.31 16.18 7.95
CA THR H 265 23.56 17.16 7.12
C THR H 265 23.58 18.54 7.77
N PHE H 266 23.96 19.55 7.00
CA PHE H 266 23.77 20.96 7.40
C PHE H 266 22.29 21.29 7.22
N GLU H 267 21.67 21.76 8.29
CA GLU H 267 20.24 22.09 8.35
C GLU H 267 20.09 23.51 8.87
N SER H 268 19.29 24.32 8.15
CA SER H 268 19.11 25.75 8.47
C SER H 268 17.79 26.21 7.88
N PHE H 269 17.09 27.06 8.64
CA PHE H 269 15.74 27.55 8.31
C PHE H 269 15.75 29.06 8.45
N SER H 270 15.31 29.74 7.40
CA SER H 270 15.10 31.21 7.37
C SER H 270 13.77 31.47 6.70
N SER H 271 13.04 32.50 7.16
CA SER H 271 11.75 32.90 6.54
C SER H 271 11.98 33.24 5.06
N GLU H 272 13.25 33.39 4.66
CA GLU H 272 13.64 33.69 3.27
C GLU H 272 13.11 32.57 2.36
N ILE H 273 13.17 31.32 2.83
CA ILE H 273 12.77 30.12 2.04
C ILE H 273 11.79 29.31 2.89
N VAL H 274 10.57 29.21 2.39
CA VAL H 274 9.40 28.71 3.16
C VAL H 274 8.82 27.51 2.43
N ASP H 275 8.66 26.40 3.15
CA ASP H 275 7.81 25.26 2.77
C ASP H 275 6.59 25.34 3.69
N PRO H 276 5.40 25.71 3.15
CA PRO H 276 4.26 26.03 4.00
C PRO H 276 3.94 24.92 5.01
N LYS H 277 4.36 23.69 4.67
CA LYS H 277 4.10 22.43 5.42
C LYS H 277 5.04 22.21 6.61
N LEU H 278 6.25 22.77 6.51
CA LEU H 278 7.33 22.54 7.50
C LEU H 278 7.61 23.83 8.28
N SER H 279 7.65 24.97 7.58
CA SER H 279 8.20 26.24 8.09
C SER H 279 7.36 26.76 9.27
N ASN H 280 6.03 26.66 9.20
CA ASN H 280 5.14 27.14 10.29
C ASN H 280 5.18 26.13 11.44
N THR H 281 5.27 24.82 11.17
CA THR H 281 5.44 23.80 12.24
C THR H 281 6.71 24.13 13.03
N LEU H 282 7.76 24.55 12.32
CA LEU H 282 9.08 24.84 12.96
C LEU H 282 9.12 26.28 13.47
N CYS H 283 8.04 27.06 13.35
CA CYS H 283 7.96 28.42 13.94
C CYS H 283 9.13 29.28 13.43
N VAL H 284 9.39 29.24 12.12
CA VAL H 284 10.51 30.02 11.50
C VAL H 284 9.96 31.42 11.18
N TRP H 285 9.93 32.28 12.19
CA TRP H 285 9.34 33.65 12.10
C TRP H 285 10.38 34.66 11.61
N ARG H 286 11.65 34.28 11.69
CA ARG H 286 12.78 35.21 11.51
C ARG H 286 13.58 34.83 10.26
N ASN H 287 14.16 35.85 9.64
CA ASN H 287 15.12 35.74 8.53
C ASN H 287 16.53 35.70 9.13
N LEU H 288 17.17 34.54 9.13
CA LEU H 288 18.52 34.34 9.74
C LEU H 288 19.57 34.41 8.63
N TRP H 289 19.13 34.54 7.38
CA TRP H 289 20.00 34.53 6.18
C TRP H 289 19.14 34.76 4.95
N HIS H 290 19.75 35.21 3.86
CA HIS H 290 19.04 35.43 2.57
C HIS H 290 19.82 34.78 1.41
N ASP H 291 21.13 34.64 1.55
CA ASP H 291 22.02 34.09 0.49
C ASP H 291 22.30 32.61 0.79
N SER H 292 21.49 31.71 0.21
CA SER H 292 21.58 30.24 0.35
C SER H 292 23.03 29.78 0.10
N ASP H 293 23.67 30.26 -0.98
CA ASP H 293 25.00 29.76 -1.40
C ASP H 293 26.05 30.17 -0.37
N ASP H 294 25.94 31.40 0.15
CA ASP H 294 26.91 31.92 1.15
C ASP H 294 26.78 31.09 2.43
N LEU H 295 25.54 30.88 2.88
CA LEU H 295 25.25 30.10 4.12
C LEU H 295 25.81 28.69 3.99
N ALA H 296 25.44 27.99 2.92
CA ALA H 296 25.79 26.58 2.66
C ALA H 296 27.31 26.43 2.50
N GLY H 297 27.94 27.33 1.75
CA GLY H 297 29.40 27.32 1.53
C GLY H 297 30.13 27.46 2.85
N LYS H 298 29.73 28.42 3.66
CA LYS H 298 30.34 28.68 4.99
C LYS H 298 30.07 27.49 5.91
N ALA H 299 28.88 26.88 5.83
CA ALA H 299 28.50 25.73 6.68
C ALA H 299 29.40 24.53 6.38
N LEU H 300 29.62 24.24 5.09
CA LEU H 300 30.43 23.08 4.67
C LEU H 300 31.86 23.28 5.17
N GLU H 301 32.42 24.48 4.98
CA GLU H 301 33.79 24.85 5.46
C GLU H 301 33.84 24.64 6.97
N PHE H 302 32.82 25.12 7.69
CA PHE H 302 32.75 25.05 9.16
C PHE H 302 32.79 23.57 9.59
N ILE H 303 31.99 22.72 8.97
CA ILE H 303 31.90 21.28 9.33
C ILE H 303 33.24 20.58 9.01
N LYS H 304 33.81 20.81 7.83
CA LYS H 304 35.08 20.16 7.42
C LYS H 304 36.19 20.57 8.40
N GLN H 305 36.15 21.82 8.88
CA GLN H 305 37.18 22.37 9.80
C GLN H 305 37.10 21.61 11.14
N ARG H 306 35.90 21.21 11.56
CA ARG H 306 35.68 20.58 12.90
C ARG H 306 35.87 19.07 12.80
N LEU H 307 35.82 18.51 11.60
CA LEU H 307 36.13 17.08 11.37
C LEU H 307 37.65 16.90 11.38
N THR H 308 38.40 18.00 11.26
CA THR H 308 39.89 18.04 11.24
C THR H 308 40.41 18.72 12.52
#